data_6PWM
#
_entry.id   6PWM
#
_cell.length_a   92.261
_cell.length_b   81.661
_cell.length_c   105.220
_cell.angle_alpha   90.000
_cell.angle_beta   112.610
_cell.angle_gamma   90.000
#
_symmetry.space_group_name_H-M   'P 1 21 1'
#
loop_
_entity.id
_entity.type
_entity.pdbx_description
1 polymer Beta-lactamase
2 non-polymer 'ACYLATED CEFTAZIDIME'
3 non-polymer GLYCINE
4 water water
#
_entity_poly.entity_id   1
_entity_poly.type   'polypeptide(L)'
_entity_poly.pdbx_seq_one_letter_code
;MDNTPKDQEIKKLVDQNFKPLLEKYDVPGMAVGVIQNNKKYEMYYGLQSVQDKKAVNSNTIFELGSVSKLFTATAGGYAK
NKGKISFDDTPGKYWKELKNTPIDQVNLLQLATYTSGNLALQFPDEVQTDQQVLTFFKDWKPKNPIGEYRQYSNPSIGLF
GKVVALSMNKPFDQVLEKTIFPALGLKHSYVNVPKTQMQNYAFGYNQENQPIRVNPGPLDAPAYGVKSTLPDMLSFIHAN
LNPQKYPTDIQRAINETHQGRYQVNTMYQALGWEEFSYPATLQTLLDSNSEQIVMKPNKVTAISKEPSVKMYHKTGSTSG
FGTYVVFIPKENIGLVMLTNKRIPNEERIKAAYVVLNAIKK
;
_entity_poly.pdbx_strand_id   A,B,C,D
#
# COMPACT_ATOMS: atom_id res chain seq x y z
N PRO A 5 -23.24 -13.03 -1.64
CA PRO A 5 -22.91 -12.34 -0.38
C PRO A 5 -23.64 -10.99 -0.23
N LYS A 6 -23.80 -10.54 1.02
CA LYS A 6 -24.32 -9.20 1.41
C LYS A 6 -23.55 -8.10 0.65
N ASP A 7 -22.21 -8.17 0.66
CA ASP A 7 -21.29 -7.25 -0.07
C ASP A 7 -21.83 -6.93 -1.46
N GLN A 8 -22.05 -7.97 -2.28
CA GLN A 8 -22.49 -7.87 -3.70
C GLN A 8 -23.95 -7.39 -3.76
N GLU A 9 -24.80 -7.80 -2.82
CA GLU A 9 -26.25 -7.43 -2.78
C GLU A 9 -26.37 -5.92 -2.52
N ILE A 10 -25.58 -5.39 -1.58
CA ILE A 10 -25.58 -3.95 -1.19
C ILE A 10 -25.00 -3.14 -2.36
N LYS A 11 -23.85 -3.59 -2.90
CA LYS A 11 -23.16 -2.93 -4.05
C LYS A 11 -24.16 -2.78 -5.20
N LYS A 12 -24.89 -3.86 -5.53
CA LYS A 12 -25.88 -3.88 -6.64
C LYS A 12 -26.99 -2.86 -6.35
N LEU A 13 -27.50 -2.83 -5.12
CA LEU A 13 -28.61 -1.93 -4.69
C LEU A 13 -28.19 -0.46 -4.79
N VAL A 14 -26.97 -0.14 -4.37
CA VAL A 14 -26.42 1.25 -4.42
C VAL A 14 -26.11 1.62 -5.87
N ASP A 15 -25.57 0.68 -6.66
CA ASP A 15 -25.32 0.84 -8.11
C ASP A 15 -26.63 1.19 -8.86
N GLN A 16 -27.76 0.58 -8.48
CA GLN A 16 -29.06 0.77 -9.16
C GLN A 16 -29.70 2.12 -8.77
N ASN A 17 -29.46 2.59 -7.55
CA ASN A 17 -30.25 3.70 -6.92
C ASN A 17 -29.44 4.99 -6.81
N PHE A 18 -28.11 4.91 -6.62
CA PHE A 18 -27.23 6.09 -6.37
C PHE A 18 -26.37 6.40 -7.60
N LYS A 19 -25.76 5.39 -8.22
CA LYS A 19 -24.83 5.56 -9.37
C LYS A 19 -25.50 6.33 -10.51
N PRO A 20 -26.78 6.08 -10.88
CA PRO A 20 -27.41 6.83 -11.96
C PRO A 20 -27.47 8.36 -11.72
N LEU A 21 -27.42 8.80 -10.47
CA LEU A 21 -27.51 10.25 -10.09
C LEU A 21 -26.25 11.00 -10.56
N LEU A 22 -25.13 10.29 -10.78
CA LEU A 22 -23.84 10.89 -11.25
C LEU A 22 -24.02 11.42 -12.69
N GLU A 23 -24.51 10.60 -13.62
CA GLU A 23 -24.76 11.01 -15.02
C GLU A 23 -25.86 12.07 -15.03
N LYS A 24 -26.91 11.88 -14.22
CA LYS A 24 -28.15 12.70 -14.26
C LYS A 24 -27.88 14.15 -13.84
N TYR A 25 -27.07 14.36 -12.80
CA TYR A 25 -26.79 15.71 -12.23
C TYR A 25 -25.34 16.12 -12.49
N ASP A 26 -24.60 15.34 -13.28
CA ASP A 26 -23.18 15.62 -13.65
C ASP A 26 -22.34 15.78 -12.38
N VAL A 27 -22.36 14.78 -11.51
CA VAL A 27 -21.65 14.75 -10.19
C VAL A 27 -20.28 14.13 -10.42
N PRO A 28 -19.17 14.89 -10.26
CA PRO A 28 -17.84 14.33 -10.43
C PRO A 28 -17.59 13.08 -9.56
N GLY A 29 -17.95 13.13 -8.28
CA GLY A 29 -17.60 12.10 -7.28
C GLY A 29 -18.69 11.87 -6.25
N MET A 30 -18.78 10.63 -5.75
CA MET A 30 -19.77 10.21 -4.72
CA MET A 30 -19.77 10.22 -4.71
C MET A 30 -19.16 9.11 -3.84
N ALA A 31 -19.48 9.13 -2.55
CA ALA A 31 -19.20 8.04 -1.59
C ALA A 31 -20.52 7.65 -0.91
N VAL A 32 -20.92 6.38 -1.02
CA VAL A 32 -22.13 5.84 -0.33
C VAL A 32 -21.68 4.71 0.61
N GLY A 33 -22.08 4.81 1.88
CA GLY A 33 -21.80 3.80 2.92
C GLY A 33 -23.08 3.25 3.51
N VAL A 34 -23.13 1.95 3.74
CA VAL A 34 -24.21 1.26 4.51
C VAL A 34 -23.56 0.55 5.71
N ILE A 35 -24.17 0.69 6.88
CA ILE A 35 -23.86 -0.17 8.06
C ILE A 35 -25.10 -1.00 8.39
N GLN A 36 -24.93 -2.32 8.45
CA GLN A 36 -25.99 -3.27 8.86
C GLN A 36 -25.39 -4.32 9.81
N ASN A 37 -25.95 -4.43 11.02
CA ASN A 37 -25.51 -5.42 12.04
C ASN A 37 -23.99 -5.27 12.25
N ASN A 38 -23.52 -4.03 12.37
CA ASN A 38 -22.11 -3.66 12.72
C ASN A 38 -21.15 -4.12 11.61
N LYS A 39 -21.65 -4.29 10.38
CA LYS A 39 -20.83 -4.54 9.16
C LYS A 39 -20.92 -3.31 8.26
N LYS A 40 -19.77 -2.75 7.87
CA LYS A 40 -19.65 -1.52 7.06
C LYS A 40 -19.41 -1.90 5.58
N TYR A 41 -20.18 -1.30 4.68
CA TYR A 41 -20.06 -1.43 3.20
C TYR A 41 -19.81 -0.05 2.59
N GLU A 42 -18.66 0.12 1.91
CA GLU A 42 -18.22 1.40 1.31
C GLU A 42 -18.22 1.28 -0.21
N MET A 43 -18.95 2.16 -0.91
CA MET A 43 -18.95 2.27 -2.39
C MET A 43 -18.45 3.67 -2.78
N TYR A 44 -17.45 3.75 -3.66
CA TYR A 44 -16.83 5.00 -4.16
C TYR A 44 -17.01 5.07 -5.69
N TYR A 45 -17.43 6.24 -6.18
CA TYR A 45 -17.64 6.53 -7.62
C TYR A 45 -16.93 7.83 -7.99
N GLY A 46 -16.28 7.86 -9.15
CA GLY A 46 -15.84 9.09 -9.84
C GLY A 46 -14.65 9.75 -9.17
N LEU A 47 -14.57 11.08 -9.28
CA LEU A 47 -13.35 11.88 -8.99
C LEU A 47 -13.58 12.81 -7.79
N GLN A 48 -12.62 12.81 -6.87
CA GLN A 48 -12.47 13.75 -5.73
C GLN A 48 -12.04 15.11 -6.28
N SER A 49 -11.17 15.11 -7.30
CA SER A 49 -10.66 16.33 -7.98
C SER A 49 -10.59 16.08 -9.48
N VAL A 50 -11.29 16.89 -10.27
CA VAL A 50 -11.30 16.79 -11.76
C VAL A 50 -9.89 17.14 -12.28
N GLN A 51 -9.36 18.31 -11.91
CA GLN A 51 -8.06 18.81 -12.45
C GLN A 51 -6.91 17.89 -12.01
N ASP A 52 -6.94 17.35 -10.80
CA ASP A 52 -5.85 16.49 -10.26
C ASP A 52 -6.04 15.02 -10.66
N LYS A 53 -7.17 14.68 -11.28
CA LYS A 53 -7.53 13.32 -11.76
C LYS A 53 -7.47 12.31 -10.61
N LYS A 54 -7.94 12.70 -9.43
CA LYS A 54 -7.91 11.85 -8.21
C LYS A 54 -9.27 11.16 -8.05
N ALA A 55 -9.28 9.84 -8.00
CA ALA A 55 -10.48 9.01 -7.74
C ALA A 55 -10.93 9.20 -6.29
N VAL A 56 -12.24 9.25 -6.07
CA VAL A 56 -12.86 9.18 -4.71
C VAL A 56 -12.46 7.84 -4.10
N ASN A 57 -11.97 7.86 -2.86
CA ASN A 57 -11.53 6.65 -2.12
C ASN A 57 -11.80 6.88 -0.62
N SER A 58 -11.42 5.92 0.22
CA SER A 58 -11.72 5.90 1.68
C SER A 58 -11.03 7.06 2.41
N ASN A 59 -10.06 7.72 1.78
CA ASN A 59 -9.34 8.87 2.39
C ASN A 59 -9.95 10.20 1.94
N THR A 60 -10.85 10.21 0.96
CA THR A 60 -11.45 11.45 0.41
C THR A 60 -12.22 12.17 1.52
N ILE A 61 -11.87 13.43 1.77
CA ILE A 61 -12.56 14.31 2.77
C ILE A 61 -13.60 15.17 2.04
N PHE A 62 -14.87 15.11 2.49
CA PHE A 62 -16.01 15.89 1.94
C PHE A 62 -16.47 16.93 2.98
N GLU A 63 -17.04 18.04 2.51
CA GLU A 63 -17.78 19.03 3.35
C GLU A 63 -19.17 18.46 3.68
N LEU A 64 -19.51 18.40 4.98
CA LEU A 64 -20.78 17.81 5.48
C LEU A 64 -21.90 18.86 5.41
N GLY A 65 -21.55 20.15 5.29
CA GLY A 65 -22.52 21.25 5.40
C GLY A 65 -23.29 21.15 6.70
N SER A 66 -24.63 21.21 6.63
CA SER A 66 -25.52 21.30 7.81
C SER A 66 -25.51 20.01 8.64
N VAL A 67 -24.97 18.91 8.12
CA VAL A 67 -24.75 17.67 8.91
C VAL A 67 -23.72 17.97 10.01
N SER A 68 -22.96 19.06 9.88
CA SER A 68 -22.03 19.58 10.92
C SER A 68 -22.79 19.77 12.24
N LYS A 69 -24.07 20.16 12.18
CA LYS A 69 -24.90 20.51 13.37
C LYS A 69 -25.05 19.30 14.27
N LEU A 70 -24.92 18.07 13.73
CA LEU A 70 -25.01 16.80 14.51
C LEU A 70 -23.82 16.71 15.47
N PHE A 71 -22.65 17.23 15.09
CA PHE A 71 -21.42 17.23 15.92
C PHE A 71 -21.52 18.35 16.96
N THR A 72 -22.08 19.50 16.58
CA THR A 72 -22.40 20.63 17.50
C THR A 72 -23.36 20.15 18.59
N ALA A 73 -24.40 19.39 18.21
CA ALA A 73 -25.41 18.81 19.11
C ALA A 73 -24.73 17.82 20.06
N THR A 74 -23.91 16.92 19.52
CA THR A 74 -23.16 15.89 20.28
C THR A 74 -22.26 16.59 21.30
N ALA A 75 -21.59 17.67 20.90
CA ALA A 75 -20.70 18.49 21.76
C ALA A 75 -21.50 19.11 22.90
N GLY A 76 -22.71 19.60 22.60
CA GLY A 76 -23.65 20.16 23.60
C GLY A 76 -24.08 19.10 24.59
N GLY A 77 -24.47 17.92 24.11
CA GLY A 77 -24.87 16.75 24.92
C GLY A 77 -23.73 16.28 25.82
N TYR A 78 -22.49 16.38 25.36
CA TYR A 78 -21.28 15.97 26.12
C TYR A 78 -21.05 16.96 27.27
N ALA A 79 -21.03 18.26 26.97
CA ALA A 79 -20.84 19.37 27.93
C ALA A 79 -21.92 19.32 29.02
N LYS A 80 -23.19 19.13 28.62
CA LYS A 80 -24.36 19.13 29.53
C LYS A 80 -24.26 17.97 30.52
N ASN A 81 -23.89 16.77 30.06
CA ASN A 81 -23.86 15.52 30.88
C ASN A 81 -22.56 15.45 31.69
N LYS A 82 -21.61 16.38 31.48
CA LYS A 82 -20.40 16.57 32.34
C LYS A 82 -20.59 17.79 33.23
N GLY A 83 -21.78 18.42 33.21
CA GLY A 83 -22.17 19.53 34.09
C GLY A 83 -21.48 20.84 33.75
N LYS A 84 -20.92 20.98 32.55
CA LYS A 84 -20.23 22.21 32.07
C LYS A 84 -21.27 23.27 31.69
N ILE A 85 -22.45 22.82 31.25
CA ILE A 85 -23.60 23.71 30.91
C ILE A 85 -24.90 23.03 31.36
N SER A 86 -25.96 23.83 31.49
CA SER A 86 -27.38 23.39 31.59
C SER A 86 -28.14 24.00 30.40
N PHE A 87 -29.12 23.28 29.85
CA PHE A 87 -29.94 23.72 28.71
C PHE A 87 -30.87 24.88 29.14
N ASP A 88 -31.03 25.10 30.44
CA ASP A 88 -31.84 26.20 31.03
C ASP A 88 -31.00 27.48 31.14
N ASP A 89 -29.66 27.38 31.04
CA ASP A 89 -28.74 28.54 31.07
C ASP A 89 -28.97 29.43 29.85
N THR A 90 -28.41 30.64 29.87
CA THR A 90 -28.47 31.65 28.78
C THR A 90 -27.05 31.97 28.35
N PRO A 91 -26.85 32.51 27.13
CA PRO A 91 -25.51 32.75 26.60
C PRO A 91 -24.62 33.67 27.46
N GLY A 92 -25.24 34.61 28.18
CA GLY A 92 -24.55 35.61 29.02
C GLY A 92 -23.70 34.99 30.11
N LYS A 93 -24.10 33.81 30.61
CA LYS A 93 -23.42 33.08 31.71
C LYS A 93 -21.99 32.70 31.30
N TYR A 94 -21.76 32.46 29.99
CA TYR A 94 -20.48 31.93 29.43
C TYR A 94 -19.80 32.98 28.55
N TRP A 95 -20.57 33.68 27.70
CA TRP A 95 -20.11 34.88 26.95
C TRP A 95 -20.52 36.13 27.75
N LYS A 96 -19.62 36.63 28.60
CA LYS A 96 -19.90 37.66 29.63
C LYS A 96 -20.28 39.00 28.98
N GLU A 97 -19.88 39.21 27.73
CA GLU A 97 -20.14 40.47 26.98
C GLU A 97 -21.59 40.52 26.48
N LEU A 98 -22.37 39.45 26.68
CA LEU A 98 -23.82 39.38 26.31
C LEU A 98 -24.72 39.44 27.56
N LYS A 99 -24.12 39.50 28.76
CA LYS A 99 -24.87 39.65 30.04
C LYS A 99 -25.68 40.95 29.98
N ASN A 100 -26.94 40.90 30.42
CA ASN A 100 -27.85 42.06 30.55
C ASN A 100 -28.22 42.59 29.15
N THR A 101 -28.21 41.74 28.11
CA THR A 101 -28.72 42.06 26.76
C THR A 101 -29.98 41.25 26.50
N PRO A 102 -30.84 41.65 25.53
CA PRO A 102 -32.08 40.92 25.24
C PRO A 102 -31.90 39.43 24.88
N ILE A 103 -30.85 39.08 24.12
CA ILE A 103 -30.55 37.68 23.68
C ILE A 103 -30.27 36.81 24.91
N ASP A 104 -29.88 37.41 26.03
CA ASP A 104 -29.55 36.70 27.30
C ASP A 104 -30.83 36.17 27.96
N GLN A 105 -32.02 36.40 27.39
CA GLN A 105 -33.28 35.79 27.93
C GLN A 105 -33.73 34.62 27.04
N VAL A 106 -32.87 34.19 26.11
CA VAL A 106 -33.03 32.93 25.30
C VAL A 106 -32.14 31.86 25.94
N ASN A 107 -32.68 30.66 26.18
CA ASN A 107 -31.91 29.55 26.82
C ASN A 107 -31.15 28.77 25.72
N LEU A 108 -30.21 27.92 26.13
CA LEU A 108 -29.29 27.20 25.22
C LEU A 108 -30.08 26.23 24.32
N LEU A 109 -31.05 25.51 24.90
CA LEU A 109 -31.89 24.51 24.17
C LEU A 109 -32.69 25.23 23.06
N GLN A 110 -33.15 26.45 23.33
CA GLN A 110 -33.94 27.26 22.35
C GLN A 110 -33.04 27.66 21.18
N LEU A 111 -31.80 28.07 21.46
CA LEU A 111 -30.78 28.41 20.43
C LEU A 111 -30.48 27.16 19.59
N ALA A 112 -30.27 26.01 20.25
CA ALA A 112 -29.88 24.72 19.64
C ALA A 112 -30.99 24.18 18.73
N THR A 113 -32.26 24.49 19.02
CA THR A 113 -33.45 23.94 18.30
C THR A 113 -34.24 25.07 17.60
N TYR A 114 -33.61 26.23 17.40
CA TYR A 114 -33.99 27.27 16.39
C TYR A 114 -35.28 28.02 16.79
N THR A 115 -35.56 28.21 18.09
CA THR A 115 -36.84 28.80 18.59
C THR A 115 -36.61 30.15 19.29
N SER A 116 -35.55 30.88 18.91
CA SER A 116 -35.19 32.19 19.52
C SER A 116 -36.28 33.23 19.24
N GLY A 117 -36.96 33.11 18.09
CA GLY A 117 -38.10 33.98 17.69
C GLY A 117 -37.68 35.05 16.70
N ASN A 118 -36.38 35.35 16.58
CA ASN A 118 -35.87 36.44 15.70
C ASN A 118 -34.44 36.13 15.23
N LEU A 119 -34.19 34.92 14.75
CA LEU A 119 -32.91 34.54 14.09
C LEU A 119 -33.22 33.85 12.75
N ALA A 120 -32.78 34.46 11.65
CA ALA A 120 -33.04 34.03 10.25
C ALA A 120 -32.10 32.88 9.88
N LEU A 121 -32.27 32.31 8.68
CA LEU A 121 -31.43 31.21 8.12
C LEU A 121 -29.94 31.57 8.24
N GLN A 122 -29.56 32.76 7.75
CA GLN A 122 -28.15 33.23 7.71
C GLN A 122 -28.02 34.55 8.48
N PHE A 123 -26.81 34.85 8.98
CA PHE A 123 -26.38 36.20 9.40
C PHE A 123 -26.60 37.17 8.24
N PRO A 124 -26.77 38.49 8.51
CA PRO A 124 -26.70 39.49 7.45
C PRO A 124 -25.33 39.45 6.76
N ASP A 125 -25.28 39.82 5.48
CA ASP A 125 -24.05 39.78 4.63
C ASP A 125 -22.93 40.61 5.27
N GLU A 126 -23.28 41.68 6.01
CA GLU A 126 -22.31 42.64 6.59
C GLU A 126 -21.62 42.04 7.83
N VAL A 127 -22.22 41.03 8.48
CA VAL A 127 -21.63 40.36 9.67
C VAL A 127 -20.55 39.37 9.22
N GLN A 128 -19.29 39.60 9.61
CA GLN A 128 -18.12 38.78 9.17
C GLN A 128 -17.13 38.61 10.33
N THR A 129 -16.58 39.71 10.86
CA THR A 129 -15.52 39.69 11.91
C THR A 129 -16.12 39.23 13.24
N ASP A 130 -15.27 38.77 14.16
CA ASP A 130 -15.65 38.33 15.53
C ASP A 130 -16.41 39.48 16.23
N GLN A 131 -15.94 40.70 16.07
CA GLN A 131 -16.50 41.93 16.70
C GLN A 131 -17.90 42.21 16.12
N GLN A 132 -18.09 42.05 14.81
CA GLN A 132 -19.39 42.30 14.14
C GLN A 132 -20.41 41.26 14.58
N VAL A 133 -19.98 40.04 14.92
CA VAL A 133 -20.85 38.94 15.44
C VAL A 133 -21.31 39.31 16.85
N LEU A 134 -20.38 39.76 17.70
CA LEU A 134 -20.66 40.18 19.10
C LEU A 134 -21.65 41.35 19.09
N THR A 135 -21.43 42.35 18.23
CA THR A 135 -22.33 43.53 18.04
C THR A 135 -23.73 43.06 17.64
N PHE A 136 -23.82 42.12 16.69
CA PHE A 136 -25.11 41.61 16.14
C PHE A 136 -25.99 41.05 17.27
N PHE A 137 -25.38 40.32 18.21
CA PHE A 137 -26.07 39.63 19.34
C PHE A 137 -26.36 40.62 20.48
N LYS A 138 -25.46 41.58 20.73
CA LYS A 138 -25.69 42.70 21.68
C LYS A 138 -26.88 43.54 21.21
N ASP A 139 -26.93 43.85 19.91
CA ASP A 139 -27.98 44.70 19.27
C ASP A 139 -29.23 43.87 18.95
N TRP A 140 -29.25 42.57 19.30
CA TRP A 140 -30.39 41.66 19.06
C TRP A 140 -31.55 42.04 19.97
N LYS A 141 -32.77 42.06 19.44
CA LYS A 141 -34.03 42.32 20.18
C LYS A 141 -35.05 41.24 19.79
N PRO A 142 -35.89 40.74 20.74
CA PRO A 142 -36.89 39.72 20.42
C PRO A 142 -37.90 40.16 19.36
N LYS A 143 -38.58 39.20 18.72
CA LYS A 143 -39.73 39.43 17.81
C LYS A 143 -40.86 38.46 18.21
N ASN A 144 -40.89 37.24 17.65
CA ASN A 144 -41.87 36.18 18.01
C ASN A 144 -41.59 35.75 19.45
N PRO A 145 -42.60 35.28 20.21
CA PRO A 145 -42.40 34.86 21.60
C PRO A 145 -41.33 33.77 21.71
N ILE A 146 -40.31 34.01 22.55
CA ILE A 146 -39.16 33.08 22.79
C ILE A 146 -39.70 31.67 23.05
N GLY A 147 -39.37 30.71 22.19
CA GLY A 147 -39.58 29.27 22.41
C GLY A 147 -40.79 28.70 21.68
N GLU A 148 -41.54 29.53 20.94
CA GLU A 148 -42.85 29.15 20.33
C GLU A 148 -42.70 28.75 18.85
N TYR A 149 -41.75 29.38 18.14
CA TYR A 149 -41.64 29.33 16.65
C TYR A 149 -40.25 28.81 16.24
N ARG A 150 -40.23 27.70 15.50
CA ARG A 150 -39.00 27.12 14.90
C ARG A 150 -38.73 27.80 13.55
N GLN A 151 -37.57 28.46 13.44
CA GLN A 151 -37.02 28.92 12.14
C GLN A 151 -35.58 28.41 12.03
N TYR A 152 -35.35 27.47 11.11
CA TYR A 152 -34.01 26.86 10.85
C TYR A 152 -32.98 27.98 10.67
N SER A 153 -31.91 27.97 11.46
CA SER A 153 -31.01 29.14 11.62
C SER A 153 -29.58 28.69 11.93
N ASN A 154 -28.64 29.08 11.06
CA ASN A 154 -27.17 28.86 11.26
C ASN A 154 -26.69 29.70 12.43
N PRO A 155 -27.03 31.01 12.51
CA PRO A 155 -26.65 31.85 13.66
C PRO A 155 -27.08 31.28 15.02
N SER A 156 -28.30 30.75 15.10
CA SER A 156 -28.90 30.19 16.34
C SER A 156 -27.99 29.10 16.89
N ILE A 157 -27.76 28.02 16.13
CA ILE A 157 -26.92 26.86 16.57
C ILE A 157 -25.44 27.29 16.60
N GLY A 158 -25.05 28.25 15.77
CA GLY A 158 -23.75 28.94 15.82
C GLY A 158 -23.44 29.47 17.21
N LEU A 159 -24.34 30.27 17.78
CA LEU A 159 -24.17 30.87 19.14
C LEU A 159 -24.13 29.76 20.19
N PHE A 160 -25.00 28.75 20.07
CA PHE A 160 -25.05 27.56 20.95
C PHE A 160 -23.66 26.90 20.99
N GLY A 161 -23.06 26.70 19.82
CA GLY A 161 -21.72 26.11 19.66
C GLY A 161 -20.64 26.92 20.34
N LYS A 162 -20.64 28.25 20.14
CA LYS A 162 -19.67 29.19 20.75
C LYS A 162 -19.79 29.11 22.27
N VAL A 163 -21.01 29.06 22.80
CA VAL A 163 -21.30 29.00 24.26
C VAL A 163 -20.76 27.68 24.82
N VAL A 164 -21.06 26.56 24.16
CA VAL A 164 -20.58 25.19 24.54
C VAL A 164 -19.05 25.20 24.61
N ALA A 165 -18.39 25.83 23.62
CA ALA A 165 -16.92 26.00 23.55
C ALA A 165 -16.42 26.71 24.81
N LEU A 166 -16.94 27.92 25.07
CA LEU A 166 -16.56 28.76 26.24
C LEU A 166 -16.72 27.94 27.53
N SER A 167 -17.80 27.16 27.65
CA SER A 167 -18.11 26.32 28.84
C SER A 167 -17.00 25.30 29.11
N MET A 168 -16.29 24.85 28.06
CA MET A 168 -15.21 23.83 28.15
C MET A 168 -13.83 24.49 28.01
N ASN A 169 -13.78 25.83 27.96
CA ASN A 169 -12.53 26.64 28.02
C ASN A 169 -11.62 26.30 26.82
N LYS A 170 -12.22 26.05 25.65
CA LYS A 170 -11.50 25.81 24.38
C LYS A 170 -12.20 26.53 23.23
N PRO A 171 -11.51 26.86 22.13
CA PRO A 171 -12.18 27.22 20.88
C PRO A 171 -12.99 26.02 20.36
N PHE A 172 -14.04 26.28 19.58
CA PHE A 172 -15.00 25.25 19.08
C PHE A 172 -14.26 24.19 18.26
N ASP A 173 -13.35 24.61 17.38
CA ASP A 173 -12.53 23.71 16.53
C ASP A 173 -11.82 22.67 17.41
N GLN A 174 -11.33 23.10 18.59
CA GLN A 174 -10.59 22.22 19.54
C GLN A 174 -11.58 21.28 20.25
N VAL A 175 -12.78 21.75 20.56
CA VAL A 175 -13.84 20.92 21.24
C VAL A 175 -14.09 19.67 20.38
N LEU A 176 -14.21 19.85 19.07
CA LEU A 176 -14.49 18.72 18.13
C LEU A 176 -13.22 17.90 17.94
N GLU A 177 -12.12 18.54 17.53
CA GLU A 177 -10.88 17.86 17.07
C GLU A 177 -10.17 17.14 18.24
N LYS A 178 -10.26 17.65 19.48
CA LYS A 178 -9.49 17.13 20.64
C LYS A 178 -10.37 16.32 21.60
N THR A 179 -11.69 16.54 21.64
CA THR A 179 -12.60 15.86 22.61
C THR A 179 -13.59 14.94 21.88
N ILE A 180 -14.48 15.50 21.06
CA ILE A 180 -15.68 14.79 20.51
C ILE A 180 -15.27 13.78 19.42
N PHE A 181 -14.48 14.19 18.44
CA PHE A 181 -14.04 13.32 17.31
C PHE A 181 -13.27 12.11 17.86
N PRO A 182 -12.22 12.30 18.69
CA PRO A 182 -11.50 11.16 19.28
C PRO A 182 -12.43 10.24 20.09
N ALA A 183 -13.33 10.81 20.92
CA ALA A 183 -14.29 10.07 21.75
C ALA A 183 -15.20 9.18 20.89
N LEU A 184 -15.49 9.59 19.65
CA LEU A 184 -16.35 8.85 18.69
C LEU A 184 -15.50 7.88 17.85
N GLY A 185 -14.18 7.97 17.95
CA GLY A 185 -13.23 7.14 17.17
C GLY A 185 -13.06 7.62 15.75
N LEU A 186 -13.20 8.92 15.51
CA LEU A 186 -13.07 9.56 14.16
C LEU A 186 -11.62 10.03 14.00
N LYS A 187 -10.96 9.58 12.92
CA LYS A 187 -9.50 9.78 12.70
C LYS A 187 -9.25 10.86 11.65
N HIS A 188 -10.18 11.08 10.72
CA HIS A 188 -10.01 11.98 9.55
C HIS A 188 -11.22 12.91 9.40
N SER A 189 -11.72 13.40 10.55
CA SER A 189 -12.81 14.42 10.66
C SER A 189 -12.19 15.72 11.17
N TYR A 190 -12.50 16.84 10.53
CA TYR A 190 -11.83 18.15 10.75
C TYR A 190 -12.83 19.30 10.70
N VAL A 191 -12.62 20.31 11.55
CA VAL A 191 -13.14 21.69 11.35
C VAL A 191 -12.18 22.42 10.40
N ASN A 192 -10.87 22.23 10.60
CA ASN A 192 -9.78 22.79 9.74
C ASN A 192 -8.93 21.64 9.21
N VAL A 193 -8.95 21.41 7.89
CA VAL A 193 -8.17 20.33 7.22
C VAL A 193 -6.70 20.72 7.28
N PRO A 194 -5.83 19.92 7.95
CA PRO A 194 -4.40 20.23 8.04
C PRO A 194 -3.69 20.07 6.69
N LYS A 195 -2.54 20.74 6.54
CA LYS A 195 -1.70 20.79 5.30
C LYS A 195 -1.43 19.37 4.79
N THR A 196 -1.24 18.41 5.70
CA THR A 196 -0.87 17.00 5.41
C THR A 196 -2.05 16.20 4.83
N GLN A 197 -3.27 16.75 4.87
CA GLN A 197 -4.51 16.07 4.41
C GLN A 197 -5.15 16.79 3.23
N MET A 198 -4.56 17.88 2.75
CA MET A 198 -5.16 18.74 1.69
C MET A 198 -5.22 17.97 0.37
N GLN A 199 -4.33 16.99 0.16
CA GLN A 199 -4.31 16.15 -1.06
C GLN A 199 -5.51 15.18 -1.03
N ASN A 200 -6.11 14.97 0.13
CA ASN A 200 -7.29 14.08 0.32
C ASN A 200 -8.59 14.91 0.35
N TYR A 201 -8.50 16.24 0.36
CA TYR A 201 -9.66 17.15 0.50
C TYR A 201 -10.26 17.38 -0.89
N ALA A 202 -11.43 16.78 -1.16
CA ALA A 202 -12.18 16.93 -2.42
C ALA A 202 -12.43 18.42 -2.71
N PHE A 203 -12.44 18.79 -3.98
CA PHE A 203 -13.07 20.06 -4.44
C PHE A 203 -14.56 19.80 -4.53
N GLY A 204 -15.35 20.76 -4.06
CA GLY A 204 -16.78 20.88 -4.41
C GLY A 204 -16.94 21.43 -5.80
N TYR A 205 -18.05 21.15 -6.47
CA TYR A 205 -18.36 21.63 -7.84
C TYR A 205 -19.75 22.28 -7.81
N ASN A 206 -19.86 23.49 -8.39
CA ASN A 206 -21.10 24.29 -8.42
C ASN A 206 -21.91 23.85 -9.65
N GLN A 207 -23.04 24.50 -9.91
CA GLN A 207 -24.02 24.03 -10.93
C GLN A 207 -23.40 24.18 -12.35
N GLU A 208 -22.34 24.98 -12.50
CA GLU A 208 -21.56 25.15 -13.75
C GLU A 208 -20.34 24.22 -13.76
N ASN A 209 -20.18 23.39 -12.73
CA ASN A 209 -19.08 22.38 -12.58
C ASN A 209 -17.72 23.10 -12.44
N GLN A 210 -17.70 24.26 -11.80
CA GLN A 210 -16.47 24.99 -11.41
C GLN A 210 -16.10 24.58 -10.00
N PRO A 211 -14.80 24.36 -9.68
CA PRO A 211 -14.40 23.95 -8.34
C PRO A 211 -14.61 25.09 -7.33
N ILE A 212 -15.03 24.73 -6.13
CA ILE A 212 -15.37 25.66 -5.03
C ILE A 212 -15.13 24.92 -3.70
N ARG A 213 -14.65 25.66 -2.70
CA ARG A 213 -14.61 25.21 -1.29
C ARG A 213 -15.39 26.22 -0.44
N VAL A 214 -15.79 25.76 0.74
CA VAL A 214 -16.52 26.58 1.75
C VAL A 214 -15.59 27.71 2.21
N ASN A 215 -16.09 28.94 2.24
CA ASN A 215 -15.31 30.15 2.68
C ASN A 215 -15.43 30.25 4.19
N PRO A 216 -14.43 30.83 4.90
CA PRO A 216 -14.61 31.26 6.27
C PRO A 216 -15.87 32.13 6.39
N GLY A 217 -16.61 31.97 7.49
CA GLY A 217 -17.87 32.69 7.75
C GLY A 217 -18.02 32.94 9.25
N PRO A 218 -18.92 33.85 9.67
CA PRO A 218 -19.19 34.06 11.09
C PRO A 218 -19.83 32.80 11.70
N LEU A 219 -19.26 32.30 12.80
CA LEU A 219 -19.66 31.06 13.52
C LEU A 219 -20.03 29.96 12.50
N ASP A 220 -19.15 29.73 11.54
CA ASP A 220 -19.34 28.76 10.44
C ASP A 220 -19.27 27.32 10.99
N ALA A 221 -18.22 27.02 11.78
CA ALA A 221 -17.85 25.65 12.18
C ALA A 221 -19.04 24.91 12.77
N PRO A 222 -19.76 25.48 13.76
CA PRO A 222 -20.86 24.76 14.40
C PRO A 222 -22.10 24.54 13.52
N ALA A 223 -22.26 25.34 12.46
CA ALA A 223 -23.46 25.38 11.59
C ALA A 223 -23.26 24.54 10.33
N TYR A 224 -22.08 24.60 9.71
CA TYR A 224 -21.85 23.94 8.39
C TYR A 224 -20.36 23.69 8.08
N GLY A 225 -19.47 23.72 9.07
CA GLY A 225 -18.02 23.88 8.85
C GLY A 225 -17.21 22.60 8.99
N VAL A 226 -17.84 21.44 9.22
CA VAL A 226 -17.13 20.15 9.49
C VAL A 226 -16.90 19.41 8.16
N LYS A 227 -15.75 18.75 8.04
CA LYS A 227 -15.36 17.88 6.91
C LYS A 227 -15.02 16.49 7.46
N SER A 228 -15.32 15.44 6.69
CA SER A 228 -15.10 14.04 7.13
C SER A 228 -14.98 13.10 5.92
N THR A 229 -14.55 11.87 6.18
CA THR A 229 -14.43 10.78 5.18
C THR A 229 -15.65 9.87 5.33
N LEU A 230 -15.88 8.97 4.37
CA LEU A 230 -16.97 7.98 4.46
C LEU A 230 -16.75 7.05 5.65
N PRO A 231 -15.54 6.47 5.86
CA PRO A 231 -15.30 5.58 6.99
C PRO A 231 -15.60 6.24 8.34
N ASP A 232 -15.25 7.51 8.51
CA ASP A 232 -15.50 8.28 9.75
C ASP A 232 -17.01 8.46 9.95
N MET A 233 -17.75 8.83 8.90
CA MET A 233 -19.22 9.04 9.00
C MET A 233 -19.90 7.68 9.27
N LEU A 234 -19.38 6.58 8.74
CA LEU A 234 -19.92 5.21 9.04
C LEU A 234 -19.69 4.89 10.52
N SER A 235 -18.54 5.28 11.08
CA SER A 235 -18.22 5.14 12.53
C SER A 235 -19.20 5.97 13.36
N PHE A 236 -19.51 7.20 12.92
CA PHE A 236 -20.45 8.12 13.59
C PHE A 236 -21.86 7.54 13.60
N ILE A 237 -22.28 6.88 12.52
CA ILE A 237 -23.62 6.22 12.45
C ILE A 237 -23.60 5.00 13.38
N HIS A 238 -22.51 4.23 13.38
CA HIS A 238 -22.32 3.06 14.28
C HIS A 238 -22.50 3.51 15.75
N ALA A 239 -21.90 4.64 16.13
CA ALA A 239 -21.98 5.22 17.49
C ALA A 239 -23.44 5.58 17.81
N ASN A 240 -24.17 6.16 16.85
CA ASN A 240 -25.59 6.56 17.01
C ASN A 240 -26.47 5.31 17.11
N LEU A 241 -26.09 4.21 16.46
CA LEU A 241 -26.85 2.93 16.45
C LEU A 241 -26.55 2.14 17.73
N ASN A 242 -25.35 2.26 18.30
CA ASN A 242 -24.86 1.46 19.45
C ASN A 242 -24.19 2.36 20.49
N PRO A 243 -24.90 3.36 21.06
CA PRO A 243 -24.29 4.25 22.05
C PRO A 243 -23.87 3.54 23.35
N GLN A 244 -24.49 2.39 23.63
CA GLN A 244 -24.20 1.55 24.83
C GLN A 244 -22.77 0.98 24.78
N LYS A 245 -22.16 0.90 23.60
CA LYS A 245 -20.82 0.28 23.37
C LYS A 245 -19.70 1.31 23.55
N TYR A 246 -20.01 2.52 24.04
CA TYR A 246 -19.06 3.65 24.15
C TYR A 246 -18.94 4.09 25.60
N PRO A 247 -17.81 4.73 25.99
CA PRO A 247 -17.67 5.31 27.33
C PRO A 247 -18.88 6.18 27.72
N THR A 248 -19.13 6.27 29.03
CA THR A 248 -20.30 6.96 29.64
C THR A 248 -20.44 8.38 29.08
N ASP A 249 -19.37 9.18 29.06
CA ASP A 249 -19.40 10.62 28.68
C ASP A 249 -20.01 10.80 27.28
N ILE A 250 -19.52 10.07 26.29
CA ILE A 250 -19.93 10.21 24.86
C ILE A 250 -21.25 9.45 24.63
N GLN A 251 -21.48 8.34 25.34
CA GLN A 251 -22.74 7.56 25.29
C GLN A 251 -23.91 8.46 25.69
N ARG A 252 -23.78 9.16 26.81
CA ARG A 252 -24.81 10.10 27.34
C ARG A 252 -25.00 11.24 26.34
N ALA A 253 -23.90 11.72 25.75
CA ALA A 253 -23.89 12.80 24.73
C ALA A 253 -24.75 12.37 23.54
N ILE A 254 -24.51 11.17 23.00
CA ILE A 254 -25.24 10.61 21.81
C ILE A 254 -26.73 10.51 22.14
N ASN A 255 -27.07 9.86 23.26
CA ASN A 255 -28.49 9.62 23.68
C ASN A 255 -29.22 10.97 23.83
N GLU A 256 -28.51 12.00 24.30
CA GLU A 256 -29.05 13.39 24.44
C GLU A 256 -29.51 13.93 23.07
N THR A 257 -28.80 13.59 21.99
CA THR A 257 -29.10 14.08 20.61
C THR A 257 -30.33 13.34 20.03
N HIS A 258 -30.73 12.20 20.61
CA HIS A 258 -31.82 11.33 20.10
C HIS A 258 -33.19 11.71 20.69
N GLN A 259 -33.22 12.53 21.74
CA GLN A 259 -34.45 12.92 22.48
C GLN A 259 -35.14 14.06 21.74
N GLY A 260 -36.34 13.79 21.19
CA GLY A 260 -37.26 14.80 20.64
C GLY A 260 -37.62 15.84 21.68
N ARG A 261 -37.56 17.12 21.29
CA ARG A 261 -37.73 18.29 22.19
C ARG A 261 -39.10 18.95 21.93
N TYR A 262 -39.55 18.94 20.67
CA TYR A 262 -40.88 19.44 20.23
C TYR A 262 -41.20 18.81 18.88
N GLN A 263 -42.35 19.13 18.30
CA GLN A 263 -42.87 18.48 17.07
C GLN A 263 -43.41 19.56 16.12
N VAL A 264 -43.31 19.31 14.81
CA VAL A 264 -43.90 20.13 13.71
C VAL A 264 -44.47 19.14 12.70
N ASN A 265 -45.79 18.92 12.71
CA ASN A 265 -46.46 17.90 11.86
C ASN A 265 -45.85 16.53 12.16
N THR A 266 -45.40 15.79 11.15
CA THR A 266 -44.91 14.38 11.27
C THR A 266 -43.44 14.35 11.71
N MET A 267 -42.81 15.50 11.95
CA MET A 267 -41.38 15.61 12.31
C MET A 267 -41.21 16.00 13.79
N TYR A 268 -40.33 15.29 14.50
CA TYR A 268 -39.89 15.61 15.88
C TYR A 268 -38.47 16.17 15.81
N GLN A 269 -38.27 17.41 16.28
CA GLN A 269 -36.94 18.08 16.33
C GLN A 269 -36.18 17.58 17.56
N ALA A 270 -35.11 16.81 17.34
CA ALA A 270 -34.11 16.43 18.37
C ALA A 270 -32.95 17.43 18.32
N LEU A 271 -31.92 17.21 19.14
CA LEU A 271 -30.66 18.01 19.09
C LEU A 271 -29.92 17.62 17.81
N GLY A 272 -29.91 18.51 16.81
CA GLY A 272 -29.33 18.28 15.48
C GLY A 272 -30.21 17.38 14.63
N TRP A 273 -30.43 16.13 15.06
CA TRP A 273 -31.17 15.09 14.27
C TRP A 273 -32.63 15.52 14.04
N GLU A 274 -33.20 15.11 12.91
CA GLU A 274 -34.67 15.13 12.68
C GLU A 274 -35.20 13.73 12.95
N GLU A 275 -36.25 13.63 13.77
CA GLU A 275 -36.78 12.35 14.30
C GLU A 275 -38.18 12.10 13.69
N PHE A 276 -38.45 10.83 13.36
CA PHE A 276 -39.71 10.36 12.75
C PHE A 276 -40.14 9.06 13.43
N SER A 277 -41.45 8.80 13.45
CA SER A 277 -42.05 7.50 13.79
C SER A 277 -41.65 6.49 12.70
N TYR A 278 -41.13 5.33 13.10
CA TYR A 278 -40.76 4.22 12.18
C TYR A 278 -41.75 3.07 12.35
N PRO A 279 -42.26 2.45 11.26
CA PRO A 279 -41.88 2.79 9.88
C PRO A 279 -42.36 4.18 9.44
N ALA A 280 -41.56 4.87 8.63
CA ALA A 280 -41.87 6.17 8.01
C ALA A 280 -42.15 5.97 6.52
N THR A 281 -43.20 6.63 6.00
CA THR A 281 -43.50 6.66 4.55
C THR A 281 -42.48 7.60 3.89
N LEU A 282 -42.13 7.33 2.63
CA LEU A 282 -41.24 8.17 1.79
C LEU A 282 -41.67 9.64 1.92
N GLN A 283 -42.98 9.91 1.82
CA GLN A 283 -43.54 11.28 1.76
C GLN A 283 -43.33 12.00 3.09
N THR A 284 -43.37 11.27 4.22
CA THR A 284 -43.11 11.87 5.55
C THR A 284 -41.67 12.39 5.59
N LEU A 285 -40.73 11.64 5.01
CA LEU A 285 -39.28 12.00 4.96
C LEU A 285 -39.07 13.18 4.00
N LEU A 286 -39.76 13.20 2.85
CA LEU A 286 -39.68 14.30 1.85
C LEU A 286 -40.29 15.59 2.45
N ASP A 287 -41.35 15.46 3.26
CA ASP A 287 -42.07 16.60 3.88
C ASP A 287 -41.11 17.39 4.81
N SER A 288 -40.16 16.71 5.47
CA SER A 288 -39.15 17.34 6.35
C SER A 288 -38.29 18.34 5.57
N ASN A 289 -38.15 18.16 4.25
CA ASN A 289 -37.31 18.99 3.35
C ASN A 289 -38.16 19.98 2.54
N SER A 290 -39.48 20.00 2.74
CA SER A 290 -40.42 20.95 2.08
C SER A 290 -39.98 22.39 2.37
N GLU A 291 -40.26 23.30 1.43
CA GLU A 291 -39.93 24.75 1.55
C GLU A 291 -40.59 25.30 2.83
N GLN A 292 -41.81 24.85 3.15
CA GLN A 292 -42.60 25.30 4.33
C GLN A 292 -41.81 25.06 5.61
N ILE A 293 -41.26 23.85 5.77
CA ILE A 293 -40.57 23.39 7.02
C ILE A 293 -39.17 24.04 7.10
N VAL A 294 -38.48 24.17 5.96
CA VAL A 294 -37.03 24.54 5.92
C VAL A 294 -36.88 26.07 5.89
N MET A 295 -37.69 26.78 5.08
CA MET A 295 -37.48 28.20 4.70
C MET A 295 -38.25 29.14 5.66
N LYS A 296 -39.44 28.73 6.13
CA LYS A 296 -40.39 29.62 6.85
C LYS A 296 -40.52 29.23 8.31
N PRO A 297 -40.91 30.18 9.18
CA PRO A 297 -41.18 29.88 10.59
C PRO A 297 -42.44 29.00 10.74
N ASN A 298 -42.44 28.14 11.76
CA ASN A 298 -43.56 27.22 12.07
C ASN A 298 -43.76 27.18 13.59
N LYS A 299 -45.01 27.28 14.04
CA LYS A 299 -45.44 27.08 15.46
C LYS A 299 -45.04 25.66 15.87
N VAL A 300 -44.34 25.53 17.01
CA VAL A 300 -43.98 24.20 17.59
C VAL A 300 -45.08 23.78 18.55
N THR A 301 -45.37 22.48 18.62
CA THR A 301 -46.37 21.87 19.54
C THR A 301 -45.61 20.96 20.51
N ALA A 302 -46.14 20.82 21.73
CA ALA A 302 -45.61 19.94 22.78
C ALA A 302 -45.62 18.49 22.27
N ILE A 303 -44.69 17.68 22.77
CA ILE A 303 -44.67 16.20 22.56
C ILE A 303 -45.80 15.61 23.40
N SER A 304 -46.83 15.04 22.76
CA SER A 304 -47.96 14.34 23.43
C SER A 304 -47.55 12.89 23.75
N LYS A 305 -47.34 12.09 22.71
CA LYS A 305 -46.85 10.68 22.80
C LYS A 305 -45.52 10.61 22.05
N GLU A 306 -44.42 10.31 22.76
CA GLU A 306 -43.07 10.02 22.20
C GLU A 306 -43.14 8.68 21.46
N PRO A 307 -42.92 8.65 20.13
CA PRO A 307 -43.01 7.41 19.35
C PRO A 307 -42.09 6.31 19.89
N SER A 308 -42.63 5.09 20.01
CA SER A 308 -41.95 3.93 20.65
C SER A 308 -40.77 3.49 19.80
N VAL A 309 -40.94 3.46 18.48
CA VAL A 309 -39.87 3.13 17.48
C VAL A 309 -39.59 4.38 16.65
N LYS A 310 -38.34 4.87 16.71
CA LYS A 310 -37.91 6.14 16.06
C LYS A 310 -36.91 5.82 14.95
N MET A 311 -36.73 6.79 14.05
CA MET A 311 -35.80 6.78 12.88
C MET A 311 -35.28 8.21 12.78
N TYR A 312 -34.06 8.44 12.28
CA TYR A 312 -33.43 9.79 12.27
C TYR A 312 -32.74 10.02 10.92
N HIS A 313 -32.72 11.27 10.46
CA HIS A 313 -32.00 11.68 9.22
C HIS A 313 -31.59 13.15 9.32
N LYS A 314 -30.65 13.55 8.47
CA LYS A 314 -30.17 14.94 8.30
C LYS A 314 -29.60 15.09 6.89
N THR A 315 -30.04 16.14 6.19
CA THR A 315 -29.47 16.58 4.90
C THR A 315 -28.51 17.73 5.20
N GLY A 316 -27.54 17.93 4.32
CA GLY A 316 -26.59 19.05 4.40
C GLY A 316 -26.07 19.38 3.02
N SER A 317 -25.78 20.66 2.79
CA SER A 317 -25.18 21.17 1.54
C SER A 317 -24.24 22.33 1.87
N THR A 318 -23.18 22.46 1.09
CA THR A 318 -22.43 23.73 0.89
C THR A 318 -22.71 24.13 -0.55
N SER A 319 -21.98 25.09 -1.10
CA SER A 319 -22.12 25.50 -2.52
C SER A 319 -21.69 24.34 -3.43
N GLY A 320 -20.80 23.47 -2.95
CA GLY A 320 -20.13 22.46 -3.78
C GLY A 320 -20.45 21.02 -3.38
N PHE A 321 -21.01 20.78 -2.19
CA PHE A 321 -21.18 19.40 -1.65
C PHE A 321 -22.64 19.13 -1.28
N GLY A 322 -23.01 17.84 -1.30
CA GLY A 322 -24.27 17.33 -0.74
C GLY A 322 -24.00 16.20 0.25
N THR A 323 -24.78 16.15 1.34
CA THR A 323 -24.66 15.12 2.40
C THR A 323 -26.05 14.62 2.79
N TYR A 324 -26.18 13.33 3.06
CA TYR A 324 -27.38 12.71 3.69
C TYR A 324 -26.94 11.57 4.60
N VAL A 325 -27.40 11.61 5.85
CA VAL A 325 -27.18 10.52 6.84
C VAL A 325 -28.55 10.12 7.40
N VAL A 326 -28.79 8.82 7.54
CA VAL A 326 -30.05 8.24 8.05
C VAL A 326 -29.70 6.95 8.80
N PHE A 327 -30.39 6.69 9.92
CA PHE A 327 -30.21 5.44 10.70
C PHE A 327 -31.54 5.07 11.36
N ILE A 328 -31.76 3.76 11.46
CA ILE A 328 -32.99 3.14 12.04
C ILE A 328 -32.55 2.19 13.14
N PRO A 329 -32.57 2.64 14.42
CA PRO A 329 -32.12 1.80 15.54
C PRO A 329 -32.66 0.36 15.57
N LYS A 330 -33.97 0.17 15.36
CA LYS A 330 -34.67 -1.14 15.50
C LYS A 330 -34.19 -2.13 14.44
N GLU A 331 -33.72 -1.65 13.28
CA GLU A 331 -33.26 -2.50 12.16
C GLU A 331 -31.72 -2.61 12.19
N ASN A 332 -31.07 -1.92 13.12
CA ASN A 332 -29.59 -1.86 13.28
C ASN A 332 -28.93 -1.53 11.93
N ILE A 333 -29.50 -0.56 11.20
CA ILE A 333 -29.05 -0.19 9.82
C ILE A 333 -28.95 1.33 9.70
N GLY A 334 -28.04 1.80 8.84
CA GLY A 334 -27.84 3.23 8.55
C GLY A 334 -27.19 3.43 7.19
N LEU A 335 -27.24 4.65 6.66
CA LEU A 335 -26.66 5.00 5.34
C LEU A 335 -26.06 6.41 5.37
N VAL A 336 -24.94 6.59 4.68
CA VAL A 336 -24.28 7.91 4.43
C VAL A 336 -24.12 8.09 2.92
N MET A 337 -24.47 9.26 2.41
CA MET A 337 -24.20 9.69 1.01
C MET A 337 -23.41 11.00 1.07
N LEU A 338 -22.25 11.03 0.42
CA LEU A 338 -21.38 12.22 0.25
C LEU A 338 -21.16 12.44 -1.25
N THR A 339 -21.46 13.65 -1.74
CA THR A 339 -21.20 14.09 -3.14
C THR A 339 -20.43 15.41 -3.11
N ASN A 340 -19.53 15.60 -4.08
CA ASN A 340 -18.81 16.89 -4.31
C ASN A 340 -19.53 17.65 -5.42
N LYS A 341 -20.85 17.52 -5.46
CA LYS A 341 -21.79 18.44 -6.15
C LYS A 341 -23.14 18.34 -5.46
N ARG A 342 -23.81 19.48 -5.22
CA ARG A 342 -25.18 19.54 -4.66
C ARG A 342 -26.11 18.80 -5.64
N ILE A 343 -26.86 17.82 -5.16
CA ILE A 343 -28.03 17.22 -5.88
C ILE A 343 -29.28 17.47 -5.02
N PRO A 344 -30.48 17.50 -5.62
CA PRO A 344 -31.70 17.77 -4.85
C PRO A 344 -31.86 16.82 -3.65
N ASN A 345 -32.33 17.35 -2.52
CA ASN A 345 -32.51 16.62 -1.24
C ASN A 345 -33.45 15.43 -1.47
N GLU A 346 -34.54 15.65 -2.22
CA GLU A 346 -35.59 14.61 -2.52
C GLU A 346 -34.91 13.39 -3.14
N GLU A 347 -33.91 13.57 -4.01
CA GLU A 347 -33.23 12.46 -4.74
C GLU A 347 -32.36 11.65 -3.77
N ARG A 348 -31.81 12.31 -2.75
CA ARG A 348 -30.95 11.65 -1.73
C ARG A 348 -31.84 10.76 -0.84
N ILE A 349 -32.96 11.33 -0.37
CA ILE A 349 -33.92 10.66 0.56
C ILE A 349 -34.53 9.45 -0.15
N LYS A 350 -34.98 9.61 -1.40
CA LYS A 350 -35.64 8.56 -2.21
C LYS A 350 -34.66 7.39 -2.44
N ALA A 351 -33.42 7.68 -2.87
CA ALA A 351 -32.40 6.66 -3.16
C ALA A 351 -32.09 5.85 -1.89
N ALA A 352 -31.95 6.54 -0.75
CA ALA A 352 -31.66 5.94 0.57
C ALA A 352 -32.83 5.06 1.02
N TYR A 353 -34.06 5.50 0.75
CA TYR A 353 -35.32 4.82 1.14
C TYR A 353 -35.42 3.45 0.44
N VAL A 354 -35.17 3.43 -0.88
CA VAL A 354 -35.21 2.20 -1.71
C VAL A 354 -34.14 1.22 -1.22
N VAL A 355 -32.90 1.69 -1.01
CA VAL A 355 -31.75 0.82 -0.62
C VAL A 355 -32.02 0.20 0.76
N LEU A 356 -32.43 1.00 1.75
CA LEU A 356 -32.62 0.53 3.16
C LEU A 356 -33.79 -0.45 3.24
N ASN A 357 -34.88 -0.21 2.50
CA ASN A 357 -36.11 -1.05 2.49
C ASN A 357 -35.83 -2.38 1.77
N ALA A 358 -34.94 -2.39 0.78
CA ALA A 358 -34.65 -3.56 -0.08
C ALA A 358 -33.61 -4.48 0.57
N ILE A 359 -32.72 -3.95 1.42
CA ILE A 359 -31.67 -4.76 2.12
C ILE A 359 -32.36 -5.83 2.97
N LYS A 360 -31.85 -7.06 2.90
CA LYS A 360 -32.37 -8.28 3.59
C LYS A 360 -31.82 -8.30 5.02
N PRO B 5 6.14 -42.55 11.45
CA PRO B 5 5.31 -42.43 12.67
C PRO B 5 4.67 -41.03 12.80
N LYS B 6 4.50 -40.53 14.02
CA LYS B 6 4.03 -39.15 14.35
C LYS B 6 4.81 -38.10 13.55
N ASP B 7 6.14 -38.20 13.55
CA ASP B 7 7.08 -37.32 12.78
C ASP B 7 6.52 -37.05 11.38
N GLN B 8 6.28 -38.11 10.60
CA GLN B 8 5.84 -38.05 9.18
C GLN B 8 4.38 -37.56 9.10
N GLU B 9 3.53 -37.94 10.07
CA GLU B 9 2.10 -37.55 10.11
C GLU B 9 1.99 -36.03 10.32
N ILE B 10 2.79 -35.47 11.23
CA ILE B 10 2.82 -34.02 11.56
C ILE B 10 3.41 -33.26 10.37
N LYS B 11 4.54 -33.74 9.83
CA LYS B 11 5.21 -33.14 8.65
C LYS B 11 4.19 -33.00 7.51
N LYS B 12 3.42 -34.06 7.23
CA LYS B 12 2.40 -34.10 6.15
C LYS B 12 1.30 -33.06 6.46
N LEU B 13 0.84 -32.98 7.71
CA LEU B 13 -0.24 -32.06 8.15
C LEU B 13 0.19 -30.59 7.99
N VAL B 14 1.44 -30.28 8.35
CA VAL B 14 2.02 -28.91 8.24
C VAL B 14 2.27 -28.59 6.76
N ASP B 15 2.77 -29.56 5.99
CA ASP B 15 2.99 -29.45 4.51
C ASP B 15 1.67 -29.11 3.81
N GLN B 16 0.54 -29.67 4.25
CA GLN B 16 -0.79 -29.47 3.60
C GLN B 16 -1.37 -28.10 3.95
N ASN B 17 -1.09 -27.58 5.14
CA ASN B 17 -1.84 -26.45 5.75
C ASN B 17 -0.99 -25.16 5.80
N PHE B 18 0.33 -25.26 5.95
CA PHE B 18 1.25 -24.10 6.12
C PHE B 18 2.07 -23.86 4.85
N LYS B 19 2.64 -24.92 4.24
CA LYS B 19 3.54 -24.81 3.05
C LYS B 19 2.85 -24.06 1.91
N PRO B 20 1.55 -24.29 1.60
CA PRO B 20 0.89 -23.56 0.52
C PRO B 20 0.88 -22.03 0.69
N LEU B 21 0.98 -21.53 1.93
CA LEU B 21 0.94 -20.08 2.25
C LEU B 21 2.21 -19.37 1.72
N LEU B 22 3.30 -20.11 1.49
CA LEU B 22 4.58 -19.57 0.97
C LEU B 22 4.41 -19.11 -0.48
N GLU B 23 3.87 -19.95 -1.35
CA GLU B 23 3.59 -19.59 -2.77
C GLU B 23 2.51 -18.50 -2.79
N LYS B 24 1.48 -18.62 -1.96
CA LYS B 24 0.27 -17.76 -1.99
C LYS B 24 0.61 -16.31 -1.63
N TYR B 25 1.45 -16.07 -0.62
CA TYR B 25 1.79 -14.71 -0.12
C TYR B 25 3.25 -14.34 -0.44
N ASP B 26 3.94 -15.19 -1.22
CA ASP B 26 5.34 -14.98 -1.66
C ASP B 26 6.21 -14.78 -0.41
N VAL B 27 6.21 -15.76 0.49
CA VAL B 27 6.98 -15.77 1.77
C VAL B 27 8.32 -16.43 1.51
N PRO B 28 9.45 -15.69 1.61
CA PRO B 28 10.76 -16.30 1.40
C PRO B 28 11.02 -17.51 2.31
N GLY B 29 10.71 -17.41 3.60
CA GLY B 29 11.06 -18.41 4.63
C GLY B 29 10.01 -18.56 5.71
N MET B 30 9.88 -19.77 6.27
CA MET B 30 8.91 -20.11 7.34
C MET B 30 9.52 -21.20 8.22
N ALA B 31 9.22 -21.14 9.53
CA ALA B 31 9.51 -22.21 10.52
C ALA B 31 8.21 -22.53 11.25
N VAL B 32 7.76 -23.80 11.20
CA VAL B 32 6.56 -24.26 11.96
C VAL B 32 6.99 -25.37 12.91
N GLY B 33 6.62 -25.22 14.18
CA GLY B 33 6.91 -26.20 15.24
C GLY B 33 5.64 -26.68 15.91
N VAL B 34 5.56 -27.97 16.20
CA VAL B 34 4.47 -28.59 17.02
C VAL B 34 5.12 -29.29 18.22
N ILE B 35 4.56 -29.09 19.41
CA ILE B 35 4.92 -29.87 20.62
C ILE B 35 3.68 -30.65 21.05
N GLN B 36 3.82 -31.97 21.19
CA GLN B 36 2.75 -32.89 21.67
C GLN B 36 3.35 -33.90 22.63
N ASN B 37 2.83 -33.97 23.86
CA ASN B 37 3.28 -34.92 24.91
C ASN B 37 4.80 -34.81 25.06
N ASN B 38 5.30 -33.57 25.12
CA ASN B 38 6.72 -33.23 25.42
C ASN B 38 7.64 -33.74 24.30
N LYS B 39 7.11 -33.94 23.08
CA LYS B 39 7.88 -34.25 21.86
C LYS B 39 7.79 -33.05 20.91
N LYS B 40 8.93 -32.54 20.46
CA LYS B 40 9.04 -31.36 19.57
C LYS B 40 9.23 -31.82 18.12
N TYR B 41 8.45 -31.24 17.21
CA TYR B 41 8.52 -31.47 15.74
C TYR B 41 8.78 -30.12 15.04
N GLU B 42 9.90 -30.00 14.32
CA GLU B 42 10.38 -28.76 13.67
C GLU B 42 10.33 -28.95 12.14
N MET B 43 9.64 -28.06 11.42
CA MET B 43 9.65 -28.01 9.94
C MET B 43 10.13 -26.63 9.48
N TYR B 44 11.10 -26.61 8.56
CA TYR B 44 11.74 -25.39 7.99
C TYR B 44 11.51 -25.37 6.49
N TYR B 45 11.09 -24.21 5.96
CA TYR B 45 10.85 -23.98 4.51
C TYR B 45 11.56 -22.71 4.07
N GLY B 46 12.16 -22.75 2.87
CA GLY B 46 12.64 -21.57 2.13
C GLY B 46 13.87 -20.92 2.75
N LEU B 47 13.99 -19.61 2.59
CA LEU B 47 15.24 -18.84 2.82
C LEU B 47 15.07 -17.85 3.99
N GLN B 48 16.07 -17.86 4.88
CA GLN B 48 16.27 -16.87 5.97
C GLN B 48 16.74 -15.55 5.33
N SER B 49 17.56 -15.63 4.30
CA SER B 49 18.11 -14.47 3.55
C SER B 49 18.12 -14.80 2.05
N VAL B 50 17.43 -13.99 1.25
CA VAL B 50 17.37 -14.16 -0.22
C VAL B 50 18.77 -13.89 -0.80
N GLN B 51 19.35 -12.73 -0.50
CA GLN B 51 20.66 -12.26 -1.05
C GLN B 51 21.78 -13.23 -0.67
N ASP B 52 21.79 -13.73 0.57
CA ASP B 52 22.88 -14.58 1.11
C ASP B 52 22.62 -16.05 0.80
N LYS B 53 21.45 -16.39 0.24
CA LYS B 53 21.06 -17.77 -0.16
C LYS B 53 21.14 -18.71 1.05
N LYS B 54 20.70 -18.23 2.21
CA LYS B 54 20.70 -19.02 3.48
C LYS B 54 19.33 -19.65 3.67
N ALA B 55 19.28 -20.99 3.76
CA ALA B 55 18.05 -21.76 4.09
C ALA B 55 17.66 -21.50 5.54
N VAL B 56 16.35 -21.40 5.80
CA VAL B 56 15.79 -21.40 7.17
C VAL B 56 16.18 -22.73 7.83
N ASN B 57 16.71 -22.68 9.05
CA ASN B 57 17.14 -23.87 9.82
C ASN B 57 16.92 -23.58 11.31
N SER B 58 17.29 -24.52 12.19
CA SER B 58 17.03 -24.48 13.65
C SER B 58 17.79 -23.32 14.32
N ASN B 59 18.76 -22.70 13.63
CA ASN B 59 19.54 -21.55 14.17
C ASN B 59 18.94 -20.22 13.69
N THR B 60 18.00 -20.23 12.75
CA THR B 60 17.43 -18.98 12.15
C THR B 60 16.71 -18.20 13.26
N ILE B 61 17.10 -16.94 13.44
CA ILE B 61 16.48 -16.00 14.43
C ILE B 61 15.43 -15.14 13.70
N PHE B 62 14.19 -15.13 14.18
CA PHE B 62 13.05 -14.33 13.65
C PHE B 62 12.67 -13.24 14.66
N GLU B 63 12.10 -12.13 14.17
CA GLU B 63 11.43 -11.10 15.00
C GLU B 63 10.04 -11.61 15.39
N LEU B 64 9.74 -11.62 16.69
CA LEU B 64 8.47 -12.15 17.25
C LEU B 64 7.37 -11.07 17.18
N GLY B 65 7.75 -9.80 16.99
CA GLY B 65 6.81 -8.67 17.14
C GLY B 65 6.09 -8.73 18.47
N SER B 66 4.76 -8.61 18.44
CA SER B 66 3.90 -8.46 19.65
C SER B 66 3.92 -9.72 20.53
N VAL B 67 4.41 -10.85 20.02
CA VAL B 67 4.61 -12.08 20.85
C VAL B 67 5.68 -11.78 21.91
N SER B 68 6.47 -10.73 21.72
CA SER B 68 7.43 -10.19 22.73
C SER B 68 6.72 -9.95 24.07
N LYS B 69 5.45 -9.53 24.03
CA LYS B 69 4.66 -9.13 25.22
C LYS B 69 4.51 -10.31 26.18
N LEU B 70 4.60 -11.54 25.69
CA LEU B 70 4.50 -12.78 26.50
C LEU B 70 5.70 -12.88 27.44
N PHE B 71 6.87 -12.40 27.00
CA PHE B 71 8.12 -12.40 27.81
C PHE B 71 8.07 -11.26 28.83
N THR B 72 7.53 -10.10 28.42
CA THR B 72 7.25 -8.94 29.31
C THR B 72 6.29 -9.37 30.44
N ALA B 73 5.24 -10.11 30.11
CA ALA B 73 4.23 -10.64 31.05
C ALA B 73 4.91 -11.60 32.02
N THR B 74 5.69 -12.55 31.50
CA THR B 74 6.43 -13.57 32.27
C THR B 74 7.38 -12.85 33.24
N ALA B 75 8.08 -11.81 32.79
CA ALA B 75 9.00 -10.98 33.60
C ALA B 75 8.25 -10.30 34.74
N GLY B 76 7.04 -9.80 34.46
CA GLY B 76 6.14 -9.18 35.45
C GLY B 76 5.70 -10.19 36.50
N GLY B 77 5.28 -11.38 36.06
CA GLY B 77 4.88 -12.49 36.94
C GLY B 77 6.03 -12.96 37.83
N TYR B 78 7.27 -12.89 37.33
CA TYR B 78 8.50 -13.30 38.06
C TYR B 78 8.76 -12.28 39.18
N ALA B 79 8.78 -10.99 38.83
CA ALA B 79 9.01 -9.85 39.76
C ALA B 79 7.95 -9.85 40.87
N LYS B 80 6.68 -10.04 40.51
CA LYS B 80 5.52 -9.98 41.45
C LYS B 80 5.64 -11.12 42.48
N ASN B 81 5.98 -12.33 42.04
CA ASN B 81 6.02 -13.54 42.91
C ASN B 81 7.34 -13.61 43.70
N LYS B 82 8.29 -12.70 43.43
CA LYS B 82 9.51 -12.49 44.25
C LYS B 82 9.35 -11.23 45.11
N GLY B 83 8.17 -10.61 45.10
CA GLY B 83 7.79 -9.46 45.95
C GLY B 83 8.50 -8.16 45.55
N LYS B 84 9.03 -8.08 44.32
CA LYS B 84 9.72 -6.88 43.79
C LYS B 84 8.68 -5.82 43.39
N ILE B 85 7.49 -6.27 42.99
CA ILE B 85 6.33 -5.39 42.65
C ILE B 85 5.05 -6.04 43.17
N SER B 86 4.01 -5.21 43.32
CA SER B 86 2.59 -5.63 43.45
C SER B 86 1.82 -5.04 42.26
N PHE B 87 0.82 -5.77 41.76
CA PHE B 87 -0.03 -5.35 40.61
C PHE B 87 -0.94 -4.18 41.01
N ASP B 88 -1.06 -3.92 42.32
CA ASP B 88 -1.84 -2.80 42.90
C ASP B 88 -0.99 -1.52 42.96
N ASP B 89 0.33 -1.65 42.84
CA ASP B 89 1.27 -0.48 42.81
C ASP B 89 1.00 0.36 41.57
N THR B 90 1.56 1.57 41.54
CA THR B 90 1.48 2.54 40.42
C THR B 90 2.90 2.82 39.93
N PRO B 91 3.08 3.30 38.68
CA PRO B 91 4.41 3.49 38.11
C PRO B 91 5.32 4.44 38.91
N GLY B 92 4.73 5.42 39.61
CA GLY B 92 5.44 6.45 40.41
C GLY B 92 6.33 5.84 41.49
N LYS B 93 5.94 4.69 42.03
CA LYS B 93 6.65 3.98 43.13
C LYS B 93 8.06 3.56 42.69
N TYR B 94 8.26 3.29 41.39
CA TYR B 94 9.51 2.73 40.81
C TYR B 94 10.17 3.75 39.88
N TRP B 95 9.39 4.42 39.03
CA TRP B 95 9.84 5.58 38.23
C TRP B 95 9.44 6.86 38.99
N LYS B 96 10.37 7.39 39.79
CA LYS B 96 10.12 8.44 40.82
C LYS B 96 9.71 9.76 40.14
N GLU B 97 10.08 9.95 38.87
CA GLU B 97 9.82 11.18 38.07
C GLU B 97 8.35 11.22 37.62
N LEU B 98 7.56 10.17 37.90
CA LEU B 98 6.10 10.09 37.56
C LEU B 98 5.25 10.23 38.82
N LYS B 99 5.85 10.33 40.00
CA LYS B 99 5.15 10.53 41.30
C LYS B 99 4.32 11.83 41.23
N ASN B 100 3.06 11.78 41.67
CA ASN B 100 2.15 12.95 41.77
C ASN B 100 1.80 13.47 40.36
N THR B 101 1.79 12.60 39.36
CA THR B 101 1.28 12.88 37.98
C THR B 101 0.01 12.07 37.77
N PRO B 102 -0.86 12.44 36.80
CA PRO B 102 -2.11 11.72 36.57
C PRO B 102 -1.95 10.22 36.25
N ILE B 103 -0.91 9.82 35.49
CA ILE B 103 -0.64 8.39 35.12
C ILE B 103 -0.37 7.55 36.38
N ASP B 104 0.05 8.20 37.48
CA ASP B 104 0.37 7.56 38.78
C ASP B 104 -0.90 7.07 39.49
N GLN B 105 -2.08 7.29 38.90
CA GLN B 105 -3.41 6.81 39.41
C GLN B 105 -3.78 5.49 38.72
N VAL B 106 -2.96 5.01 37.77
CA VAL B 106 -3.15 3.74 37.01
C VAL B 106 -2.23 2.69 37.65
N ASN B 107 -2.77 1.50 37.95
CA ASN B 107 -1.98 0.41 38.59
C ASN B 107 -1.26 -0.40 37.51
N LEU B 108 -0.30 -1.24 37.91
CA LEU B 108 0.60 -2.00 37.00
C LEU B 108 -0.21 -2.99 36.17
N LEU B 109 -1.18 -3.68 36.77
CA LEU B 109 -2.04 -4.69 36.10
C LEU B 109 -2.85 -4.01 35.00
N GLN B 110 -3.30 -2.78 35.23
CA GLN B 110 -4.11 -2.00 34.26
C GLN B 110 -3.23 -1.63 33.05
N LEU B 111 -1.99 -1.22 33.30
CA LEU B 111 -0.99 -0.94 32.23
C LEU B 111 -0.72 -2.21 31.41
N ALA B 112 -0.51 -3.34 32.11
CA ALA B 112 -0.14 -4.65 31.52
C ALA B 112 -1.27 -5.20 30.66
N THR B 113 -2.54 -4.86 30.96
CA THR B 113 -3.75 -5.42 30.30
C THR B 113 -4.55 -4.30 29.59
N TYR B 114 -3.90 -3.16 29.34
CA TYR B 114 -4.31 -2.15 28.31
C TYR B 114 -5.58 -1.37 28.73
N THR B 115 -5.82 -1.14 30.02
CA THR B 115 -7.08 -0.51 30.54
C THR B 115 -6.81 0.84 31.20
N SER B 116 -5.76 1.56 30.80
CA SER B 116 -5.40 2.91 31.32
C SER B 116 -6.53 3.91 31.02
N GLY B 117 -7.21 3.72 29.87
CA GLY B 117 -8.34 4.54 29.42
C GLY B 117 -7.93 5.57 28.38
N ASN B 118 -6.64 5.86 28.24
CA ASN B 118 -6.14 6.91 27.32
C ASN B 118 -4.73 6.58 26.82
N LEU B 119 -4.48 5.35 26.37
CA LEU B 119 -3.21 4.95 25.71
C LEU B 119 -3.55 4.26 24.38
N ALA B 120 -3.12 4.84 23.27
CA ALA B 120 -3.37 4.38 21.89
C ALA B 120 -2.45 3.20 21.53
N LEU B 121 -2.65 2.61 20.36
CA LEU B 121 -1.85 1.46 19.82
C LEU B 121 -0.36 1.80 19.89
N GLN B 122 0.03 2.96 19.36
CA GLN B 122 1.45 3.40 19.25
C GLN B 122 1.63 4.74 19.98
N PHE B 123 2.85 5.02 20.43
CA PHE B 123 3.33 6.38 20.80
C PHE B 123 3.09 7.32 19.64
N PRO B 124 2.95 8.64 19.86
CA PRO B 124 3.00 9.62 18.77
C PRO B 124 4.34 9.52 18.03
N ASP B 125 4.35 9.84 16.73
CA ASP B 125 5.57 9.74 15.86
C ASP B 125 6.70 10.59 16.45
N GLU B 126 6.39 11.68 17.14
CA GLU B 126 7.38 12.66 17.68
C GLU B 126 8.09 12.10 18.92
N VAL B 127 7.50 11.11 19.61
CA VAL B 127 8.11 10.46 20.81
C VAL B 127 9.16 9.44 20.36
N GLN B 128 10.43 9.66 20.71
CA GLN B 128 11.58 8.82 20.27
C GLN B 128 12.58 8.65 21.42
N THR B 129 13.14 9.75 21.93
CA THR B 129 14.21 9.74 22.97
C THR B 129 13.62 9.32 24.32
N ASP B 130 14.48 8.85 25.24
CA ASP B 130 14.10 8.46 26.62
C ASP B 130 13.39 9.62 27.31
N GLN B 131 13.89 10.84 27.10
CA GLN B 131 13.36 12.10 27.71
C GLN B 131 11.96 12.39 27.15
N GLN B 132 11.74 12.20 25.85
CA GLN B 132 10.43 12.44 25.19
C GLN B 132 9.39 11.43 25.69
N VAL B 133 9.82 10.22 26.05
CA VAL B 133 8.94 9.15 26.63
C VAL B 133 8.52 9.59 28.04
N LEU B 134 9.46 10.06 28.86
CA LEU B 134 9.22 10.55 30.25
C LEU B 134 8.22 11.72 30.20
N THR B 135 8.44 12.67 29.29
CA THR B 135 7.57 13.85 29.05
C THR B 135 6.15 13.37 28.71
N PHE B 136 6.02 12.40 27.80
CA PHE B 136 4.73 11.88 27.29
C PHE B 136 3.87 11.38 28.47
N PHE B 137 4.48 10.69 29.43
CA PHE B 137 3.80 10.06 30.59
C PHE B 137 3.53 11.11 31.69
N LYS B 138 4.45 12.06 31.89
CA LYS B 138 4.26 13.23 32.79
C LYS B 138 3.07 14.06 32.30
N ASP B 139 2.99 14.32 30.99
CA ASP B 139 1.95 15.15 30.33
C ASP B 139 0.67 14.32 30.07
N TRP B 140 0.64 13.05 30.49
CA TRP B 140 -0.53 12.15 30.32
C TRP B 140 -1.66 12.61 31.26
N LYS B 141 -2.89 12.61 30.75
CA LYS B 141 -4.13 12.92 31.50
C LYS B 141 -5.17 11.84 31.20
N PRO B 142 -5.99 11.40 32.17
CA PRO B 142 -7.01 10.38 31.93
C PRO B 142 -8.06 10.79 30.87
N LYS B 143 -8.74 9.80 30.29
CA LYS B 143 -9.92 10.00 29.41
C LYS B 143 -11.05 9.05 29.87
N ASN B 144 -11.09 7.82 29.36
CA ASN B 144 -12.07 6.78 29.79
C ASN B 144 -11.77 6.40 31.22
N PRO B 145 -12.78 5.96 32.02
CA PRO B 145 -12.57 5.61 33.43
C PRO B 145 -11.49 4.53 33.58
N ILE B 146 -10.48 4.80 34.40
CA ILE B 146 -9.31 3.89 34.64
C ILE B 146 -9.84 2.50 34.98
N GLY B 147 -9.52 1.50 34.14
CA GLY B 147 -9.73 0.06 34.41
C GLY B 147 -10.96 -0.51 33.71
N GLU B 148 -11.74 0.30 33.01
CA GLU B 148 -13.06 -0.10 32.44
C GLU B 148 -12.96 -0.45 30.95
N TYR B 149 -12.03 0.17 30.21
CA TYR B 149 -11.94 0.05 28.73
C TYR B 149 -10.57 -0.49 28.31
N ARG B 150 -10.57 -1.62 27.60
CA ARG B 150 -9.37 -2.24 26.99
C ARG B 150 -9.12 -1.61 25.63
N GLN B 151 -7.95 -0.97 25.45
CA GLN B 151 -7.42 -0.58 24.10
C GLN B 151 -5.99 -1.13 23.97
N TYR B 152 -5.79 -2.09 23.07
CA TYR B 152 -4.47 -2.73 22.80
C TYR B 152 -3.44 -1.62 22.54
N SER B 153 -2.34 -1.62 23.30
CA SER B 153 -1.40 -0.48 23.39
C SER B 153 0.04 -0.95 23.65
N ASN B 154 0.96 -0.62 22.75
CA ASN B 154 2.42 -0.85 22.92
C ASN B 154 2.96 0.02 24.07
N PRO B 155 2.64 1.34 24.12
CA PRO B 155 3.06 2.19 25.24
C PRO B 155 2.65 1.67 26.63
N SER B 156 1.42 1.18 26.75
CA SER B 156 0.84 0.64 28.01
C SER B 156 1.75 -0.46 28.58
N ILE B 157 1.95 -1.54 27.84
CA ILE B 157 2.78 -2.71 28.27
C ILE B 157 4.27 -2.29 28.27
N GLY B 158 4.65 -1.36 27.40
CA GLY B 158 5.97 -0.70 27.39
C GLY B 158 6.32 -0.12 28.75
N LEU B 159 5.45 0.72 29.32
CA LEU B 159 5.65 1.35 30.65
C LEU B 159 5.71 0.27 31.74
N PHE B 160 4.82 -0.72 31.67
CA PHE B 160 4.78 -1.88 32.60
C PHE B 160 6.16 -2.57 32.62
N GLY B 161 6.73 -2.81 31.43
CA GLY B 161 8.05 -3.44 31.26
C GLY B 161 9.15 -2.62 31.90
N LYS B 162 9.17 -1.31 31.65
CA LYS B 162 10.17 -0.36 32.21
C LYS B 162 10.08 -0.38 33.74
N VAL B 163 8.87 -0.38 34.30
CA VAL B 163 8.61 -0.38 35.77
C VAL B 163 9.14 -1.69 36.37
N VAL B 164 8.81 -2.83 35.74
CA VAL B 164 9.28 -4.19 36.13
C VAL B 164 10.81 -4.20 36.18
N ALA B 165 11.45 -3.63 35.17
CA ALA B 165 12.93 -3.50 35.05
C ALA B 165 13.46 -2.74 36.27
N LEU B 166 12.98 -1.53 36.50
CA LEU B 166 13.39 -0.65 37.64
C LEU B 166 13.27 -1.44 38.96
N SER B 167 12.18 -2.19 39.13
CA SER B 167 11.87 -2.98 40.36
C SER B 167 12.96 -4.03 40.62
N MET B 168 13.63 -4.52 39.58
CA MET B 168 14.68 -5.57 39.66
C MET B 168 16.07 -4.96 39.44
N ASN B 169 16.17 -3.63 39.37
CA ASN B 169 17.45 -2.86 39.38
C ASN B 169 18.31 -3.26 38.17
N LYS B 170 17.69 -3.50 37.02
CA LYS B 170 18.37 -3.81 35.73
C LYS B 170 17.65 -3.11 34.59
N PRO B 171 18.34 -2.83 33.47
CA PRO B 171 17.65 -2.49 32.23
C PRO B 171 16.80 -3.68 31.76
N PHE B 172 15.74 -3.41 30.99
CA PHE B 172 14.75 -4.42 30.55
C PHE B 172 15.45 -5.53 29.74
N ASP B 173 16.34 -5.15 28.82
CA ASP B 173 17.12 -6.10 27.97
C ASP B 173 17.83 -7.12 28.87
N GLN B 174 18.36 -6.67 30.02
CA GLN B 174 19.11 -7.53 30.97
C GLN B 174 18.14 -8.44 31.72
N VAL B 175 16.94 -7.95 32.06
CA VAL B 175 15.90 -8.75 32.78
C VAL B 175 15.60 -10.00 31.95
N LEU B 176 15.45 -9.86 30.63
CA LEU B 176 15.12 -11.01 29.75
C LEU B 176 16.38 -11.86 29.52
N GLU B 177 17.48 -11.24 29.07
CA GLU B 177 18.69 -11.96 28.60
C GLU B 177 19.42 -12.65 29.76
N LYS B 178 19.38 -12.11 30.98
CA LYS B 178 20.19 -12.62 32.13
C LYS B 178 19.32 -13.39 33.15
N THR B 179 18.01 -13.14 33.22
CA THR B 179 17.11 -13.77 34.24
C THR B 179 16.08 -14.69 33.58
N ILE B 180 15.17 -14.14 32.76
CA ILE B 180 13.94 -14.84 32.27
C ILE B 180 14.30 -15.89 31.21
N PHE B 181 15.08 -15.51 30.17
CA PHE B 181 15.44 -16.43 29.06
C PHE B 181 16.21 -17.64 29.62
N PRO B 182 17.30 -17.45 30.41
CA PRO B 182 18.00 -18.59 31.02
C PRO B 182 17.08 -19.46 31.88
N ALA B 183 16.24 -18.85 32.72
CA ALA B 183 15.29 -19.54 33.63
C ALA B 183 14.33 -20.43 32.82
N LEU B 184 14.00 -20.05 31.59
CA LEU B 184 13.08 -20.80 30.69
C LEU B 184 13.87 -21.80 29.83
N GLY B 185 15.21 -21.75 29.87
CA GLY B 185 16.10 -22.63 29.09
C GLY B 185 16.20 -22.20 27.63
N LEU B 186 16.09 -20.90 27.36
CA LEU B 186 16.20 -20.31 26.00
C LEU B 186 17.65 -19.90 25.76
N LYS B 187 18.26 -20.41 24.68
CA LYS B 187 19.72 -20.28 24.40
C LYS B 187 19.97 -19.24 23.29
N HIS B 188 19.01 -19.02 22.39
CA HIS B 188 19.17 -18.15 21.18
C HIS B 188 17.99 -17.18 21.07
N SER B 189 17.54 -16.65 22.21
CA SER B 189 16.50 -15.60 22.31
C SER B 189 17.16 -14.29 22.77
N TYR B 190 16.86 -13.18 22.11
CA TYR B 190 17.58 -11.90 22.25
C TYR B 190 16.61 -10.71 22.21
N VAL B 191 16.88 -9.68 23.01
CA VAL B 191 16.38 -8.30 22.81
C VAL B 191 17.31 -7.62 21.79
N ASN B 192 18.62 -7.84 21.93
CA ASN B 192 19.67 -7.33 21.02
C ASN B 192 20.48 -8.51 20.48
N VAL B 193 20.40 -8.78 19.17
CA VAL B 193 21.14 -9.90 18.51
C VAL B 193 22.63 -9.54 18.50
N PRO B 194 23.50 -10.33 19.16
CA PRO B 194 24.93 -10.03 19.19
C PRO B 194 25.59 -10.26 17.82
N LYS B 195 26.74 -9.61 17.60
CA LYS B 195 27.55 -9.63 16.35
C LYS B 195 27.78 -11.08 15.89
N THR B 196 27.97 -12.02 16.84
CA THR B 196 28.31 -13.44 16.58
C THR B 196 27.10 -14.23 16.09
N GLN B 197 25.89 -13.66 16.15
CA GLN B 197 24.62 -14.36 15.76
C GLN B 197 23.96 -13.66 14.56
N MET B 198 24.56 -12.59 14.02
CA MET B 198 23.95 -11.78 12.94
C MET B 198 23.82 -12.62 11.66
N GLN B 199 24.67 -13.62 11.47
CA GLN B 199 24.64 -14.52 10.29
C GLN B 199 23.42 -15.45 10.40
N ASN B 200 22.84 -15.60 11.59
CA ASN B 200 21.64 -16.45 11.85
C ASN B 200 20.37 -15.60 11.87
N TYR B 201 20.49 -14.27 11.82
CA TYR B 201 19.36 -13.32 11.97
C TYR B 201 18.72 -13.13 10.58
N ALA B 202 17.54 -13.72 10.38
CA ALA B 202 16.75 -13.58 9.12
C ALA B 202 16.52 -12.11 8.80
N PHE B 203 16.49 -11.79 7.51
CA PHE B 203 15.91 -10.51 7.01
C PHE B 203 14.40 -10.72 6.96
N GLY B 204 13.65 -9.71 7.42
CA GLY B 204 12.22 -9.57 7.12
C GLY B 204 12.04 -9.06 5.70
N TYR B 205 10.89 -9.33 5.08
CA TYR B 205 10.56 -8.89 3.70
C TYR B 205 9.20 -8.18 3.73
N ASN B 206 9.12 -7.00 3.08
CA ASN B 206 7.90 -6.16 3.03
C ASN B 206 7.07 -6.62 1.82
N GLN B 207 5.95 -5.93 1.54
CA GLN B 207 4.93 -6.35 0.54
C GLN B 207 5.55 -6.36 -0.87
N GLU B 208 6.63 -5.58 -1.08
CA GLU B 208 7.39 -5.49 -2.35
C GLU B 208 8.59 -6.45 -2.33
N ASN B 209 8.73 -7.24 -1.27
CA ASN B 209 9.80 -8.27 -1.09
C ASN B 209 11.18 -7.59 -1.02
N GLN B 210 11.23 -6.40 -0.42
CA GLN B 210 12.51 -5.72 -0.07
C GLN B 210 12.87 -6.11 1.36
N PRO B 211 14.16 -6.37 1.66
CA PRO B 211 14.57 -6.73 3.01
C PRO B 211 14.43 -5.54 3.97
N ILE B 212 14.01 -5.83 5.20
CA ILE B 212 13.73 -4.85 6.27
C ILE B 212 13.98 -5.54 7.62
N ARG B 213 14.50 -4.79 8.58
CA ARG B 213 14.60 -5.19 10.01
C ARG B 213 13.90 -4.14 10.86
N VAL B 214 13.53 -4.53 12.08
CA VAL B 214 12.83 -3.67 13.07
C VAL B 214 13.80 -2.55 13.46
N ASN B 215 13.33 -1.28 13.46
CA ASN B 215 14.13 -0.10 13.88
C ASN B 215 14.04 0.03 15.40
N PRO B 216 15.05 0.63 16.06
CA PRO B 216 14.90 1.09 17.44
C PRO B 216 13.64 1.98 17.56
N GLY B 217 12.93 1.88 18.68
CA GLY B 217 11.74 2.68 18.99
C GLY B 217 11.64 2.96 20.49
N PRO B 218 10.77 3.91 20.91
CA PRO B 218 10.54 4.15 22.32
C PRO B 218 9.89 2.94 23.00
N LEU B 219 10.49 2.47 24.11
CA LEU B 219 10.09 1.25 24.87
C LEU B 219 9.67 0.15 23.90
N ASP B 220 10.53 -0.14 22.91
CA ASP B 220 10.29 -1.15 21.85
C ASP B 220 10.35 -2.55 22.45
N ALA B 221 11.41 -2.85 23.22
CA ALA B 221 11.77 -4.22 23.67
C ALA B 221 10.57 -4.90 24.32
N PRO B 222 9.89 -4.29 25.32
CA PRO B 222 8.79 -4.95 26.01
C PRO B 222 7.53 -5.17 25.15
N ALA B 223 7.36 -4.40 24.07
CA ALA B 223 6.14 -4.37 23.24
C ALA B 223 6.29 -5.25 22.00
N TYR B 224 7.45 -5.25 21.34
CA TYR B 224 7.63 -5.93 20.04
C TYR B 224 9.10 -6.22 19.70
N GLY B 225 10.02 -6.19 20.66
CA GLY B 225 11.47 -6.07 20.39
C GLY B 225 12.26 -7.36 20.53
N VAL B 226 11.61 -8.50 20.81
CA VAL B 226 12.30 -9.80 21.10
C VAL B 226 12.47 -10.58 19.78
N LYS B 227 13.60 -11.27 19.65
CA LYS B 227 13.92 -12.19 18.52
C LYS B 227 14.24 -13.57 19.11
N SER B 228 13.88 -14.63 18.39
CA SER B 228 14.07 -16.02 18.87
C SER B 228 14.13 -17.01 17.70
N THR B 229 14.52 -18.24 17.98
CA THR B 229 14.57 -19.38 17.03
C THR B 229 13.32 -20.23 17.25
N LEU B 230 13.04 -21.16 16.33
CA LEU B 230 11.90 -22.12 16.48
C LEU B 230 12.14 -23.01 17.70
N PRO B 231 13.34 -23.63 17.90
CA PRO B 231 13.59 -24.48 19.06
C PRO B 231 13.35 -23.76 20.40
N ASP B 232 13.75 -22.49 20.49
CA ASP B 232 13.56 -21.67 21.73
C ASP B 232 12.07 -21.44 21.97
N MET B 233 11.30 -21.08 20.93
CA MET B 233 9.84 -20.84 21.07
C MET B 233 9.13 -22.15 21.42
N LEU B 234 9.59 -23.30 20.91
CA LEU B 234 9.03 -24.62 21.27
C LEU B 234 9.32 -24.91 22.75
N SER B 235 10.50 -24.54 23.25
CA SER B 235 10.86 -24.64 24.69
C SER B 235 9.93 -23.75 25.52
N PHE B 236 9.64 -22.54 25.05
CA PHE B 236 8.75 -21.56 25.74
C PHE B 236 7.32 -22.11 25.81
N ILE B 237 6.85 -22.80 24.77
CA ILE B 237 5.50 -23.42 24.77
C ILE B 237 5.52 -24.60 25.75
N HIS B 238 6.59 -25.40 25.75
CA HIS B 238 6.79 -26.54 26.69
C HIS B 238 6.69 -26.04 28.12
N ALA B 239 7.32 -24.91 28.45
CA ALA B 239 7.31 -24.28 29.78
C ALA B 239 5.88 -23.89 30.15
N ASN B 240 5.12 -23.31 29.21
CA ASN B 240 3.72 -22.88 29.41
C ASN B 240 2.82 -24.10 29.59
N LEU B 241 3.15 -25.23 28.95
CA LEU B 241 2.36 -26.49 29.04
C LEU B 241 2.69 -27.25 30.32
N ASN B 242 3.92 -27.13 30.84
CA ASN B 242 4.44 -27.91 31.99
C ASN B 242 5.17 -27.00 32.97
N PRO B 243 4.51 -25.97 33.54
CA PRO B 243 5.17 -25.05 34.47
C PRO B 243 5.64 -25.72 35.76
N GLN B 244 5.02 -26.86 36.13
CA GLN B 244 5.35 -27.66 37.34
C GLN B 244 6.76 -28.24 37.25
N LYS B 245 7.33 -28.37 36.05
CA LYS B 245 8.65 -29.01 35.81
C LYS B 245 9.79 -27.99 35.91
N TYR B 246 9.50 -26.76 36.36
CA TYR B 246 10.47 -25.64 36.40
C TYR B 246 10.64 -25.15 37.84
N PRO B 247 11.80 -24.53 38.18
CA PRO B 247 11.99 -23.92 39.49
C PRO B 247 10.83 -23.00 39.90
N THR B 248 10.62 -22.87 41.21
CA THR B 248 9.52 -22.11 41.87
C THR B 248 9.34 -20.73 41.22
N ASP B 249 10.42 -19.94 41.12
CA ASP B 249 10.37 -18.51 40.72
C ASP B 249 9.72 -18.37 39.33
N ILE B 250 10.17 -19.16 38.36
CA ILE B 250 9.72 -19.07 36.94
C ILE B 250 8.39 -19.82 36.77
N GLN B 251 8.17 -20.89 37.53
CA GLN B 251 6.90 -21.66 37.55
C GLN B 251 5.74 -20.74 37.95
N ARG B 252 5.92 -20.00 39.04
CA ARG B 252 4.92 -19.04 39.57
C ARG B 252 4.71 -17.92 38.53
N ALA B 253 5.80 -17.47 37.89
CA ALA B 253 5.78 -16.44 36.83
C ALA B 253 4.88 -16.89 35.68
N ILE B 254 5.10 -18.11 35.17
CA ILE B 254 4.33 -18.70 34.04
C ILE B 254 2.84 -18.76 34.42
N ASN B 255 2.51 -19.37 35.58
CA ASN B 255 1.11 -19.58 36.04
C ASN B 255 0.40 -18.22 36.16
N GLU B 256 1.13 -17.18 36.58
CA GLU B 256 0.63 -15.78 36.70
C GLU B 256 0.13 -15.28 35.34
N THR B 257 0.79 -15.65 34.23
CA THR B 257 0.45 -15.20 32.85
C THR B 257 -0.81 -15.92 32.35
N HIS B 258 -1.21 -17.03 32.98
CA HIS B 258 -2.34 -17.90 32.51
C HIS B 258 -3.67 -17.48 33.14
N GLN B 259 -3.68 -16.64 34.19
CA GLN B 259 -4.94 -16.28 34.88
C GLN B 259 -5.59 -15.08 34.16
N GLY B 260 -6.79 -15.32 33.60
CA GLY B 260 -7.69 -14.30 33.06
C GLY B 260 -8.00 -13.23 34.09
N ARG B 261 -7.90 -11.96 33.68
CA ARG B 261 -8.03 -10.76 34.55
C ARG B 261 -9.39 -10.09 34.32
N TYR B 262 -9.89 -10.15 33.08
CA TYR B 262 -11.22 -9.65 32.66
C TYR B 262 -11.58 -10.33 31.34
N GLN B 263 -12.75 -10.01 30.78
CA GLN B 263 -13.26 -10.66 29.54
C GLN B 263 -13.89 -9.59 28.64
N VAL B 264 -13.78 -9.80 27.33
CA VAL B 264 -14.41 -8.98 26.26
C VAL B 264 -15.03 -9.97 25.27
N ASN B 265 -16.36 -10.15 25.34
CA ASN B 265 -17.10 -11.16 24.53
C ASN B 265 -16.49 -12.53 24.84
N THR B 266 -16.11 -13.30 23.82
CA THR B 266 -15.65 -14.71 23.94
C THR B 266 -14.16 -14.79 24.30
N MET B 267 -13.49 -13.65 24.51
CA MET B 267 -12.04 -13.59 24.82
C MET B 267 -11.81 -13.18 26.28
N TYR B 268 -10.93 -13.89 26.98
CA TYR B 268 -10.44 -13.55 28.35
C TYR B 268 -9.01 -13.04 28.24
N GLN B 269 -8.76 -11.80 28.68
CA GLN B 269 -7.41 -11.18 28.67
C GLN B 269 -6.63 -11.64 29.89
N ALA B 270 -5.58 -12.45 29.68
CA ALA B 270 -4.56 -12.80 30.70
C ALA B 270 -3.38 -11.84 30.58
N LEU B 271 -2.33 -12.05 31.36
CA LEU B 271 -1.06 -11.28 31.26
C LEU B 271 -0.36 -11.73 29.97
N GLY B 272 -0.36 -10.86 28.94
CA GLY B 272 0.19 -11.15 27.61
C GLY B 272 -0.71 -12.05 26.80
N TRP B 273 -0.96 -13.27 27.27
CA TRP B 273 -1.75 -14.32 26.55
C TRP B 273 -3.20 -13.85 26.37
N GLU B 274 -3.82 -14.27 25.27
CA GLU B 274 -5.29 -14.21 25.07
C GLU B 274 -5.86 -15.59 25.39
N GLU B 275 -6.89 -15.65 26.23
CA GLU B 275 -7.45 -16.90 26.81
C GLU B 275 -8.85 -17.14 26.24
N PHE B 276 -9.16 -18.41 25.95
CA PHE B 276 -10.47 -18.87 25.39
C PHE B 276 -10.91 -20.14 26.12
N SER B 277 -12.23 -20.35 26.21
CA SER B 277 -12.85 -21.63 26.61
C SER B 277 -12.54 -22.66 25.51
N TYR B 278 -12.02 -23.84 25.89
CA TYR B 278 -11.70 -24.95 24.97
C TYR B 278 -12.70 -26.09 25.18
N PRO B 279 -13.24 -26.72 24.11
CA PRO B 279 -12.88 -26.39 22.72
C PRO B 279 -13.39 -25.00 22.30
N ALA B 280 -12.63 -24.30 21.45
CA ALA B 280 -12.99 -23.01 20.85
C ALA B 280 -13.33 -23.21 19.38
N THR B 281 -14.36 -22.51 18.88
CA THR B 281 -14.71 -22.46 17.44
C THR B 281 -13.67 -21.58 16.73
N LEU B 282 -13.37 -21.89 15.48
CA LEU B 282 -12.45 -21.10 14.62
C LEU B 282 -12.83 -19.61 14.72
N GLN B 283 -14.11 -19.29 14.64
CA GLN B 283 -14.63 -17.90 14.58
C GLN B 283 -14.35 -17.17 15.89
N THR B 284 -14.37 -17.87 17.03
CA THR B 284 -14.03 -17.28 18.36
C THR B 284 -12.58 -16.78 18.31
N LEU B 285 -11.69 -17.57 17.72
CA LEU B 285 -10.23 -17.27 17.61
C LEU B 285 -10.01 -16.13 16.62
N LEU B 286 -10.74 -16.11 15.49
CA LEU B 286 -10.66 -15.04 14.47
C LEU B 286 -11.18 -13.72 15.05
N ASP B 287 -12.22 -13.78 15.89
CA ASP B 287 -12.87 -12.59 16.52
C ASP B 287 -11.86 -11.82 17.38
N SER B 288 -10.92 -12.52 18.03
CA SER B 288 -9.86 -11.92 18.88
C SER B 288 -8.99 -10.97 18.03
N ASN B 289 -8.88 -11.19 16.72
CA ASN B 289 -8.02 -10.41 15.78
C ASN B 289 -8.85 -9.43 14.96
N SER B 290 -10.18 -9.34 15.18
CA SER B 290 -11.07 -8.39 14.48
C SER B 290 -10.59 -6.96 14.72
N GLU B 291 -10.84 -6.06 13.76
CA GLU B 291 -10.41 -4.64 13.83
C GLU B 291 -11.06 -4.00 15.08
N GLN B 292 -12.29 -4.40 15.40
CA GLN B 292 -13.06 -3.90 16.58
C GLN B 292 -12.27 -4.14 17.87
N ILE B 293 -11.77 -5.37 18.07
CA ILE B 293 -11.06 -5.81 19.31
C ILE B 293 -9.65 -5.20 19.36
N VAL B 294 -8.96 -5.12 18.21
CA VAL B 294 -7.50 -4.80 18.14
C VAL B 294 -7.31 -3.28 18.07
N MET B 295 -8.11 -2.56 17.28
CA MET B 295 -7.87 -1.13 16.93
C MET B 295 -8.63 -0.19 17.89
N LYS B 296 -9.81 -0.57 18.37
CA LYS B 296 -10.77 0.36 19.06
C LYS B 296 -10.93 -0.02 20.53
N PRO B 297 -11.32 0.93 21.41
CA PRO B 297 -11.58 0.62 22.82
C PRO B 297 -12.84 -0.23 22.99
N ASN B 298 -12.87 -1.11 24.00
CA ASN B 298 -13.99 -2.02 24.30
C ASN B 298 -14.18 -2.12 25.82
N LYS B 299 -15.42 -2.01 26.28
CA LYS B 299 -15.80 -2.15 27.72
C LYS B 299 -15.46 -3.56 28.17
N VAL B 300 -14.72 -3.69 29.28
CA VAL B 300 -14.37 -4.98 29.91
C VAL B 300 -15.46 -5.32 30.94
N THR B 301 -15.77 -6.61 31.09
CA THR B 301 -16.66 -7.16 32.16
C THR B 301 -15.81 -8.03 33.08
N ALA B 302 -16.15 -8.06 34.37
CA ALA B 302 -15.46 -8.87 35.41
C ALA B 302 -15.65 -10.35 35.05
N ILE B 303 -14.71 -11.18 35.47
CA ILE B 303 -14.80 -12.67 35.36
C ILE B 303 -15.84 -13.15 36.37
N SER B 304 -16.96 -13.69 35.89
CA SER B 304 -17.90 -14.51 36.72
C SER B 304 -17.43 -15.98 36.66
N LYS B 305 -17.52 -16.59 35.48
CA LYS B 305 -17.30 -18.04 35.28
C LYS B 305 -15.97 -18.23 34.55
N GLU B 306 -14.90 -18.52 35.31
CA GLU B 306 -13.57 -18.91 34.76
C GLU B 306 -13.69 -20.31 34.15
N PRO B 307 -13.55 -20.47 32.82
CA PRO B 307 -13.73 -21.77 32.17
C PRO B 307 -12.75 -22.81 32.71
N SER B 308 -13.23 -24.02 32.97
CA SER B 308 -12.48 -25.16 33.54
C SER B 308 -11.35 -25.60 32.60
N VAL B 309 -11.63 -25.67 31.30
CA VAL B 309 -10.63 -26.05 30.25
C VAL B 309 -10.35 -24.83 29.36
N LYS B 310 -9.10 -24.38 29.34
CA LYS B 310 -8.68 -23.15 28.61
C LYS B 310 -7.74 -23.51 27.45
N MET B 311 -7.61 -22.58 26.50
CA MET B 311 -6.53 -22.54 25.48
C MET B 311 -6.06 -21.09 25.38
N TYR B 312 -4.85 -20.88 24.84
CA TYR B 312 -4.19 -19.55 24.78
C TYR B 312 -3.53 -19.37 23.41
N HIS B 313 -3.50 -18.13 22.90
CA HIS B 313 -2.81 -17.79 21.62
C HIS B 313 -2.35 -16.33 21.66
N LYS B 314 -1.45 -15.99 20.75
CA LYS B 314 -0.93 -14.62 20.51
C LYS B 314 -0.40 -14.55 19.08
N THR B 315 -0.82 -13.50 18.37
CA THR B 315 -0.26 -13.11 17.04
C THR B 315 0.73 -11.98 17.25
N GLY B 316 1.67 -11.84 16.33
CA GLY B 316 2.68 -10.76 16.34
C GLY B 316 3.17 -10.49 14.94
N SER B 317 3.48 -9.23 14.66
CA SER B 317 4.05 -8.79 13.36
C SER B 317 5.04 -7.65 13.60
N THR B 318 6.08 -7.59 12.79
CA THR B 318 6.86 -6.35 12.49
C THR B 318 6.54 -6.00 11.05
N SER B 319 7.28 -5.09 10.43
CA SER B 319 7.07 -4.73 9.00
C SER B 319 7.43 -5.94 8.12
N GLY B 320 8.33 -6.80 8.59
CA GLY B 320 8.93 -7.87 7.78
C GLY B 320 8.61 -9.27 8.26
N PHE B 321 8.08 -9.46 9.48
CA PHE B 321 7.88 -10.80 10.07
C PHE B 321 6.43 -11.01 10.51
N GLY B 322 6.01 -12.29 10.56
CA GLY B 322 4.77 -12.75 11.20
C GLY B 322 5.02 -13.84 12.21
N THR B 323 4.30 -13.82 13.33
CA THR B 323 4.41 -14.82 14.42
C THR B 323 3.01 -15.25 14.88
N TYR B 324 2.85 -16.54 15.19
CA TYR B 324 1.65 -17.07 15.89
C TYR B 324 2.08 -18.21 16.83
N VAL B 325 1.67 -18.10 18.10
CA VAL B 325 1.88 -19.18 19.10
C VAL B 325 0.52 -19.50 19.73
N VAL B 326 0.27 -20.79 19.95
CA VAL B 326 -1.00 -21.32 20.53
C VAL B 326 -0.64 -22.57 21.33
N PHE B 327 -1.29 -22.79 22.47
CA PHE B 327 -1.14 -24.02 23.28
C PHE B 327 -2.46 -24.33 24.00
N ILE B 328 -2.73 -25.63 24.16
CA ILE B 328 -3.96 -26.18 24.80
C ILE B 328 -3.51 -27.09 25.95
N PRO B 329 -3.48 -26.59 27.20
CA PRO B 329 -3.01 -27.37 28.35
C PRO B 329 -3.57 -28.80 28.46
N LYS B 330 -4.89 -28.98 28.32
CA LYS B 330 -5.57 -30.27 28.60
C LYS B 330 -5.19 -31.31 27.54
N GLU B 331 -4.79 -30.89 26.33
CA GLU B 331 -4.39 -31.79 25.22
C GLU B 331 -2.86 -31.95 25.18
N ASN B 332 -2.14 -31.23 26.05
CA ASN B 332 -0.66 -31.20 26.15
C ASN B 332 -0.06 -30.97 24.75
N ILE B 333 -0.62 -30.02 24.00
CA ILE B 333 -0.19 -29.71 22.60
C ILE B 333 -0.05 -28.19 22.42
N GLY B 334 0.83 -27.77 21.50
CA GLY B 334 1.02 -26.36 21.11
C GLY B 334 1.67 -26.24 19.74
N LEU B 335 1.65 -25.03 19.17
CA LEU B 335 2.18 -24.76 17.81
C LEU B 335 2.84 -23.36 17.77
N VAL B 336 3.94 -23.24 17.02
CA VAL B 336 4.62 -21.96 16.71
C VAL B 336 4.74 -21.84 15.18
N MET B 337 4.40 -20.67 14.65
CA MET B 337 4.66 -20.31 13.22
C MET B 337 5.48 -19.02 13.19
N LEU B 338 6.63 -19.05 12.51
CA LEU B 338 7.51 -17.89 12.27
C LEU B 338 7.69 -17.73 10.75
N THR B 339 7.41 -16.54 10.23
CA THR B 339 7.64 -16.16 8.80
C THR B 339 8.45 -14.86 8.75
N ASN B 340 9.32 -14.72 7.74
CA ASN B 340 10.06 -13.47 7.44
C ASN B 340 9.34 -12.73 6.31
N LYS B 341 8.00 -12.84 6.31
CA LYS B 341 7.07 -11.89 5.64
C LYS B 341 5.74 -11.92 6.38
N ARG B 342 5.13 -10.75 6.61
CA ARG B 342 3.78 -10.63 7.20
C ARG B 342 2.79 -11.36 6.29
N ILE B 343 2.02 -12.32 6.84
CA ILE B 343 0.80 -12.90 6.19
C ILE B 343 -0.39 -12.59 7.08
N PRO B 344 -1.63 -12.53 6.53
CA PRO B 344 -2.81 -12.19 7.33
C PRO B 344 -2.95 -13.07 8.59
N ASN B 345 -3.37 -12.46 9.70
CA ASN B 345 -3.50 -13.14 11.01
C ASN B 345 -4.48 -14.31 10.88
N GLU B 346 -5.60 -14.10 10.17
CA GLU B 346 -6.68 -15.10 9.98
C GLU B 346 -6.10 -16.36 9.34
N GLU B 347 -5.13 -16.24 8.42
CA GLU B 347 -4.52 -17.40 7.71
C GLU B 347 -3.63 -18.20 8.67
N ARG B 348 -3.01 -17.54 9.66
CA ARG B 348 -2.14 -18.19 10.67
C ARG B 348 -3.02 -19.00 11.62
N ILE B 349 -4.11 -18.39 12.10
CA ILE B 349 -5.05 -18.98 13.09
C ILE B 349 -5.72 -20.20 12.44
N LYS B 350 -6.21 -20.06 11.21
CA LYS B 350 -6.92 -21.12 10.45
C LYS B 350 -5.99 -22.32 10.22
N ALA B 351 -4.76 -22.10 9.74
CA ALA B 351 -3.78 -23.16 9.45
C ALA B 351 -3.45 -23.94 10.73
N ALA B 352 -3.26 -23.22 11.85
CA ALA B 352 -2.94 -23.79 13.18
C ALA B 352 -4.14 -24.61 13.71
N TYR B 353 -5.36 -24.13 13.45
CA TYR B 353 -6.63 -24.75 13.89
C TYR B 353 -6.79 -26.12 13.24
N VAL B 354 -6.58 -26.20 11.92
CA VAL B 354 -6.69 -27.47 11.13
C VAL B 354 -5.65 -28.46 11.64
N VAL B 355 -4.39 -28.04 11.81
CA VAL B 355 -3.26 -28.94 12.19
C VAL B 355 -3.52 -29.50 13.61
N LEU B 356 -3.88 -28.65 14.57
CA LEU B 356 -4.05 -29.06 15.99
C LEU B 356 -5.26 -29.99 16.15
N ASN B 357 -6.35 -29.72 15.43
CA ASN B 357 -7.62 -30.51 15.48
C ASN B 357 -7.41 -31.87 14.80
N ALA B 358 -6.54 -31.96 13.78
CA ALA B 358 -6.33 -33.17 12.97
C ALA B 358 -5.31 -34.11 13.64
N ILE B 359 -5.07 -33.94 14.95
CA ILE B 359 -4.07 -34.71 15.73
C ILE B 359 -4.75 -35.27 16.99
N ASN C 3 26.58 -12.17 -28.11
CA ASN C 3 26.44 -13.19 -27.00
C ASN C 3 25.93 -12.51 -25.73
N THR C 4 24.60 -12.43 -25.55
CA THR C 4 23.88 -11.88 -24.37
C THR C 4 22.86 -12.92 -23.88
N PRO C 5 22.53 -13.00 -22.58
CA PRO C 5 21.48 -13.91 -22.10
C PRO C 5 20.08 -13.56 -22.66
N LYS C 6 19.20 -14.56 -22.77
CA LYS C 6 17.86 -14.43 -23.41
C LYS C 6 17.04 -13.36 -22.68
N ASP C 7 17.03 -13.40 -21.34
CA ASP C 7 16.29 -12.44 -20.48
C ASP C 7 16.65 -11.00 -20.90
N GLN C 8 17.92 -10.64 -21.07
CA GLN C 8 18.36 -9.27 -21.45
C GLN C 8 18.02 -8.98 -22.93
N GLU C 9 18.09 -9.99 -23.80
CA GLU C 9 17.77 -9.85 -25.26
C GLU C 9 16.28 -9.52 -25.43
N ILE C 10 15.42 -10.21 -24.67
CA ILE C 10 13.95 -10.02 -24.70
C ILE C 10 13.62 -8.65 -24.07
N LYS C 11 14.21 -8.35 -22.91
CA LYS C 11 14.04 -7.05 -22.20
C LYS C 11 14.37 -5.90 -23.15
N LYS C 12 15.48 -6.00 -23.89
CA LYS C 12 15.94 -4.96 -24.85
C LYS C 12 14.90 -4.81 -25.97
N LEU C 13 14.41 -5.93 -26.51
CA LEU C 13 13.42 -5.96 -27.63
C LEU C 13 12.09 -5.33 -27.19
N VAL C 14 11.63 -5.64 -25.99
CA VAL C 14 10.35 -5.08 -25.42
C VAL C 14 10.54 -3.61 -25.07
N ASP C 15 11.70 -3.24 -24.52
CA ASP C 15 12.09 -1.83 -24.23
C ASP C 15 12.06 -0.98 -25.51
N GLN C 16 12.49 -1.54 -26.66
CA GLN C 16 12.59 -0.80 -27.95
C GLN C 16 11.21 -0.63 -28.58
N ASN C 17 10.30 -1.60 -28.37
CA ASN C 17 9.05 -1.74 -29.17
C ASN C 17 7.80 -1.40 -28.35
N PHE C 18 7.79 -1.64 -27.04
CA PHE C 18 6.61 -1.45 -26.16
C PHE C 18 6.77 -0.22 -25.26
N LYS C 19 7.95 -0.03 -24.65
CA LYS C 19 8.21 1.08 -23.69
C LYS C 19 7.92 2.44 -24.33
N PRO C 20 8.30 2.70 -25.61
CA PRO C 20 8.02 4.00 -26.24
C PRO C 20 6.52 4.36 -26.29
N LEU C 21 5.62 3.36 -26.27
CA LEU C 21 4.15 3.57 -26.37
C LEU C 21 3.62 4.24 -25.09
N LEU C 22 4.34 4.16 -23.98
CA LEU C 22 3.96 4.75 -22.67
C LEU C 22 4.02 6.28 -22.76
N GLU C 23 5.14 6.83 -23.22
CA GLU C 23 5.30 8.30 -23.43
C GLU C 23 4.33 8.76 -24.53
N LYS C 24 4.22 7.98 -25.61
CA LYS C 24 3.50 8.38 -26.85
C LYS C 24 1.99 8.52 -26.58
N TYR C 25 1.38 7.61 -25.82
CA TYR C 25 -0.08 7.59 -25.57
C TYR C 25 -0.39 7.93 -24.11
N ASP C 26 0.62 8.34 -23.33
CA ASP C 26 0.47 8.75 -21.91
C ASP C 26 -0.19 7.61 -21.12
N VAL C 27 0.46 6.44 -21.15
CA VAL C 27 -0.01 5.19 -20.46
C VAL C 27 0.63 5.15 -19.08
N PRO C 28 -0.15 5.25 -17.99
CA PRO C 28 0.43 5.17 -16.64
C PRO C 28 1.25 3.89 -16.40
N GLY C 29 0.70 2.74 -16.78
CA GLY C 29 1.27 1.41 -16.44
C GLY C 29 1.10 0.39 -17.55
N MET C 30 2.06 -0.53 -17.68
CA MET C 30 2.07 -1.61 -18.69
C MET C 30 2.75 -2.85 -18.10
N ALA C 31 2.26 -4.04 -18.47
CA ALA C 31 2.89 -5.35 -18.23
C ALA C 31 3.01 -6.07 -19.56
N VAL C 32 4.23 -6.46 -19.94
CA VAL C 32 4.50 -7.26 -21.17
C VAL C 32 5.17 -8.57 -20.74
N GLY C 33 4.60 -9.70 -21.18
CA GLY C 33 5.10 -11.05 -20.91
C GLY C 33 5.42 -11.78 -22.20
N VAL C 34 6.57 -12.47 -22.24
CA VAL C 34 6.95 -13.38 -23.36
C VAL C 34 7.18 -14.77 -22.78
N ILE C 35 6.65 -15.80 -23.44
CA ILE C 35 6.96 -17.22 -23.17
C ILE C 35 7.63 -17.80 -24.41
N GLN C 36 8.81 -18.40 -24.25
CA GLN C 36 9.58 -19.07 -25.33
C GLN C 36 10.18 -20.36 -24.77
N ASN C 37 9.86 -21.51 -25.40
CA ASN C 37 10.37 -22.84 -25.00
C ASN C 37 10.11 -23.05 -23.50
N ASN C 38 8.91 -22.69 -23.03
CA ASN C 38 8.44 -22.92 -21.64
C ASN C 38 9.29 -22.13 -20.63
N LYS C 39 9.92 -21.04 -21.07
CA LYS C 39 10.57 -20.03 -20.20
C LYS C 39 9.74 -18.73 -20.26
N LYS C 40 9.30 -18.24 -19.09
CA LYS C 40 8.43 -17.04 -18.96
C LYS C 40 9.30 -15.83 -18.60
N TYR C 41 9.10 -14.72 -19.31
CA TYR C 41 9.78 -13.42 -19.07
C TYR C 41 8.71 -12.34 -18.81
N GLU C 42 8.79 -11.66 -17.66
CA GLU C 42 7.85 -10.61 -17.22
C GLU C 42 8.56 -9.25 -17.20
N MET C 43 8.05 -8.26 -17.92
CA MET C 43 8.51 -6.85 -17.87
C MET C 43 7.36 -5.96 -17.38
N TYR C 44 7.61 -5.14 -16.35
CA TYR C 44 6.63 -4.20 -15.74
C TYR C 44 7.15 -2.78 -15.89
N TYR C 45 6.27 -1.86 -16.32
CA TYR C 45 6.56 -0.42 -16.48
C TYR C 45 5.49 0.41 -15.76
N GLY C 46 5.91 1.46 -15.06
CA GLY C 46 5.03 2.55 -14.60
C GLY C 46 4.13 2.15 -13.45
N LEU C 47 2.95 2.76 -13.38
CA LEU C 47 2.09 2.79 -12.18
C LEU C 47 0.76 2.06 -12.43
N GLN C 48 0.39 1.18 -11.49
CA GLN C 48 -0.93 0.51 -11.36
C GLN C 48 -1.95 1.57 -10.90
N SER C 49 -1.54 2.49 -10.03
CA SER C 49 -2.35 3.64 -9.54
C SER C 49 -1.46 4.89 -9.52
N VAL C 50 -1.86 5.93 -10.25
CA VAL C 50 -1.11 7.22 -10.32
C VAL C 50 -1.18 7.89 -8.93
N GLN C 51 -2.38 8.10 -8.40
CA GLN C 51 -2.62 8.86 -7.13
C GLN C 51 -1.96 8.12 -5.96
N ASP C 52 -1.99 6.78 -5.92
CA ASP C 52 -1.48 5.98 -4.78
C ASP C 52 0.01 5.67 -4.96
N LYS C 53 0.59 6.03 -6.12
CA LYS C 53 2.03 5.83 -6.45
C LYS C 53 2.41 4.35 -6.34
N LYS C 54 1.52 3.44 -6.75
CA LYS C 54 1.74 1.97 -6.75
C LYS C 54 2.32 1.55 -8.12
N ALA C 55 3.50 0.93 -8.11
CA ALA C 55 4.19 0.41 -9.30
C ALA C 55 3.44 -0.82 -9.81
N VAL C 56 3.34 -0.96 -11.13
CA VAL C 56 2.88 -2.21 -11.79
C VAL C 56 3.86 -3.32 -11.40
N ASN C 57 3.34 -4.46 -10.93
CA ASN C 57 4.16 -5.63 -10.50
C ASN C 57 3.37 -6.90 -10.82
N SER C 58 3.93 -8.05 -10.44
CA SER C 58 3.39 -9.40 -10.79
C SER C 58 2.02 -9.63 -10.14
N ASN C 59 1.62 -8.81 -9.16
CA ASN C 59 0.32 -8.96 -8.47
C ASN C 59 -0.72 -8.00 -9.06
N THR C 60 -0.33 -7.07 -9.94
CA THR C 60 -1.25 -6.08 -10.52
C THR C 60 -2.33 -6.80 -11.33
N ILE C 61 -3.59 -6.55 -11.01
CA ILE C 61 -4.77 -7.13 -11.73
C ILE C 61 -5.25 -6.09 -12.76
N PHE C 62 -5.33 -6.50 -14.03
CA PHE C 62 -5.82 -5.67 -15.17
C PHE C 62 -7.16 -6.22 -15.66
N GLU C 63 -7.99 -5.36 -16.23
CA GLU C 63 -9.20 -5.75 -17.01
C GLU C 63 -8.76 -6.24 -18.40
N LEU C 64 -9.18 -7.45 -18.79
CA LEU C 64 -8.80 -8.09 -20.07
C LEU C 64 -9.71 -7.60 -21.19
N GLY C 65 -10.86 -7.01 -20.87
CA GLY C 65 -11.91 -6.71 -21.85
C GLY C 65 -12.26 -7.94 -22.68
N SER C 66 -12.27 -7.81 -24.00
CA SER C 66 -12.77 -8.84 -24.95
C SER C 66 -11.89 -10.09 -24.95
N VAL C 67 -10.70 -10.03 -24.36
CA VAL C 67 -9.83 -11.25 -24.18
C VAL C 67 -10.54 -12.20 -23.20
N SER C 68 -11.53 -11.70 -22.46
CA SER C 68 -12.43 -12.51 -21.59
C SER C 68 -13.07 -13.64 -22.42
N LYS C 69 -13.37 -13.37 -23.69
CA LYS C 69 -14.09 -14.30 -24.60
C LYS C 69 -13.30 -15.60 -24.78
N LEU C 70 -11.97 -15.56 -24.60
CA LEU C 70 -11.09 -16.75 -24.72
C LEU C 70 -11.38 -17.73 -23.58
N PHE C 71 -11.76 -17.23 -22.40
CA PHE C 71 -12.11 -18.05 -21.22
C PHE C 71 -13.52 -18.61 -21.39
N THR C 72 -14.44 -17.81 -21.95
CA THR C 72 -15.81 -18.22 -22.34
C THR C 72 -15.73 -19.37 -23.35
N ALA C 73 -14.85 -19.24 -24.35
CA ALA C 73 -14.61 -20.26 -25.40
C ALA C 73 -14.07 -21.54 -24.77
N THR C 74 -13.06 -21.41 -23.91
CA THR C 74 -12.41 -22.53 -23.17
C THR C 74 -13.47 -23.26 -22.33
N ALA C 75 -14.34 -22.52 -21.66
CA ALA C 75 -15.46 -23.05 -20.83
C ALA C 75 -16.42 -23.85 -21.71
N GLY C 76 -16.71 -23.33 -22.92
CA GLY C 76 -17.57 -24.00 -23.92
C GLY C 76 -16.95 -25.30 -24.40
N GLY C 77 -15.65 -25.28 -24.72
CA GLY C 77 -14.88 -26.46 -25.14
C GLY C 77 -14.82 -27.53 -24.05
N TYR C 78 -14.80 -27.10 -22.78
CA TYR C 78 -14.75 -28.00 -21.59
C TYR C 78 -16.09 -28.73 -21.47
N ALA C 79 -17.19 -27.96 -21.48
CA ALA C 79 -18.59 -28.46 -21.38
C ALA C 79 -18.88 -29.43 -22.53
N LYS C 80 -18.50 -29.08 -23.75
CA LYS C 80 -18.77 -29.87 -24.98
C LYS C 80 -18.07 -31.23 -24.91
N ASN C 81 -16.81 -31.27 -24.48
CA ASN C 81 -15.96 -32.48 -24.46
C ASN C 81 -16.26 -33.33 -23.21
N LYS C 82 -17.09 -32.83 -22.29
CA LYS C 82 -17.65 -33.63 -21.15
C LYS C 82 -19.11 -33.99 -21.46
N GLY C 83 -19.60 -33.69 -22.66
CA GLY C 83 -20.94 -34.06 -23.15
C GLY C 83 -22.07 -33.28 -22.49
N LYS C 84 -21.77 -32.14 -21.86
CA LYS C 84 -22.77 -31.29 -21.16
C LYS C 84 -23.55 -30.47 -22.20
N ILE C 85 -22.91 -30.16 -23.33
CA ILE C 85 -23.53 -29.47 -24.50
C ILE C 85 -23.00 -30.09 -25.79
N SER C 86 -23.74 -29.87 -26.88
CA SER C 86 -23.31 -30.07 -28.29
C SER C 86 -23.42 -28.71 -29.00
N PHE C 87 -22.51 -28.43 -29.92
CA PHE C 87 -22.47 -27.15 -30.69
C PHE C 87 -23.64 -27.09 -31.68
N ASP C 88 -24.31 -28.23 -31.91
CA ASP C 88 -25.50 -28.35 -32.80
C ASP C 88 -26.78 -28.00 -32.01
N ASP C 89 -26.71 -28.02 -30.66
CA ASP C 89 -27.86 -27.66 -29.78
C ASP C 89 -28.21 -26.18 -29.96
N THR C 90 -29.36 -25.76 -29.46
CA THR C 90 -29.88 -24.36 -29.51
C THR C 90 -30.08 -23.89 -28.07
N PRO C 91 -30.15 -22.57 -27.80
CA PRO C 91 -30.22 -22.08 -26.43
C PRO C 91 -31.45 -22.56 -25.64
N GLY C 92 -32.56 -22.85 -26.33
CA GLY C 92 -33.84 -23.31 -25.74
C GLY C 92 -33.70 -24.59 -24.94
N LYS C 93 -32.76 -25.46 -25.34
CA LYS C 93 -32.51 -26.79 -24.71
C LYS C 93 -32.06 -26.62 -23.26
N TYR C 94 -31.39 -25.51 -22.92
CA TYR C 94 -30.77 -25.25 -21.60
C TYR C 94 -31.48 -24.09 -20.89
N TRP C 95 -31.76 -23.01 -21.61
CA TRP C 95 -32.63 -21.90 -21.13
C TRP C 95 -34.05 -22.14 -21.65
N LYS C 96 -34.89 -22.79 -20.82
CA LYS C 96 -36.18 -23.39 -21.22
C LYS C 96 -37.18 -22.29 -21.63
N GLU C 97 -36.97 -21.06 -21.15
CA GLU C 97 -37.86 -19.90 -21.41
C GLU C 97 -37.64 -19.34 -22.82
N LEU C 98 -36.69 -19.90 -23.58
CA LEU C 98 -36.40 -19.51 -24.99
C LEU C 98 -36.88 -20.59 -25.96
N LYS C 99 -37.41 -21.71 -25.47
CA LYS C 99 -37.94 -22.82 -26.31
C LYS C 99 -39.08 -22.30 -27.20
N ASN C 100 -39.04 -22.62 -28.49
CA ASN C 100 -40.09 -22.29 -29.49
C ASN C 100 -40.16 -20.77 -29.71
N THR C 101 -39.04 -20.08 -29.56
CA THR C 101 -38.84 -18.65 -29.96
C THR C 101 -37.92 -18.62 -31.17
N PRO C 102 -37.89 -17.51 -31.95
CA PRO C 102 -37.04 -17.42 -33.13
C PRO C 102 -35.53 -17.65 -32.89
N ILE C 103 -34.98 -17.15 -31.77
CA ILE C 103 -33.54 -17.29 -31.40
C ILE C 103 -33.18 -18.77 -31.20
N ASP C 104 -34.18 -19.61 -30.92
CA ASP C 104 -34.00 -21.07 -30.68
C ASP C 104 -33.67 -21.81 -31.99
N GLN C 105 -33.63 -21.09 -33.12
CA GLN C 105 -33.22 -21.65 -34.46
C GLN C 105 -31.74 -21.38 -34.73
N VAL C 106 -31.05 -20.70 -33.80
CA VAL C 106 -29.59 -20.42 -33.84
C VAL C 106 -28.88 -21.45 -32.94
N ASN C 107 -27.84 -22.12 -33.44
CA ASN C 107 -27.10 -23.16 -32.67
C ASN C 107 -26.00 -22.48 -31.83
N LEU C 108 -25.40 -23.22 -30.89
CA LEU C 108 -24.45 -22.67 -29.88
C LEU C 108 -23.18 -22.18 -30.58
N LEU C 109 -22.68 -22.92 -31.58
CA LEU C 109 -21.46 -22.57 -32.34
C LEU C 109 -21.67 -21.25 -33.08
N GLN C 110 -22.89 -21.02 -33.59
CA GLN C 110 -23.24 -19.79 -34.35
C GLN C 110 -23.25 -18.59 -33.39
N LEU C 111 -23.78 -18.76 -32.18
CA LEU C 111 -23.75 -17.73 -31.11
C LEU C 111 -22.30 -17.41 -30.73
N ALA C 112 -21.49 -18.45 -30.53
CA ALA C 112 -20.08 -18.37 -30.07
C ALA C 112 -19.20 -17.67 -31.11
N THR C 113 -19.54 -17.77 -32.40
CA THR C 113 -18.73 -17.27 -33.55
C THR C 113 -19.49 -16.18 -34.32
N TYR C 114 -20.53 -15.58 -33.70
CA TYR C 114 -21.10 -14.26 -34.06
C TYR C 114 -21.90 -14.30 -35.38
N THR C 115 -22.53 -15.42 -35.74
CA THR C 115 -23.21 -15.61 -37.06
C THR C 115 -24.74 -15.78 -36.89
N SER C 116 -25.33 -15.21 -35.85
CA SER C 116 -26.79 -15.25 -35.59
C SER C 116 -27.55 -14.56 -36.73
N GLY C 117 -26.96 -13.51 -37.31
CA GLY C 117 -27.54 -12.74 -38.42
C GLY C 117 -28.17 -11.44 -37.97
N ASN C 118 -28.46 -11.28 -36.67
CA ASN C 118 -29.18 -10.09 -36.14
C ASN C 118 -28.79 -9.83 -34.68
N LEU C 119 -27.50 -9.85 -34.35
CA LEU C 119 -26.99 -9.44 -33.02
C LEU C 119 -25.86 -8.41 -33.20
N ALA C 120 -26.09 -7.20 -32.68
CA ALA C 120 -25.20 -6.04 -32.79
C ALA C 120 -24.02 -6.18 -31.81
N LEU C 121 -23.05 -5.26 -31.91
CA LEU C 121 -21.85 -5.19 -31.04
C LEU C 121 -22.27 -5.24 -29.57
N GLN C 122 -23.20 -4.38 -29.16
CA GLN C 122 -23.66 -4.23 -27.75
C GLN C 122 -25.17 -4.47 -27.65
N PHE C 123 -25.65 -4.90 -26.48
CA PHE C 123 -27.07 -4.81 -26.06
C PHE C 123 -27.53 -3.37 -26.17
N PRO C 124 -28.84 -3.09 -26.33
CA PRO C 124 -29.36 -1.74 -26.14
C PRO C 124 -29.08 -1.23 -24.72
N ASP C 125 -28.90 0.08 -24.55
CA ASP C 125 -28.61 0.73 -23.25
C ASP C 125 -29.68 0.37 -22.21
N GLU C 126 -30.94 0.13 -22.63
CA GLU C 126 -32.07 -0.09 -21.69
C GLU C 126 -32.03 -1.52 -21.12
N VAL C 127 -31.33 -2.45 -21.78
CA VAL C 127 -31.17 -3.85 -21.28
C VAL C 127 -30.13 -3.87 -20.16
N GLN C 128 -30.53 -4.26 -18.95
CA GLN C 128 -29.66 -4.26 -17.74
C GLN C 128 -29.97 -5.49 -16.87
N THR C 129 -31.21 -5.63 -16.39
CA THR C 129 -31.62 -6.70 -15.44
C THR C 129 -31.66 -8.04 -16.18
N ASP C 130 -31.62 -9.14 -15.42
CA ASP C 130 -31.69 -10.53 -15.93
C ASP C 130 -32.98 -10.69 -16.74
N GLN C 131 -34.09 -10.11 -16.26
CA GLN C 131 -35.44 -10.20 -16.90
C GLN C 131 -35.43 -9.44 -18.23
N GLN C 132 -34.77 -8.28 -18.30
CA GLN C 132 -34.69 -7.45 -19.54
C GLN C 132 -33.85 -8.18 -20.60
N VAL C 133 -32.87 -8.99 -20.18
CA VAL C 133 -32.03 -9.82 -21.07
C VAL C 133 -32.89 -10.96 -21.65
N LEU C 134 -33.67 -11.63 -20.81
CA LEU C 134 -34.60 -12.72 -21.21
C LEU C 134 -35.61 -12.19 -22.23
N THR C 135 -36.21 -11.03 -21.96
CA THR C 135 -37.16 -10.31 -22.85
C THR C 135 -36.50 -10.05 -24.21
N PHE C 136 -35.26 -9.53 -24.21
CA PHE C 136 -34.52 -9.14 -25.44
C PHE C 136 -34.41 -10.34 -26.40
N PHE C 137 -34.13 -11.52 -25.85
CA PHE C 137 -33.89 -12.79 -26.62
C PHE C 137 -35.23 -13.42 -27.03
N LYS C 138 -36.25 -13.35 -26.17
CA LYS C 138 -37.65 -13.78 -26.47
C LYS C 138 -38.18 -12.93 -27.64
N ASP C 139 -37.96 -11.62 -27.60
CA ASP C 139 -38.45 -10.63 -28.62
C ASP C 139 -37.50 -10.60 -29.84
N TRP C 140 -36.44 -11.41 -29.85
CA TRP C 140 -35.48 -11.49 -30.98
C TRP C 140 -36.14 -12.14 -32.19
N LYS C 141 -35.90 -11.58 -33.38
CA LYS C 141 -36.37 -12.10 -34.69
C LYS C 141 -35.19 -12.10 -35.66
N PRO C 142 -35.05 -13.11 -36.55
CA PRO C 142 -33.96 -13.16 -37.51
C PRO C 142 -33.91 -11.96 -38.47
N LYS C 143 -32.74 -11.72 -39.09
CA LYS C 143 -32.57 -10.75 -40.20
C LYS C 143 -31.77 -11.45 -41.31
N ASN C 144 -30.43 -11.39 -41.28
CA ASN C 144 -29.54 -12.09 -42.25
C ASN C 144 -29.69 -13.59 -42.04
N PRO C 145 -29.48 -14.43 -43.09
CA PRO C 145 -29.62 -15.88 -42.97
C PRO C 145 -28.72 -16.45 -41.87
N ILE C 146 -29.32 -17.20 -40.93
CA ILE C 146 -28.62 -17.80 -39.75
C ILE C 146 -27.38 -18.56 -40.27
N GLY C 147 -26.18 -18.13 -39.85
CA GLY C 147 -24.91 -18.86 -40.03
C GLY C 147 -24.06 -18.34 -41.18
N GLU C 148 -24.55 -17.33 -41.91
CA GLU C 148 -23.91 -16.85 -43.18
C GLU C 148 -23.06 -15.60 -42.93
N TYR C 149 -23.42 -14.75 -41.96
CA TYR C 149 -22.82 -13.41 -41.76
C TYR C 149 -22.25 -13.28 -40.34
N ARG C 150 -20.94 -13.02 -40.24
CA ARG C 150 -20.23 -12.72 -38.97
C ARG C 150 -20.38 -11.23 -38.63
N GLN C 151 -20.98 -10.93 -37.49
CA GLN C 151 -20.97 -9.57 -36.86
C GLN C 151 -20.52 -9.71 -35.41
N TYR C 152 -19.33 -9.19 -35.09
CA TYR C 152 -18.72 -9.23 -33.74
C TYR C 152 -19.74 -8.68 -32.73
N SER C 153 -20.06 -9.46 -31.70
CA SER C 153 -21.23 -9.23 -30.82
C SER C 153 -20.95 -9.73 -29.39
N ASN C 154 -21.02 -8.84 -28.40
CA ASN C 154 -20.95 -9.18 -26.96
C ASN C 154 -22.18 -10.00 -26.57
N PRO C 155 -23.42 -9.58 -26.92
CA PRO C 155 -24.63 -10.36 -26.62
C PRO C 155 -24.58 -11.80 -27.14
N SER C 156 -24.08 -12.02 -28.35
CA SER C 156 -23.98 -13.34 -29.02
C SER C 156 -23.20 -14.31 -28.12
N ILE C 157 -21.92 -14.00 -27.81
CA ILE C 157 -21.04 -14.88 -26.98
C ILE C 157 -21.52 -14.82 -25.52
N GLY C 158 -22.12 -13.70 -25.10
CA GLY C 158 -22.81 -13.54 -23.81
C GLY C 158 -23.83 -14.66 -23.58
N LEU C 159 -24.77 -14.86 -24.53
CA LEU C 159 -25.82 -15.90 -24.45
C LEU C 159 -25.17 -17.28 -24.44
N PHE C 160 -24.16 -17.50 -25.29
CA PHE C 160 -23.38 -18.76 -25.36
C PHE C 160 -22.83 -19.11 -23.96
N GLY C 161 -22.24 -18.12 -23.29
CA GLY C 161 -21.67 -18.25 -21.93
C GLY C 161 -22.73 -18.64 -20.92
N LYS C 162 -23.88 -17.96 -20.92
CA LYS C 162 -25.01 -18.23 -20.01
C LYS C 162 -25.50 -19.68 -20.22
N VAL C 163 -25.62 -20.11 -21.47
CA VAL C 163 -26.10 -21.48 -21.84
C VAL C 163 -25.11 -22.52 -21.32
N VAL C 164 -23.81 -22.30 -21.55
CA VAL C 164 -22.69 -23.18 -21.08
C VAL C 164 -22.78 -23.31 -19.56
N ALA C 165 -23.02 -22.20 -18.85
CA ALA C 165 -23.18 -22.14 -17.39
C ALA C 165 -24.34 -23.06 -16.96
N LEU C 166 -25.54 -22.83 -17.50
CA LEU C 166 -26.76 -23.62 -17.20
C LEU C 166 -26.46 -25.12 -17.40
N SER C 167 -25.76 -25.47 -18.48
CA SER C 167 -25.41 -26.87 -18.86
C SER C 167 -24.57 -27.55 -17.76
N MET C 168 -23.78 -26.77 -17.01
CA MET C 168 -22.87 -27.27 -15.93
C MET C 168 -23.43 -26.94 -14.54
N ASN C 169 -24.68 -26.44 -14.47
CA ASN C 169 -25.47 -26.27 -13.22
C ASN C 169 -24.74 -25.32 -12.26
N LYS C 170 -24.10 -24.28 -12.78
CA LYS C 170 -23.44 -23.21 -11.97
C LYS C 170 -23.69 -21.86 -12.64
N PRO C 171 -23.67 -20.74 -11.88
CA PRO C 171 -23.53 -19.41 -12.48
C PRO C 171 -22.19 -19.31 -13.24
N PHE C 172 -22.12 -18.44 -14.25
CA PHE C 172 -20.96 -18.29 -15.15
C PHE C 172 -19.70 -17.92 -14.35
N ASP C 173 -19.82 -17.00 -13.39
CA ASP C 173 -18.70 -16.56 -12.52
C ASP C 173 -18.08 -17.78 -11.83
N GLN C 174 -18.91 -18.74 -11.42
CA GLN C 174 -18.47 -19.97 -10.70
C GLN C 174 -17.80 -20.92 -11.69
N VAL C 175 -18.30 -21.01 -12.92
CA VAL C 175 -17.73 -21.90 -13.99
C VAL C 175 -16.25 -21.51 -14.17
N LEU C 176 -15.93 -20.22 -14.23
CA LEU C 176 -14.54 -19.75 -14.44
C LEU C 176 -13.75 -19.91 -13.14
N GLU C 177 -14.24 -19.34 -12.04
CA GLU C 177 -13.49 -19.21 -10.76
C GLU C 177 -13.27 -20.58 -10.09
N LYS C 178 -14.18 -21.55 -10.25
CA LYS C 178 -14.15 -22.84 -9.52
C LYS C 178 -13.72 -24.01 -10.43
N THR C 179 -13.89 -23.93 -11.75
CA THR C 179 -13.59 -25.04 -12.71
C THR C 179 -12.43 -24.66 -13.64
N ILE C 180 -12.62 -23.65 -14.51
CA ILE C 180 -11.72 -23.37 -15.67
C ILE C 180 -10.40 -22.74 -15.18
N PHE C 181 -10.45 -21.69 -14.36
CA PHE C 181 -9.25 -20.98 -13.86
C PHE C 181 -8.35 -21.96 -13.09
N PRO C 182 -8.86 -22.69 -12.08
CA PRO C 182 -8.04 -23.68 -11.37
C PRO C 182 -7.45 -24.75 -12.31
N ALA C 183 -8.26 -25.29 -13.23
CA ALA C 183 -7.86 -26.33 -14.22
C ALA C 183 -6.69 -25.83 -15.08
N LEU C 184 -6.61 -24.52 -15.34
CA LEU C 184 -5.54 -23.88 -16.15
C LEU C 184 -4.35 -23.45 -15.27
N GLY C 185 -4.51 -23.55 -13.94
CA GLY C 185 -3.48 -23.15 -12.95
C GLY C 185 -3.41 -21.64 -12.76
N LEU C 186 -4.53 -20.94 -12.91
CA LEU C 186 -4.64 -19.47 -12.71
C LEU C 186 -5.03 -19.21 -11.24
N LYS C 187 -4.23 -18.39 -10.54
CA LYS C 187 -4.34 -18.15 -9.08
C LYS C 187 -4.95 -16.77 -8.78
N HIS C 188 -4.80 -15.79 -9.68
CA HIS C 188 -5.22 -14.38 -9.46
C HIS C 188 -6.01 -13.87 -10.67
N SER C 189 -6.88 -14.72 -11.21
CA SER C 189 -7.84 -14.41 -12.31
C SER C 189 -9.24 -14.43 -11.73
N TYR C 190 -10.05 -13.40 -12.03
CA TYR C 190 -11.35 -13.14 -11.38
C TYR C 190 -12.38 -12.64 -12.39
N VAL C 191 -13.64 -13.07 -12.22
CA VAL C 191 -14.84 -12.36 -12.77
C VAL C 191 -15.19 -11.24 -11.79
N ASN C 192 -15.12 -11.51 -10.48
CA ASN C 192 -15.33 -10.52 -9.40
C ASN C 192 -14.09 -10.47 -8.51
N VAL C 193 -13.39 -9.32 -8.49
CA VAL C 193 -12.17 -9.11 -7.66
C VAL C 193 -12.60 -9.05 -6.19
N PRO C 194 -12.14 -9.99 -5.33
CA PRO C 194 -12.53 -9.98 -3.92
C PRO C 194 -11.89 -8.81 -3.16
N LYS C 195 -12.51 -8.43 -2.03
CA LYS C 195 -12.12 -7.26 -1.17
C LYS C 195 -10.63 -7.35 -0.82
N THR C 196 -10.09 -8.56 -0.63
CA THR C 196 -8.70 -8.84 -0.20
C THR C 196 -7.69 -8.58 -1.35
N GLN C 197 -8.16 -8.39 -2.59
CA GLN C 197 -7.29 -8.21 -3.78
C GLN C 197 -7.49 -6.81 -4.40
N MET C 198 -8.35 -5.97 -3.82
CA MET C 198 -8.69 -4.64 -4.39
C MET C 198 -7.46 -3.72 -4.38
N GLN C 199 -6.51 -3.94 -3.47
CA GLN C 199 -5.22 -3.22 -3.35
C GLN C 199 -4.33 -3.51 -4.57
N ASN C 200 -4.58 -4.64 -5.23
CA ASN C 200 -3.79 -5.12 -6.40
C ASN C 200 -4.51 -4.77 -7.71
N TYR C 201 -5.76 -4.28 -7.63
CA TYR C 201 -6.61 -4.02 -8.80
C TYR C 201 -6.27 -2.62 -9.33
N ALA C 202 -5.56 -2.56 -10.46
CA ALA C 202 -5.15 -1.30 -11.13
C ALA C 202 -6.40 -0.46 -11.41
N PHE C 203 -6.25 0.87 -11.35
CA PHE C 203 -7.20 1.81 -11.99
C PHE C 203 -6.92 1.78 -13.49
N GLY C 204 -7.98 1.73 -14.31
CA GLY C 204 -7.94 2.10 -15.73
C GLY C 204 -7.91 3.61 -15.84
N TYR C 205 -7.37 4.13 -16.94
CA TYR C 205 -7.30 5.58 -17.23
C TYR C 205 -7.92 5.83 -18.61
N ASN C 206 -8.83 6.79 -18.69
CA ASN C 206 -9.58 7.13 -19.93
C ASN C 206 -8.73 8.12 -20.73
N GLN C 207 -9.23 8.62 -21.85
CA GLN C 207 -8.41 9.42 -22.80
C GLN C 207 -8.04 10.78 -22.18
N GLU C 208 -8.73 11.17 -21.10
CA GLU C 208 -8.47 12.40 -20.31
C GLU C 208 -7.59 12.06 -19.10
N ASN C 209 -7.17 10.79 -18.96
CA ASN C 209 -6.29 10.28 -17.88
C ASN C 209 -6.98 10.40 -16.51
N GLN C 210 -8.30 10.22 -16.47
CA GLN C 210 -9.10 10.10 -15.23
C GLN C 210 -9.20 8.62 -14.88
N PRO C 211 -9.07 8.23 -13.59
CA PRO C 211 -9.20 6.83 -13.20
C PRO C 211 -10.65 6.36 -13.36
N ILE C 212 -10.82 5.12 -13.84
CA ILE C 212 -12.13 4.48 -14.15
C ILE C 212 -11.97 2.97 -14.04
N ARG C 213 -13.06 2.29 -13.68
CA ARG C 213 -13.18 0.81 -13.72
C ARG C 213 -14.42 0.45 -14.53
N VAL C 214 -14.46 -0.80 -15.02
CA VAL C 214 -15.58 -1.37 -15.82
C VAL C 214 -16.83 -1.40 -14.94
N ASN C 215 -17.97 -0.94 -15.46
CA ASN C 215 -19.28 -0.97 -14.77
C ASN C 215 -19.93 -2.35 -14.95
N PRO C 216 -20.78 -2.80 -14.00
CA PRO C 216 -21.63 -3.96 -14.26
C PRO C 216 -22.43 -3.75 -15.55
N GLY C 217 -22.65 -4.82 -16.31
CA GLY C 217 -23.46 -4.80 -17.55
C GLY C 217 -24.21 -6.10 -17.76
N PRO C 218 -25.19 -6.14 -18.69
CA PRO C 218 -25.90 -7.38 -19.01
C PRO C 218 -24.96 -8.41 -19.66
N LEU C 219 -24.93 -9.63 -19.12
CA LEU C 219 -24.02 -10.75 -19.52
C LEU C 219 -22.64 -10.18 -19.83
N ASP C 220 -22.08 -9.39 -18.89
CA ASP C 220 -20.76 -8.72 -19.04
C ASP C 220 -19.65 -9.79 -18.96
N ALA C 221 -19.70 -10.67 -17.96
CA ALA C 221 -18.61 -11.59 -17.59
C ALA C 221 -18.11 -12.36 -18.81
N PRO C 222 -18.99 -13.04 -19.59
CA PRO C 222 -18.53 -13.86 -20.72
C PRO C 222 -17.96 -13.07 -21.89
N ALA C 223 -18.30 -11.78 -22.01
CA ALA C 223 -17.97 -10.92 -23.17
C ALA C 223 -16.73 -10.06 -22.90
N TYR C 224 -16.59 -9.50 -21.68
CA TYR C 224 -15.52 -8.52 -21.38
C TYR C 224 -15.23 -8.38 -19.88
N GLY C 225 -15.64 -9.32 -19.03
CA GLY C 225 -15.77 -9.10 -17.58
C GLY C 225 -14.66 -9.72 -16.74
N VAL C 226 -13.65 -10.33 -17.35
CA VAL C 226 -12.56 -11.06 -16.62
C VAL C 226 -11.41 -10.09 -16.34
N LYS C 227 -10.78 -10.25 -15.16
CA LYS C 227 -9.57 -9.54 -14.71
C LYS C 227 -8.49 -10.57 -14.37
N SER C 228 -7.23 -10.25 -14.63
CA SER C 228 -6.10 -11.20 -14.47
C SER C 228 -4.78 -10.44 -14.29
N THR C 229 -3.74 -11.16 -13.87
CA THR C 229 -2.36 -10.66 -13.69
C THR C 229 -1.55 -11.11 -14.91
N LEU C 230 -0.33 -10.57 -15.08
CA LEU C 230 0.58 -11.00 -16.17
C LEU C 230 0.98 -12.45 -15.99
N PRO C 231 1.40 -12.91 -14.78
CA PRO C 231 1.78 -14.30 -14.57
C PRO C 231 0.66 -15.29 -14.95
N ASP C 232 -0.59 -14.95 -14.64
CA ASP C 232 -1.76 -15.80 -14.95
C ASP C 232 -1.94 -15.89 -16.47
N MET C 233 -1.87 -14.76 -17.17
CA MET C 233 -2.04 -14.73 -18.64
C MET C 233 -0.88 -15.48 -19.31
N LEU C 234 0.33 -15.42 -18.75
CA LEU C 234 1.50 -16.20 -19.27
C LEU C 234 1.24 -17.70 -19.09
N SER C 235 0.63 -18.09 -17.97
CA SER C 235 0.20 -19.51 -17.71
C SER C 235 -0.84 -19.92 -18.75
N PHE C 236 -1.79 -19.04 -19.07
CA PHE C 236 -2.87 -19.29 -20.06
C PHE C 236 -2.28 -19.48 -21.46
N ILE C 237 -1.24 -18.72 -21.81
CA ILE C 237 -0.55 -18.87 -23.13
C ILE C 237 0.21 -20.20 -23.11
N HIS C 238 0.89 -20.53 -22.00
CA HIS C 238 1.61 -21.81 -21.82
C HIS C 238 0.66 -22.99 -22.07
N ALA C 239 -0.56 -22.92 -21.51
CA ALA C 239 -1.61 -23.95 -21.67
C ALA C 239 -2.00 -24.08 -23.14
N ASN C 240 -2.16 -22.96 -23.84
CA ASN C 240 -2.53 -22.92 -25.28
C ASN C 240 -1.39 -23.48 -26.13
N LEU C 241 -0.14 -23.29 -25.70
CA LEU C 241 1.07 -23.76 -26.44
C LEU C 241 1.31 -25.26 -26.17
N ASN C 242 0.94 -25.76 -24.98
CA ASN C 242 1.26 -27.13 -24.52
C ASN C 242 0.01 -27.76 -23.88
N PRO C 243 -1.11 -27.91 -24.64
CA PRO C 243 -2.33 -28.50 -24.08
C PRO C 243 -2.16 -29.97 -23.66
N GLN C 244 -1.18 -30.67 -24.25
CA GLN C 244 -0.87 -32.10 -23.97
C GLN C 244 -0.40 -32.28 -22.52
N LYS C 245 0.10 -31.22 -21.88
CA LYS C 245 0.70 -31.27 -20.51
C LYS C 245 -0.37 -31.06 -19.43
N TYR C 246 -1.65 -31.06 -19.80
CA TYR C 246 -2.78 -30.74 -18.90
C TYR C 246 -3.74 -31.93 -18.83
N PRO C 247 -4.52 -32.07 -17.73
CA PRO C 247 -5.59 -33.07 -17.66
C PRO C 247 -6.46 -33.12 -18.93
N THR C 248 -7.02 -34.30 -19.21
CA THR C 248 -7.84 -34.61 -20.42
C THR C 248 -8.92 -33.55 -20.63
N ASP C 249 -9.71 -33.24 -19.60
CA ASP C 249 -10.93 -32.38 -19.69
C ASP C 249 -10.54 -31.00 -20.24
N ILE C 250 -9.51 -30.37 -19.66
CA ILE C 250 -9.09 -28.98 -20.03
C ILE C 250 -8.24 -29.01 -21.30
N GLN C 251 -7.46 -30.07 -21.51
CA GLN C 251 -6.65 -30.28 -22.76
C GLN C 251 -7.57 -30.28 -23.97
N ARG C 252 -8.65 -31.07 -23.92
CA ARG C 252 -9.66 -31.18 -25.01
C ARG C 252 -10.34 -29.81 -25.19
N ALA C 253 -10.62 -29.13 -24.08
CA ALA C 253 -11.22 -27.77 -24.05
C ALA C 253 -10.34 -26.80 -24.85
N ILE C 254 -9.04 -26.75 -24.55
CA ILE C 254 -8.05 -25.85 -25.21
C ILE C 254 -8.02 -26.15 -26.71
N ASN C 255 -7.82 -27.42 -27.09
CA ASN C 255 -7.70 -27.85 -28.52
C ASN C 255 -8.97 -27.46 -29.29
N GLU C 256 -10.13 -27.52 -28.64
CA GLU C 256 -11.44 -27.13 -29.22
C GLU C 256 -11.42 -25.65 -29.63
N THR C 257 -10.75 -24.78 -28.86
CA THR C 257 -10.69 -23.31 -29.12
C THR C 257 -9.76 -23.01 -30.29
N HIS C 258 -8.91 -23.95 -30.71
CA HIS C 258 -7.88 -23.77 -31.76
C HIS C 258 -8.41 -24.12 -33.16
N GLN C 259 -9.57 -24.78 -33.26
CA GLN C 259 -10.14 -25.28 -34.55
C GLN C 259 -10.91 -24.15 -35.25
N GLY C 260 -10.40 -23.69 -36.40
CA GLY C 260 -11.09 -22.76 -37.31
C GLY C 260 -12.44 -23.31 -37.76
N ARG C 261 -13.48 -22.49 -37.70
CA ARG C 261 -14.90 -22.88 -37.95
C ARG C 261 -15.37 -22.34 -39.30
N TYR C 262 -14.87 -21.16 -39.70
CA TYR C 262 -15.14 -20.50 -41.00
C TYR C 262 -14.02 -19.50 -41.25
N GLN C 263 -14.06 -18.79 -42.39
CA GLN C 263 -13.00 -17.83 -42.79
C GLN C 263 -13.65 -16.57 -43.35
N VAL C 264 -13.00 -15.43 -43.13
CA VAL C 264 -13.29 -14.11 -43.75
C VAL C 264 -11.97 -13.55 -44.27
N ASN C 265 -11.72 -13.69 -45.58
CA ASN C 265 -10.43 -13.37 -46.23
C ASN C 265 -9.34 -14.21 -45.54
N THR C 266 -8.27 -13.56 -45.08
CA THR C 266 -7.04 -14.18 -44.51
C THR C 266 -7.25 -14.54 -43.03
N MET C 267 -8.43 -14.32 -42.45
CA MET C 267 -8.72 -14.59 -41.03
C MET C 267 -9.65 -15.81 -40.92
N TYR C 268 -9.27 -16.77 -40.06
CA TYR C 268 -10.07 -17.96 -39.69
C TYR C 268 -10.59 -17.75 -38.27
N GLN C 269 -11.92 -17.75 -38.11
CA GLN C 269 -12.59 -17.57 -36.79
C GLN C 269 -12.62 -18.93 -36.08
N ALA C 270 -11.87 -19.06 -35.00
CA ALA C 270 -11.94 -20.20 -34.04
C ALA C 270 -12.88 -19.83 -32.90
N LEU C 271 -13.00 -20.69 -31.90
CA LEU C 271 -13.75 -20.39 -30.65
C LEU C 271 -12.94 -19.36 -29.85
N GLY C 272 -13.41 -18.11 -29.81
CA GLY C 272 -12.71 -16.99 -29.14
C GLY C 272 -11.52 -16.49 -29.94
N TRP C 273 -10.52 -17.34 -30.16
CA TRP C 273 -9.26 -16.99 -30.86
C TRP C 273 -9.54 -16.60 -32.31
N GLU C 274 -8.74 -15.68 -32.85
CA GLU C 274 -8.65 -15.41 -34.30
C GLU C 274 -7.43 -16.16 -34.83
N GLU C 275 -7.59 -16.92 -35.91
CA GLU C 275 -6.57 -17.84 -36.46
C GLU C 275 -6.07 -17.30 -37.81
N PHE C 276 -4.76 -17.44 -38.03
CA PHE C 276 -4.05 -16.99 -39.27
C PHE C 276 -3.08 -18.08 -39.71
N SER C 277 -2.83 -18.16 -41.01
CA SER C 277 -1.72 -18.94 -41.61
C SER C 277 -0.41 -18.31 -41.17
N TYR C 278 0.53 -19.10 -40.64
CA TYR C 278 1.88 -18.64 -40.23
C TYR C 278 2.92 -19.17 -41.20
N PRO C 279 3.91 -18.35 -41.65
CA PRO C 279 4.04 -16.96 -41.21
C PRO C 279 2.91 -16.05 -41.73
N ALA C 280 2.51 -15.07 -40.92
CA ALA C 280 1.49 -14.04 -41.28
C ALA C 280 2.18 -12.70 -41.54
N THR C 281 1.73 -11.96 -42.55
CA THR C 281 2.17 -10.58 -42.81
C THR C 281 1.54 -9.67 -41.75
N LEU C 282 2.23 -8.60 -41.36
CA LEU C 282 1.73 -7.60 -40.40
C LEU C 282 0.31 -7.17 -40.80
N GLN C 283 0.10 -6.91 -42.09
CA GLN C 283 -1.17 -6.33 -42.62
C GLN C 283 -2.31 -7.36 -42.46
N THR C 284 -2.03 -8.66 -42.55
CA THR C 284 -3.03 -9.74 -42.30
C THR C 284 -3.55 -9.60 -40.87
N LEU C 285 -2.64 -9.37 -39.91
CA LEU C 285 -2.97 -9.25 -38.46
C LEU C 285 -3.72 -7.93 -38.21
N LEU C 286 -3.32 -6.83 -38.85
CA LEU C 286 -3.99 -5.51 -38.73
C LEU C 286 -5.39 -5.57 -39.34
N ASP C 287 -5.57 -6.32 -40.43
CA ASP C 287 -6.86 -6.47 -41.15
C ASP C 287 -7.93 -7.07 -40.22
N SER C 288 -7.54 -7.97 -39.31
CA SER C 288 -8.46 -8.61 -38.34
C SER C 288 -9.12 -7.54 -37.44
N ASN C 289 -8.46 -6.40 -37.21
CA ASN C 289 -8.92 -5.31 -36.31
C ASN C 289 -9.46 -4.12 -37.12
N SER C 290 -9.51 -4.23 -38.45
CA SER C 290 -10.04 -3.17 -39.35
C SER C 290 -11.50 -2.89 -38.98
N GLU C 291 -11.96 -1.66 -39.21
CA GLU C 291 -13.35 -1.22 -38.92
C GLU C 291 -14.32 -2.14 -39.68
N GLN C 292 -13.96 -2.52 -40.91
CA GLN C 292 -14.79 -3.39 -41.81
C GLN C 292 -15.09 -4.72 -41.10
N ILE C 293 -14.06 -5.37 -40.55
CA ILE C 293 -14.15 -6.73 -39.93
C ILE C 293 -14.84 -6.64 -38.56
N VAL C 294 -14.56 -5.59 -37.79
CA VAL C 294 -14.97 -5.48 -36.35
C VAL C 294 -16.39 -4.89 -36.25
N MET C 295 -16.71 -3.85 -37.03
CA MET C 295 -17.93 -3.01 -36.82
C MET C 295 -19.09 -3.49 -37.71
N LYS C 296 -18.81 -4.01 -38.91
CA LYS C 296 -19.83 -4.30 -39.95
C LYS C 296 -19.97 -5.81 -40.18
N PRO C 297 -21.14 -6.29 -40.67
CA PRO C 297 -21.32 -7.69 -41.00
C PRO C 297 -20.49 -8.08 -42.23
N ASN C 298 -20.03 -9.34 -42.27
CA ASN C 298 -19.20 -9.89 -43.40
C ASN C 298 -19.66 -11.32 -43.68
N LYS C 299 -19.89 -11.63 -44.96
CA LYS C 299 -20.25 -12.99 -45.44
C LYS C 299 -19.07 -13.92 -45.12
N VAL C 300 -19.36 -15.05 -44.45
CA VAL C 300 -18.36 -16.10 -44.11
C VAL C 300 -18.34 -17.12 -45.25
N THR C 301 -17.17 -17.68 -45.54
CA THR C 301 -16.96 -18.79 -46.51
C THR C 301 -16.48 -20.02 -45.74
N ALA C 302 -16.76 -21.23 -46.25
CA ALA C 302 -16.23 -22.51 -45.72
C ALA C 302 -14.72 -22.49 -45.85
N ILE C 303 -14.00 -23.17 -44.95
CA ILE C 303 -12.51 -23.25 -44.98
C ILE C 303 -12.13 -24.23 -46.09
N SER C 304 -11.53 -23.74 -47.17
CA SER C 304 -11.13 -24.52 -48.37
C SER C 304 -9.69 -25.00 -48.16
N LYS C 305 -8.73 -24.08 -47.96
CA LYS C 305 -7.30 -24.42 -47.71
C LYS C 305 -7.00 -24.27 -46.21
N GLU C 306 -7.03 -25.39 -45.47
CA GLU C 306 -6.64 -25.47 -44.04
C GLU C 306 -5.12 -25.27 -43.93
N PRO C 307 -4.64 -24.17 -43.31
CA PRO C 307 -3.20 -23.98 -43.13
C PRO C 307 -2.63 -25.09 -42.23
N SER C 308 -1.47 -25.65 -42.60
CA SER C 308 -0.72 -26.66 -41.80
C SER C 308 -0.19 -26.00 -40.52
N VAL C 309 0.35 -24.79 -40.63
CA VAL C 309 1.01 -24.04 -39.52
C VAL C 309 0.18 -22.78 -39.22
N LYS C 310 -0.32 -22.66 -37.98
CA LYS C 310 -1.23 -21.58 -37.56
C LYS C 310 -0.56 -20.67 -36.53
N MET C 311 -1.13 -19.47 -36.36
CA MET C 311 -0.88 -18.57 -35.22
C MET C 311 -2.24 -18.00 -34.79
N TYR C 312 -2.33 -17.50 -33.55
CA TYR C 312 -3.60 -17.03 -32.95
C TYR C 312 -3.35 -15.74 -32.18
N HIS C 313 -4.34 -14.85 -32.17
CA HIS C 313 -4.29 -13.58 -31.38
C HIS C 313 -5.71 -13.13 -31.00
N LYS C 314 -5.77 -12.22 -30.03
CA LYS C 314 -7.01 -11.55 -29.57
C LYS C 314 -6.63 -10.22 -28.94
N THR C 315 -7.32 -9.16 -29.33
CA THR C 315 -7.26 -7.82 -28.72
C THR C 315 -8.45 -7.68 -27.78
N GLY C 316 -8.34 -6.81 -26.79
CA GLY C 316 -9.42 -6.49 -25.84
C GLY C 316 -9.23 -5.11 -25.26
N SER C 317 -10.33 -4.43 -24.98
CA SER C 317 -10.34 -3.09 -24.35
C SER C 317 -11.56 -2.97 -23.44
N THR C 318 -11.40 -2.24 -22.34
CA THR C 318 -12.50 -1.58 -21.60
C THR C 318 -12.31 -0.08 -21.85
N SER C 319 -13.00 0.78 -21.11
CA SER C 319 -12.83 2.25 -21.24
C SER C 319 -11.43 2.63 -20.75
N GLY C 320 -10.85 1.84 -19.84
CA GLY C 320 -9.62 2.19 -19.12
C GLY C 320 -8.44 1.29 -19.42
N PHE C 321 -8.64 0.11 -20.03
CA PHE C 321 -7.57 -0.90 -20.21
C PHE C 321 -7.44 -1.32 -21.68
N GLY C 322 -6.25 -1.80 -22.03
CA GLY C 322 -5.94 -2.47 -23.31
C GLY C 322 -5.28 -3.81 -23.08
N THR C 323 -5.62 -4.82 -23.90
CA THR C 323 -5.07 -6.19 -23.81
C THR C 323 -4.74 -6.70 -25.21
N TYR C 324 -3.64 -7.45 -25.35
CA TYR C 324 -3.30 -8.21 -26.57
C TYR C 324 -2.58 -9.50 -26.17
N VAL C 325 -3.07 -10.63 -26.67
CA VAL C 325 -2.41 -11.95 -26.47
C VAL C 325 -2.25 -12.60 -27.85
N VAL C 326 -1.11 -13.23 -28.09
CA VAL C 326 -0.73 -13.87 -29.37
C VAL C 326 0.19 -15.05 -29.03
N PHE C 327 0.06 -16.15 -29.77
CA PHE C 327 0.92 -17.35 -29.62
C PHE C 327 1.05 -18.04 -30.98
N ILE C 328 2.24 -18.62 -31.21
CA ILE C 328 2.63 -19.34 -32.46
C ILE C 328 3.10 -20.74 -32.05
N PRO C 329 2.21 -21.76 -32.13
CA PRO C 329 2.56 -23.12 -31.72
C PRO C 329 3.89 -23.67 -32.27
N LYS C 330 4.18 -23.49 -33.56
CA LYS C 330 5.36 -24.11 -34.24
C LYS C 330 6.67 -23.50 -33.71
N GLU C 331 6.64 -22.27 -33.19
CA GLU C 331 7.84 -21.56 -32.67
C GLU C 331 7.89 -21.68 -31.14
N ASN C 332 6.87 -22.32 -30.55
CA ASN C 332 6.72 -22.49 -29.07
C ASN C 332 6.90 -21.15 -28.37
N ILE C 333 6.29 -20.08 -28.91
CA ILE C 333 6.45 -18.68 -28.41
C ILE C 333 5.07 -18.00 -28.31
N GLY C 334 4.94 -17.05 -27.38
CA GLY C 334 3.73 -16.23 -27.22
C GLY C 334 4.01 -14.96 -26.45
N LEU C 335 3.06 -14.02 -26.46
CA LEU C 335 3.22 -12.68 -25.87
C LEU C 335 1.90 -12.19 -25.29
N VAL C 336 1.96 -11.49 -24.14
CA VAL C 336 0.83 -10.79 -23.49
C VAL C 336 1.23 -9.32 -23.30
N MET C 337 0.33 -8.39 -23.63
CA MET C 337 0.46 -6.96 -23.28
C MET C 337 -0.80 -6.54 -22.50
N LEU C 338 -0.59 -5.97 -21.32
CA LEU C 338 -1.65 -5.39 -20.45
C LEU C 338 -1.29 -3.93 -20.19
N THR C 339 -2.22 -3.01 -20.46
CA THR C 339 -2.10 -1.56 -20.17
C THR C 339 -3.34 -1.10 -19.40
N ASN C 340 -3.17 -0.15 -18.48
CA ASN C 340 -4.28 0.54 -17.76
C ASN C 340 -4.54 1.88 -18.46
N LYS C 341 -4.39 1.89 -19.78
CA LYS C 341 -4.98 2.89 -20.70
C LYS C 341 -5.14 2.24 -22.08
N ARG C 342 -6.27 2.47 -22.75
CA ARG C 342 -6.50 2.04 -24.15
C ARG C 342 -5.44 2.69 -25.03
N ILE C 343 -4.69 1.89 -25.80
CA ILE C 343 -3.86 2.37 -26.95
C ILE C 343 -4.42 1.70 -28.21
N PRO C 344 -4.23 2.30 -29.41
CA PRO C 344 -4.75 1.71 -30.65
C PRO C 344 -4.33 0.24 -30.83
N ASN C 345 -5.26 -0.58 -31.33
CA ASN C 345 -5.06 -2.03 -31.54
C ASN C 345 -3.86 -2.27 -32.47
N GLU C 346 -3.76 -1.47 -33.54
CA GLU C 346 -2.69 -1.55 -34.57
C GLU C 346 -1.32 -1.44 -33.90
N GLU C 347 -1.18 -0.58 -32.88
CA GLU C 347 0.12 -0.33 -32.19
C GLU C 347 0.51 -1.55 -31.33
N ARG C 348 -0.48 -2.27 -30.78
CA ARG C 348 -0.26 -3.48 -29.96
C ARG C 348 0.23 -4.61 -30.87
N ILE C 349 -0.46 -4.80 -32.01
CA ILE C 349 -0.19 -5.89 -32.99
C ILE C 349 1.21 -5.68 -33.58
N LYS C 350 1.53 -4.46 -34.00
CA LYS C 350 2.82 -4.08 -34.63
C LYS C 350 3.97 -4.33 -33.64
N ALA C 351 3.87 -3.85 -32.40
CA ALA C 351 4.91 -4.00 -31.36
C ALA C 351 5.17 -5.49 -31.10
N ALA C 352 4.10 -6.29 -31.00
CA ALA C 352 4.17 -7.75 -30.75
C ALA C 352 4.81 -8.48 -31.94
N TYR C 353 4.52 -8.01 -33.16
CA TYR C 353 5.02 -8.58 -34.43
C TYR C 353 6.55 -8.43 -34.50
N VAL C 354 7.07 -7.25 -34.20
CA VAL C 354 8.52 -6.94 -34.25
C VAL C 354 9.24 -7.80 -33.19
N VAL C 355 8.72 -7.86 -31.97
CA VAL C 355 9.37 -8.59 -30.83
C VAL C 355 9.41 -10.09 -31.15
N LEU C 356 8.31 -10.69 -31.59
CA LEU C 356 8.21 -12.15 -31.82
C LEU C 356 9.07 -12.57 -33.01
N ASN C 357 9.12 -11.75 -34.08
CA ASN C 357 9.90 -12.03 -35.30
C ASN C 357 11.40 -11.88 -35.02
N ALA C 358 11.80 -10.99 -34.10
CA ALA C 358 13.21 -10.66 -33.81
C ALA C 358 13.83 -11.65 -32.81
N ILE C 359 13.02 -12.25 -31.93
CA ILE C 359 13.50 -13.24 -30.92
C ILE C 359 14.13 -14.42 -31.66
N LYS C 360 15.30 -14.89 -31.22
CA LYS C 360 16.14 -15.89 -31.94
C LYS C 360 15.46 -17.27 -31.87
N ASP D 7 12.96 23.40 7.21
CA ASP D 7 13.01 24.82 6.75
C ASP D 7 14.41 25.37 7.01
N GLN D 8 14.74 25.56 8.29
CA GLN D 8 16.10 25.90 8.80
C GLN D 8 16.64 24.69 9.57
N GLU D 9 15.96 23.53 9.47
CA GLU D 9 16.19 22.35 10.34
C GLU D 9 17.16 21.37 9.69
N ILE D 10 17.79 21.68 8.56
CA ILE D 10 18.79 20.79 7.88
C ILE D 10 20.05 20.72 8.75
N LYS D 11 20.56 21.88 9.19
CA LYS D 11 21.74 22.00 10.10
C LYS D 11 21.53 21.08 11.31
N LYS D 12 20.35 21.16 11.95
CA LYS D 12 20.00 20.37 13.16
C LYS D 12 20.02 18.88 12.80
N LEU D 13 19.44 18.50 11.67
CA LEU D 13 19.33 17.09 11.19
C LEU D 13 20.72 16.51 10.94
N VAL D 14 21.61 17.27 10.30
CA VAL D 14 23.01 16.82 9.99
C VAL D 14 23.82 16.77 11.29
N ASP D 15 23.65 17.77 12.17
CA ASP D 15 24.29 17.83 13.51
C ASP D 15 23.92 16.58 14.33
N GLN D 16 22.68 16.11 14.25
CA GLN D 16 22.23 14.98 15.13
C GLN D 16 22.62 13.64 14.51
N ASN D 17 22.83 13.55 13.19
CA ASN D 17 23.00 12.25 12.47
C ASN D 17 24.43 12.05 11.98
N PHE D 18 25.17 13.11 11.63
CA PHE D 18 26.53 13.03 11.05
C PHE D 18 27.60 13.44 12.07
N LYS D 19 27.39 14.54 12.80
CA LYS D 19 28.38 15.10 13.76
C LYS D 19 28.79 14.07 14.80
N PRO D 20 27.87 13.24 15.36
CA PRO D 20 28.27 12.23 16.35
C PRO D 20 29.30 11.22 15.84
N LEU D 21 29.37 10.99 14.52
CA LEU D 21 30.28 10.00 13.90
C LEU D 21 31.74 10.45 14.03
N LEU D 22 31.99 11.75 14.23
CA LEU D 22 33.36 12.33 14.39
C LEU D 22 33.96 11.85 15.71
N GLU D 23 33.26 12.00 16.83
CA GLU D 23 33.73 11.51 18.16
C GLU D 23 33.82 9.99 18.12
N LYS D 24 32.83 9.33 17.52
CA LYS D 24 32.66 7.85 17.58
C LYS D 24 33.80 7.13 16.85
N TYR D 25 34.23 7.62 15.68
CA TYR D 25 35.27 6.96 14.84
C TYR D 25 36.56 7.80 14.81
N ASP D 26 36.64 8.85 15.63
CA ASP D 26 37.82 9.74 15.75
C ASP D 26 38.18 10.29 14.36
N VAL D 27 37.23 10.98 13.73
CA VAL D 27 37.37 11.60 12.38
C VAL D 27 37.84 13.04 12.56
N PRO D 28 39.06 13.39 12.12
CA PRO D 28 39.53 14.77 12.22
C PRO D 28 38.57 15.79 11.58
N GLY D 29 38.09 15.51 10.36
CA GLY D 29 37.33 16.47 9.55
C GLY D 29 36.23 15.82 8.72
N MET D 30 35.12 16.55 8.52
CA MET D 30 33.95 16.10 7.72
C MET D 30 33.34 17.30 7.01
N ALA D 31 32.86 17.08 5.77
CA ALA D 31 32.02 18.03 5.01
C ALA D 31 30.75 17.29 4.59
N VAL D 32 29.58 17.81 5.00
CA VAL D 32 28.26 17.27 4.60
C VAL D 32 27.52 18.37 3.84
N GLY D 33 27.05 18.04 2.63
CA GLY D 33 26.25 18.94 1.77
C GLY D 33 24.88 18.34 1.50
N VAL D 34 23.83 19.17 1.59
CA VAL D 34 22.45 18.81 1.16
C VAL D 34 22.03 19.80 0.08
N ILE D 35 21.43 19.30 -1.00
CA ILE D 35 20.75 20.13 -2.03
C ILE D 35 19.27 19.74 -2.02
N GLN D 36 18.39 20.72 -1.87
CA GLN D 36 16.90 20.55 -1.87
C GLN D 36 16.29 21.71 -2.66
N ASN D 37 15.54 21.41 -3.72
CA ASN D 37 14.86 22.43 -4.58
C ASN D 37 15.89 23.48 -5.03
N ASN D 38 17.07 23.03 -5.44
CA ASN D 38 18.16 23.86 -6.03
C ASN D 38 18.68 24.87 -5.00
N LYS D 39 18.54 24.57 -3.70
CA LYS D 39 19.16 25.31 -2.58
C LYS D 39 20.23 24.40 -1.96
N LYS D 40 21.48 24.89 -1.89
CA LYS D 40 22.66 24.14 -1.38
C LYS D 40 22.92 24.54 0.07
N TYR D 41 23.10 23.54 0.94
CA TYR D 41 23.45 23.68 2.37
C TYR D 41 24.79 22.96 2.61
N GLU D 42 25.81 23.70 3.05
CA GLU D 42 27.17 23.19 3.33
C GLU D 42 27.42 23.23 4.84
N MET D 43 27.71 22.07 5.44
CA MET D 43 28.14 21.96 6.86
C MET D 43 29.57 21.41 6.91
N TYR D 44 30.46 22.11 7.61
CA TYR D 44 31.89 21.76 7.79
C TYR D 44 32.16 21.52 9.28
N TYR D 45 32.85 20.42 9.59
CA TYR D 45 33.24 20.04 10.96
C TYR D 45 34.74 19.72 10.99
N GLY D 46 35.43 20.18 12.04
CA GLY D 46 36.78 19.72 12.40
C GLY D 46 37.85 20.20 11.43
N LEU D 47 38.92 19.40 11.28
CA LEU D 47 40.21 19.82 10.69
C LEU D 47 40.50 19.07 9.38
N GLN D 48 40.89 19.83 8.36
CA GLN D 48 41.45 19.36 7.07
C GLN D 48 42.87 18.82 7.33
N SER D 49 43.62 19.47 8.23
CA SER D 49 44.96 19.05 8.71
C SER D 49 45.04 19.20 10.24
N VAL D 50 45.31 18.10 10.95
CA VAL D 50 45.43 18.09 12.44
C VAL D 50 46.66 18.92 12.83
N GLN D 51 47.84 18.61 12.28
CA GLN D 51 49.12 19.25 12.67
C GLN D 51 49.11 20.75 12.33
N ASP D 52 48.49 21.15 11.22
CA ASP D 52 48.48 22.57 10.75
C ASP D 52 47.32 23.34 11.39
N LYS D 53 46.41 22.64 12.08
CA LYS D 53 45.20 23.22 12.75
C LYS D 53 44.36 23.98 11.72
N LYS D 54 44.23 23.45 10.51
CA LYS D 54 43.44 24.04 9.39
C LYS D 54 42.04 23.43 9.42
N ALA D 55 41.02 24.29 9.55
CA ALA D 55 39.60 23.90 9.62
C ALA D 55 39.15 23.45 8.23
N VAL D 56 38.30 22.42 8.19
CA VAL D 56 37.57 22.01 6.95
C VAL D 56 36.71 23.20 6.53
N ASN D 57 36.79 23.58 5.26
CA ASN D 57 36.01 24.73 4.69
C ASN D 57 35.69 24.41 3.23
N SER D 58 35.05 25.34 2.54
CA SER D 58 34.51 25.16 1.17
C SER D 58 35.64 24.94 0.15
N ASN D 59 36.90 25.23 0.52
CA ASN D 59 38.07 25.04 -0.38
C ASN D 59 38.76 23.70 -0.12
N THR D 60 38.42 23.00 0.96
CA THR D 60 39.06 21.72 1.34
C THR D 60 38.83 20.69 0.23
N ILE D 61 39.92 20.13 -0.30
CA ILE D 61 39.89 19.06 -1.35
C ILE D 61 40.02 17.70 -0.66
N PHE D 62 39.06 16.79 -0.90
CA PHE D 62 39.03 15.41 -0.37
C PHE D 62 39.24 14.40 -1.51
N GLU D 63 39.78 13.22 -1.20
CA GLU D 63 39.83 12.05 -2.11
C GLU D 63 38.45 11.38 -2.13
N LEU D 64 37.88 11.20 -3.32
CA LEU D 64 36.52 10.63 -3.53
C LEU D 64 36.57 9.09 -3.52
N GLY D 65 37.75 8.51 -3.71
CA GLY D 65 37.89 7.06 -3.92
C GLY D 65 36.98 6.57 -5.03
N SER D 66 36.21 5.52 -4.78
CA SER D 66 35.40 4.81 -5.81
C SER D 66 34.27 5.69 -6.37
N VAL D 67 33.96 6.82 -5.74
CA VAL D 67 32.99 7.81 -6.29
C VAL D 67 33.59 8.41 -7.58
N SER D 68 34.90 8.26 -7.78
CA SER D 68 35.62 8.61 -9.03
C SER D 68 34.95 7.94 -10.23
N LYS D 69 34.42 6.72 -10.04
CA LYS D 69 33.83 5.88 -11.12
C LYS D 69 32.63 6.59 -11.74
N LEU D 70 31.97 7.49 -11.01
CA LEU D 70 30.80 8.27 -11.51
C LEU D 70 31.25 9.24 -12.60
N PHE D 71 32.49 9.76 -12.51
CA PHE D 71 33.06 10.69 -13.51
C PHE D 71 33.54 9.88 -14.72
N THR D 72 34.10 8.69 -14.50
CA THR D 72 34.48 7.71 -15.55
C THR D 72 33.23 7.32 -16.36
N ALA D 73 32.13 7.05 -15.67
CA ALA D 73 30.82 6.70 -16.27
C ALA D 73 30.31 7.86 -17.11
N THR D 74 30.33 9.07 -16.54
CA THR D 74 29.87 10.33 -17.20
C THR D 74 30.71 10.56 -18.47
N ALA D 75 32.03 10.34 -18.39
CA ALA D 75 32.98 10.47 -19.52
C ALA D 75 32.61 9.46 -20.62
N GLY D 76 32.25 8.23 -20.24
CA GLY D 76 31.80 7.17 -21.16
C GLY D 76 30.51 7.56 -21.85
N GLY D 77 29.54 8.06 -21.09
CA GLY D 77 28.24 8.55 -21.61
C GLY D 77 28.42 9.71 -22.57
N TYR D 78 29.42 10.56 -22.33
CA TYR D 78 29.75 11.75 -23.17
C TYR D 78 30.30 11.27 -24.52
N ALA D 79 31.31 10.39 -24.48
CA ALA D 79 31.97 9.79 -25.66
C ALA D 79 30.95 9.03 -26.52
N LYS D 80 30.09 8.22 -25.88
CA LYS D 80 29.08 7.37 -26.57
C LYS D 80 28.08 8.24 -27.34
N ASN D 81 27.60 9.33 -26.72
CA ASN D 81 26.53 10.21 -27.28
C ASN D 81 27.13 11.23 -28.26
N LYS D 82 28.46 11.28 -28.39
CA LYS D 82 29.18 12.03 -29.47
C LYS D 82 29.65 11.06 -30.56
N GLY D 83 29.30 9.78 -30.44
CA GLY D 83 29.59 8.73 -31.43
C GLY D 83 31.06 8.33 -31.47
N LYS D 84 31.83 8.64 -30.43
CA LYS D 84 33.28 8.32 -30.32
C LYS D 84 33.45 6.84 -29.98
N ILE D 85 32.49 6.26 -29.25
CA ILE D 85 32.44 4.82 -28.88
C ILE D 85 31.00 4.33 -28.97
N SER D 86 30.84 3.01 -29.09
CA SER D 86 29.58 2.26 -28.89
C SER D 86 29.82 1.26 -27.76
N PHE D 87 28.81 1.01 -26.93
CA PHE D 87 28.88 0.09 -25.77
C PHE D 87 28.97 -1.37 -26.26
N ASP D 88 28.69 -1.61 -27.55
CA ASP D 88 28.79 -2.94 -28.21
C ASP D 88 30.22 -3.18 -28.70
N ASP D 89 31.04 -2.13 -28.81
CA ASP D 89 32.46 -2.22 -29.22
C ASP D 89 33.25 -3.00 -28.16
N THR D 90 34.47 -3.42 -28.50
CA THR D 90 35.41 -4.16 -27.62
C THR D 90 36.68 -3.33 -27.47
N PRO D 91 37.51 -3.55 -26.42
CA PRO D 91 38.68 -2.71 -26.18
C PRO D 91 39.70 -2.70 -27.33
N GLY D 92 39.78 -3.78 -28.11
CA GLY D 92 40.73 -3.95 -29.24
C GLY D 92 40.56 -2.89 -30.31
N LYS D 93 39.34 -2.37 -30.49
CA LYS D 93 38.99 -1.36 -31.52
C LYS D 93 39.76 -0.05 -31.27
N TYR D 94 40.08 0.26 -30.01
CA TYR D 94 40.68 1.55 -29.58
C TYR D 94 42.10 1.33 -29.05
N TRP D 95 42.30 0.29 -28.23
CA TRP D 95 43.65 -0.20 -27.81
C TRP D 95 44.05 -1.33 -28.76
N LYS D 96 44.79 -1.01 -29.82
CA LYS D 96 45.04 -1.87 -31.00
C LYS D 96 45.87 -3.10 -30.60
N GLU D 97 46.64 -2.99 -29.50
CA GLU D 97 47.56 -4.04 -28.99
C GLU D 97 46.76 -5.15 -28.30
N LEU D 98 45.43 -5.01 -28.16
CA LEU D 98 44.53 -6.02 -27.55
C LEU D 98 43.69 -6.72 -28.62
N LYS D 99 43.78 -6.30 -29.89
CA LYS D 99 43.06 -6.93 -31.02
C LYS D 99 43.41 -8.43 -31.10
N ASN D 100 42.41 -9.29 -31.25
CA ASN D 100 42.55 -10.76 -31.44
C ASN D 100 43.13 -11.41 -30.19
N THR D 101 42.87 -10.84 -29.01
CA THR D 101 43.17 -11.44 -27.68
C THR D 101 41.85 -11.82 -27.02
N PRO D 102 41.85 -12.71 -26.00
CA PRO D 102 40.61 -13.13 -25.34
C PRO D 102 39.76 -11.99 -24.73
N ILE D 103 40.39 -10.97 -24.14
CA ILE D 103 39.70 -9.80 -23.50
C ILE D 103 38.92 -9.01 -24.56
N ASP D 104 39.31 -9.14 -25.84
CA ASP D 104 38.67 -8.42 -26.98
C ASP D 104 37.29 -9.02 -27.29
N GLN D 105 36.86 -10.05 -26.56
CA GLN D 105 35.50 -10.65 -26.69
C GLN D 105 34.55 -10.06 -25.64
N VAL D 106 35.05 -9.17 -24.77
CA VAL D 106 34.27 -8.42 -23.74
C VAL D 106 33.95 -7.03 -24.29
N ASN D 107 32.69 -6.61 -24.23
CA ASN D 107 32.24 -5.28 -24.77
C ASN D 107 32.45 -4.21 -23.69
N LEU D 108 32.36 -2.93 -24.07
CA LEU D 108 32.69 -1.77 -23.20
C LEU D 108 31.71 -1.70 -22.02
N LEU D 109 30.41 -1.94 -22.28
CA LEU D 109 29.35 -1.90 -21.25
C LEU D 109 29.62 -2.97 -20.19
N GLN D 110 30.11 -4.15 -20.60
CA GLN D 110 30.42 -5.28 -19.70
C GLN D 110 31.60 -4.91 -18.79
N LEU D 111 32.63 -4.26 -19.35
CA LEU D 111 33.79 -3.74 -18.57
C LEU D 111 33.31 -2.69 -17.56
N ALA D 112 32.47 -1.75 -18.01
CA ALA D 112 31.96 -0.61 -17.23
C ALA D 112 31.08 -1.07 -16.07
N THR D 113 30.40 -2.22 -16.21
CA THR D 113 29.41 -2.75 -15.23
C THR D 113 29.87 -4.09 -14.65
N TYR D 114 31.17 -4.41 -14.78
CA TYR D 114 31.89 -5.41 -13.95
C TYR D 114 31.49 -6.86 -14.28
N THR D 115 31.12 -7.17 -15.53
CA THR D 115 30.60 -8.52 -15.93
C THR D 115 31.55 -9.23 -16.91
N SER D 116 32.86 -8.97 -16.84
CA SER D 116 33.88 -9.60 -17.72
C SER D 116 33.95 -11.11 -17.46
N GLY D 117 33.71 -11.53 -16.22
CA GLY D 117 33.70 -12.95 -15.79
C GLY D 117 34.98 -13.36 -15.10
N ASN D 118 36.06 -12.58 -15.24
CA ASN D 118 37.40 -12.94 -14.68
C ASN D 118 38.23 -11.68 -14.39
N LEU D 119 37.64 -10.68 -13.74
CA LEU D 119 38.38 -9.48 -13.24
C LEU D 119 38.03 -9.27 -11.76
N ALA D 120 39.04 -9.36 -10.90
CA ALA D 120 38.93 -9.26 -9.42
C ALA D 120 38.83 -7.78 -9.01
N LEU D 121 38.62 -7.55 -7.70
CA LEU D 121 38.49 -6.21 -7.09
C LEU D 121 39.68 -5.32 -7.50
N GLN D 122 40.90 -5.83 -7.33
CA GLN D 122 42.17 -5.10 -7.60
C GLN D 122 43.01 -5.85 -8.62
N PHE D 123 43.87 -5.13 -9.33
CA PHE D 123 45.03 -5.68 -10.09
C PHE D 123 45.86 -6.55 -9.15
N PRO D 124 46.61 -7.55 -9.68
CA PRO D 124 47.61 -8.24 -8.86
C PRO D 124 48.65 -7.25 -8.34
N ASP D 125 49.25 -7.55 -7.19
CA ASP D 125 50.30 -6.73 -6.52
C ASP D 125 51.45 -6.44 -7.50
N GLU D 126 51.73 -7.35 -8.44
CA GLU D 126 52.90 -7.25 -9.36
C GLU D 126 52.64 -6.18 -10.45
N VAL D 127 51.38 -5.87 -10.75
CA VAL D 127 51.00 -4.91 -11.83
C VAL D 127 51.14 -3.48 -11.29
N GLN D 128 52.04 -2.69 -11.90
CA GLN D 128 52.24 -1.25 -11.59
C GLN D 128 52.49 -0.45 -12.88
N THR D 129 53.53 -0.79 -13.63
CA THR D 129 54.00 -0.04 -14.84
C THR D 129 52.99 -0.19 -15.97
N ASP D 130 53.02 0.74 -16.92
CA ASP D 130 52.14 0.77 -18.13
C ASP D 130 52.29 -0.55 -18.89
N GLN D 131 53.52 -1.06 -19.00
CA GLN D 131 53.86 -2.31 -19.75
C GLN D 131 53.25 -3.52 -19.03
N GLN D 132 53.30 -3.55 -17.69
CA GLN D 132 52.76 -4.67 -16.87
C GLN D 132 51.23 -4.69 -16.96
N VAL D 133 50.60 -3.53 -17.17
CA VAL D 133 49.12 -3.40 -17.36
C VAL D 133 48.75 -4.00 -18.73
N LEU D 134 49.50 -3.64 -19.78
CA LEU D 134 49.29 -4.14 -21.16
C LEU D 134 49.43 -5.66 -21.19
N THR D 135 50.49 -6.18 -20.54
CA THR D 135 50.77 -7.64 -20.40
C THR D 135 49.58 -8.33 -19.71
N PHE D 136 49.07 -7.76 -18.62
CA PHE D 136 47.98 -8.35 -17.79
C PHE D 136 46.74 -8.61 -18.67
N PHE D 137 46.40 -7.66 -19.55
CA PHE D 137 45.18 -7.70 -20.41
C PHE D 137 45.42 -8.60 -21.62
N LYS D 138 46.64 -8.58 -22.20
CA LYS D 138 47.07 -9.51 -23.28
C LYS D 138 46.98 -10.96 -22.78
N ASP D 139 47.49 -11.21 -21.56
CA ASP D 139 47.56 -12.56 -20.92
C ASP D 139 46.23 -12.92 -20.27
N TRP D 140 45.21 -12.06 -20.37
CA TRP D 140 43.86 -12.31 -19.79
C TRP D 140 43.17 -13.43 -20.57
N LYS D 141 42.52 -14.35 -19.84
CA LYS D 141 41.72 -15.47 -20.39
C LYS D 141 40.38 -15.50 -19.65
N PRO D 142 39.24 -15.80 -20.33
CA PRO D 142 37.95 -15.87 -19.67
C PRO D 142 37.87 -16.94 -18.56
N LYS D 143 36.90 -16.80 -17.66
CA LYS D 143 36.53 -17.82 -16.65
C LYS D 143 35.00 -18.01 -16.69
N ASN D 144 34.24 -17.21 -15.93
CA ASN D 144 32.76 -17.23 -15.94
C ASN D 144 32.28 -16.72 -17.29
N PRO D 145 31.09 -17.14 -17.77
CA PRO D 145 30.59 -16.70 -19.08
C PRO D 145 30.49 -15.16 -19.16
N ILE D 146 31.10 -14.57 -20.17
CA ILE D 146 31.13 -13.09 -20.42
C ILE D 146 29.70 -12.55 -20.34
N GLY D 147 29.44 -11.67 -19.37
CA GLY D 147 28.21 -10.85 -19.27
C GLY D 147 27.21 -11.39 -18.27
N GLU D 148 27.50 -12.51 -17.62
CA GLU D 148 26.54 -13.24 -16.75
C GLU D 148 26.77 -12.91 -15.27
N TYR D 149 28.01 -12.65 -14.86
CA TYR D 149 28.42 -12.52 -13.43
C TYR D 149 29.02 -11.14 -13.16
N ARG D 150 28.42 -10.39 -12.23
CA ARG D 150 28.93 -9.09 -11.72
C ARG D 150 29.93 -9.35 -10.59
N GLN D 151 31.18 -8.91 -10.77
CA GLN D 151 32.19 -8.81 -9.70
C GLN D 151 32.79 -7.39 -9.71
N TYR D 152 32.53 -6.61 -8.66
CA TYR D 152 33.02 -5.21 -8.51
C TYR D 152 34.53 -5.22 -8.71
N SER D 153 35.03 -4.39 -9.64
CA SER D 153 36.42 -4.49 -10.17
C SER D 153 36.94 -3.10 -10.58
N ASN D 154 38.05 -2.66 -9.97
CA ASN D 154 38.79 -1.43 -10.36
C ASN D 154 39.40 -1.62 -11.74
N PRO D 155 40.11 -2.75 -12.03
CA PRO D 155 40.66 -3.00 -13.36
C PRO D 155 39.63 -2.93 -14.50
N SER D 156 38.44 -3.50 -14.28
CA SER D 156 37.34 -3.56 -15.27
C SER D 156 36.99 -2.13 -15.74
N ILE D 157 36.57 -1.25 -14.82
CA ILE D 157 36.18 0.16 -15.15
C ILE D 157 37.43 0.97 -15.50
N GLY D 158 38.58 0.61 -14.93
CA GLY D 158 39.91 1.13 -15.32
C GLY D 158 40.15 1.02 -16.81
N LEU D 159 40.00 -0.18 -17.39
CA LEU D 159 40.19 -0.44 -18.85
C LEU D 159 39.15 0.36 -19.64
N PHE D 160 37.90 0.38 -19.19
CA PHE D 160 36.80 1.15 -19.81
C PHE D 160 37.21 2.62 -19.94
N GLY D 161 37.76 3.19 -18.86
CA GLY D 161 38.24 4.59 -18.80
C GLY D 161 39.35 4.84 -19.81
N LYS D 162 40.35 3.96 -19.86
CA LYS D 162 41.50 4.05 -20.80
C LYS D 162 40.99 4.03 -22.24
N VAL D 163 40.03 3.15 -22.54
CA VAL D 163 39.43 2.98 -23.90
C VAL D 163 38.68 4.27 -24.28
N VAL D 164 37.86 4.80 -23.37
CA VAL D 164 37.10 6.08 -23.53
C VAL D 164 38.08 7.20 -23.86
N ALA D 165 39.20 7.26 -23.13
CA ALA D 165 40.29 8.26 -23.32
C ALA D 165 40.82 8.15 -24.76
N LEU D 166 41.28 6.97 -25.16
CA LEU D 166 41.82 6.68 -26.53
C LEU D 166 40.82 7.15 -27.58
N SER D 167 39.52 6.87 -27.38
CA SER D 167 38.42 7.20 -28.32
C SER D 167 38.32 8.72 -28.55
N MET D 168 38.71 9.53 -27.56
CA MET D 168 38.63 11.01 -27.61
C MET D 168 40.03 11.62 -27.81
N ASN D 169 41.06 10.78 -28.05
CA ASN D 169 42.44 11.20 -28.45
C ASN D 169 43.05 12.11 -27.37
N LYS D 170 42.80 11.81 -26.10
CA LYS D 170 43.42 12.50 -24.93
C LYS D 170 43.77 11.47 -23.86
N PRO D 171 44.76 11.75 -22.99
CA PRO D 171 44.92 11.00 -21.74
C PRO D 171 43.66 11.18 -20.87
N PHE D 172 43.39 10.20 -19.99
CA PHE D 172 42.16 10.16 -19.15
C PHE D 172 42.09 11.40 -18.26
N ASP D 173 43.21 11.79 -17.63
CA ASP D 173 43.30 12.97 -16.74
C ASP D 173 42.81 14.22 -17.49
N GLN D 174 43.13 14.32 -18.79
CA GLN D 174 42.74 15.47 -19.64
C GLN D 174 41.24 15.40 -19.96
N VAL D 175 40.71 14.20 -20.18
CA VAL D 175 39.26 13.99 -20.50
C VAL D 175 38.44 14.61 -19.36
N LEU D 176 38.82 14.37 -18.11
CA LEU D 176 38.06 14.89 -16.94
C LEU D 176 38.35 16.38 -16.76
N GLU D 177 39.63 16.77 -16.67
CA GLU D 177 40.06 18.14 -16.28
C GLU D 177 39.70 19.17 -17.36
N LYS D 178 39.70 18.80 -18.65
CA LYS D 178 39.53 19.75 -19.78
C LYS D 178 38.13 19.66 -20.41
N THR D 179 37.42 18.53 -20.31
CA THR D 179 36.09 18.32 -20.97
C THR D 179 34.98 18.17 -19.93
N ILE D 180 35.02 17.11 -19.11
CA ILE D 180 33.87 16.67 -18.26
C ILE D 180 33.68 17.62 -17.06
N PHE D 181 34.74 17.91 -16.30
CA PHE D 181 34.67 18.80 -15.09
C PHE D 181 34.17 20.18 -15.49
N PRO D 182 34.78 20.87 -16.49
CA PRO D 182 34.27 22.18 -16.94
C PRO D 182 32.80 22.11 -17.39
N ALA D 183 32.44 21.09 -18.18
CA ALA D 183 31.07 20.89 -18.72
C ALA D 183 30.05 20.77 -17.59
N LEU D 184 30.45 20.23 -16.43
CA LEU D 184 29.60 20.05 -15.22
C LEU D 184 29.66 21.29 -14.32
N GLY D 185 30.55 22.24 -14.62
CA GLY D 185 30.75 23.49 -13.84
C GLY D 185 31.55 23.24 -12.56
N LEU D 186 32.48 22.27 -12.58
CA LEU D 186 33.36 21.94 -11.44
C LEU D 186 34.67 22.73 -11.58
N LYS D 187 35.03 23.50 -10.55
CA LYS D 187 36.15 24.48 -10.58
C LYS D 187 37.36 23.95 -9.80
N HIS D 188 37.14 23.08 -8.80
CA HIS D 188 38.20 22.60 -7.88
C HIS D 188 38.14 21.06 -7.76
N SER D 189 37.89 20.40 -8.88
CA SER D 189 37.91 18.91 -9.04
C SER D 189 39.12 18.54 -9.89
N TYR D 190 39.89 17.54 -9.44
CA TYR D 190 41.23 17.21 -10.00
C TYR D 190 41.43 15.69 -10.03
N VAL D 191 42.09 15.21 -11.09
CA VAL D 191 42.81 13.90 -11.11
C VAL D 191 44.18 14.12 -10.46
N ASN D 192 44.85 15.23 -10.79
CA ASN D 192 46.15 15.65 -10.20
C ASN D 192 46.00 17.04 -9.57
N VAL D 193 46.12 17.14 -8.25
CA VAL D 193 46.00 18.43 -7.50
C VAL D 193 47.22 19.28 -7.83
N PRO D 194 47.05 20.47 -8.45
CA PRO D 194 48.17 21.34 -8.78
C PRO D 194 48.83 21.95 -7.53
N LYS D 195 50.10 22.34 -7.68
CA LYS D 195 50.97 22.94 -6.63
C LYS D 195 50.24 24.09 -5.90
N THR D 196 49.44 24.87 -6.64
CA THR D 196 48.75 26.08 -6.14
C THR D 196 47.55 25.72 -5.25
N GLN D 197 47.14 24.44 -5.20
CA GLN D 197 45.94 23.98 -4.45
C GLN D 197 46.33 23.00 -3.34
N MET D 198 47.62 22.71 -3.18
CA MET D 198 48.11 21.69 -2.20
C MET D 198 47.82 22.13 -0.77
N GLN D 199 47.72 23.43 -0.51
CA GLN D 199 47.41 23.99 0.84
C GLN D 199 45.93 23.72 1.17
N ASN D 200 45.11 23.43 0.16
CA ASN D 200 43.66 23.13 0.31
C ASN D 200 43.41 21.62 0.35
N TYR D 201 44.44 20.81 0.04
CA TYR D 201 44.33 19.34 -0.08
C TYR D 201 44.46 18.73 1.31
N ALA D 202 43.33 18.26 1.87
CA ALA D 202 43.26 17.61 3.20
C ALA D 202 44.25 16.45 3.24
N PHE D 203 44.83 16.18 4.41
CA PHE D 203 45.46 14.89 4.73
C PHE D 203 44.32 13.90 5.02
N GLY D 204 44.42 12.68 4.47
CA GLY D 204 43.66 11.51 4.96
C GLY D 204 44.30 11.00 6.23
N TYR D 205 43.53 10.31 7.07
CA TYR D 205 44.01 9.71 8.35
C TYR D 205 43.63 8.23 8.36
N ASN D 206 44.62 7.37 8.66
CA ASN D 206 44.47 5.90 8.64
C ASN D 206 43.96 5.47 10.03
N GLN D 207 43.83 4.17 10.25
CA GLN D 207 43.17 3.61 11.47
C GLN D 207 43.99 3.94 12.72
N GLU D 208 45.27 4.28 12.54
CA GLU D 208 46.22 4.67 13.61
C GLU D 208 46.27 6.21 13.72
N ASN D 209 45.46 6.91 12.93
CA ASN D 209 45.31 8.40 12.91
C ASN D 209 46.62 9.05 12.43
N GLN D 210 47.37 8.39 11.55
CA GLN D 210 48.56 8.95 10.88
C GLN D 210 48.11 9.58 9.57
N PRO D 211 48.65 10.76 9.19
CA PRO D 211 48.31 11.38 7.92
C PRO D 211 48.85 10.57 6.74
N ILE D 212 48.05 10.46 5.67
CA ILE D 212 48.34 9.63 4.46
C ILE D 212 47.58 10.22 3.28
N ARG D 213 48.12 10.07 2.07
CA ARG D 213 47.47 10.40 0.78
C ARG D 213 47.56 9.18 -0.14
N VAL D 214 46.69 9.15 -1.16
CA VAL D 214 46.56 8.03 -2.14
C VAL D 214 47.86 7.97 -2.95
N ASN D 215 48.44 6.77 -3.11
CA ASN D 215 49.65 6.54 -3.95
C ASN D 215 49.25 6.38 -5.41
N PRO D 216 50.13 6.72 -6.37
CA PRO D 216 49.92 6.31 -7.77
C PRO D 216 49.68 4.79 -7.85
N GLY D 217 48.81 4.37 -8.76
CA GLY D 217 48.52 2.94 -9.03
C GLY D 217 48.19 2.70 -10.49
N PRO D 218 48.15 1.42 -10.95
CA PRO D 218 47.77 1.11 -12.33
C PRO D 218 46.31 1.48 -12.61
N LEU D 219 46.07 2.26 -13.67
CA LEU D 219 44.74 2.82 -14.07
C LEU D 219 43.97 3.26 -12.82
N ASP D 220 44.61 4.06 -11.97
CA ASP D 220 44.05 4.54 -10.69
C ASP D 220 42.94 5.57 -10.98
N ALA D 221 43.22 6.56 -11.84
CA ALA D 221 42.36 7.75 -12.05
C ALA D 221 40.91 7.35 -12.30
N PRO D 222 40.60 6.44 -13.26
CA PRO D 222 39.22 6.08 -13.57
C PRO D 222 38.49 5.31 -12.47
N ALA D 223 39.23 4.65 -11.57
CA ALA D 223 38.69 3.71 -10.56
C ALA D 223 38.53 4.40 -9.19
N TYR D 224 39.48 5.25 -8.78
CA TYR D 224 39.51 5.83 -7.42
C TYR D 224 40.36 7.10 -7.31
N GLY D 225 40.69 7.77 -8.42
CA GLY D 225 41.81 8.74 -8.46
C GLY D 225 41.39 10.20 -8.44
N VAL D 226 40.09 10.51 -8.33
CA VAL D 226 39.56 11.91 -8.41
C VAL D 226 39.52 12.52 -7.00
N LYS D 227 39.81 13.82 -6.91
CA LYS D 227 39.71 14.65 -5.68
C LYS D 227 38.80 15.85 -5.99
N SER D 228 38.03 16.30 -5.00
CA SER D 228 37.02 17.38 -5.18
C SER D 228 36.71 18.08 -3.85
N THR D 229 36.02 19.20 -3.92
CA THR D 229 35.53 20.00 -2.76
C THR D 229 34.06 19.67 -2.56
N LEU D 230 33.48 20.07 -1.43
CA LEU D 230 32.03 19.90 -1.15
C LEU D 230 31.20 20.70 -2.16
N PRO D 231 31.50 21.99 -2.41
CA PRO D 231 30.74 22.77 -3.39
C PRO D 231 30.71 22.13 -4.78
N ASP D 232 31.83 21.57 -5.24
CA ASP D 232 31.93 20.89 -6.55
C ASP D 232 31.02 19.65 -6.56
N MET D 233 31.07 18.83 -5.51
CA MET D 233 30.25 17.60 -5.44
C MET D 233 28.76 17.97 -5.34
N LEU D 234 28.42 19.08 -4.68
CA LEU D 234 27.02 19.58 -4.64
C LEU D 234 26.57 20.01 -6.04
N SER D 235 27.47 20.62 -6.82
CA SER D 235 27.23 21.00 -8.24
C SER D 235 27.00 19.73 -9.07
N PHE D 236 27.78 18.67 -8.83
CA PHE D 236 27.69 17.36 -9.53
C PHE D 236 26.35 16.70 -9.24
N ILE D 237 25.85 16.80 -7.99
CA ILE D 237 24.52 16.25 -7.62
C ILE D 237 23.44 17.09 -8.30
N HIS D 238 23.58 18.41 -8.31
CA HIS D 238 22.65 19.36 -8.98
C HIS D 238 22.51 18.98 -10.46
N ALA D 239 23.63 18.67 -11.13
CA ALA D 239 23.66 18.25 -12.55
C ALA D 239 22.90 16.94 -12.73
N ASN D 240 23.08 15.99 -11.82
CA ASN D 240 22.41 14.66 -11.86
C ASN D 240 20.91 14.84 -11.58
N LEU D 241 20.53 15.84 -10.79
CA LEU D 241 19.11 16.12 -10.44
C LEU D 241 18.42 16.89 -11.56
N ASN D 242 19.16 17.74 -12.30
CA ASN D 242 18.61 18.66 -13.34
C ASN D 242 19.45 18.58 -14.61
N PRO D 243 19.57 17.41 -15.26
CA PRO D 243 20.39 17.28 -16.46
C PRO D 243 19.85 18.11 -17.65
N GLN D 244 18.56 18.43 -17.64
CA GLN D 244 17.86 19.24 -18.69
C GLN D 244 18.41 20.67 -18.73
N LYS D 245 19.03 21.14 -17.64
CA LYS D 245 19.52 22.56 -17.51
C LYS D 245 20.96 22.69 -18.04
N TYR D 246 21.50 21.65 -18.69
CA TYR D 246 22.92 21.59 -19.13
C TYR D 246 22.98 21.41 -20.64
N PRO D 247 24.10 21.84 -21.29
CA PRO D 247 24.32 21.58 -22.71
C PRO D 247 24.02 20.12 -23.12
N THR D 248 23.61 19.93 -24.37
CA THR D 248 23.19 18.64 -24.97
C THR D 248 24.20 17.53 -24.66
N ASP D 249 25.48 17.76 -24.95
CA ASP D 249 26.55 16.73 -24.87
C ASP D 249 26.63 16.13 -23.46
N ILE D 250 26.68 16.98 -22.43
CA ILE D 250 26.86 16.56 -21.01
C ILE D 250 25.51 16.09 -20.43
N GLN D 251 24.39 16.68 -20.88
CA GLN D 251 23.02 16.27 -20.48
C GLN D 251 22.78 14.81 -20.88
N ARG D 252 23.11 14.46 -22.12
CA ARG D 252 22.96 13.09 -22.67
C ARG D 252 23.90 12.16 -21.90
N ALA D 253 25.11 12.63 -21.57
CA ALA D 253 26.12 11.89 -20.79
C ALA D 253 25.54 11.52 -19.43
N ILE D 254 24.98 12.50 -18.70
CA ILE D 254 24.37 12.31 -17.35
C ILE D 254 23.26 11.28 -17.43
N ASN D 255 22.29 11.47 -18.35
CA ASN D 255 21.10 10.59 -18.50
C ASN D 255 21.54 9.16 -18.79
N GLU D 256 22.63 9.00 -19.55
CA GLU D 256 23.23 7.67 -19.87
C GLU D 256 23.66 6.94 -18.59
N THR D 257 24.14 7.67 -17.57
CA THR D 257 24.63 7.10 -16.29
C THR D 257 23.46 6.66 -15.41
N HIS D 258 22.24 7.12 -15.69
CA HIS D 258 21.02 6.88 -14.87
C HIS D 258 20.25 5.62 -15.31
N GLN D 259 20.58 5.06 -16.48
CA GLN D 259 19.86 3.91 -17.10
C GLN D 259 20.40 2.61 -16.50
N GLY D 260 19.55 1.91 -15.73
CA GLY D 260 19.82 0.55 -15.23
C GLY D 260 20.06 -0.42 -16.39
N ARG D 261 21.09 -1.25 -16.28
CA ARG D 261 21.59 -2.16 -17.35
C ARG D 261 21.22 -3.61 -17.02
N TYR D 262 21.25 -3.96 -15.73
CA TYR D 262 20.88 -5.30 -15.20
C TYR D 262 20.54 -5.13 -13.72
N GLN D 263 20.15 -6.22 -13.05
CA GLN D 263 19.75 -6.18 -11.63
C GLN D 263 20.40 -7.34 -10.88
N VAL D 264 20.71 -7.10 -9.61
CA VAL D 264 21.14 -8.13 -8.62
C VAL D 264 20.28 -7.92 -7.38
N ASN D 265 19.24 -8.75 -7.21
CA ASN D 265 18.22 -8.62 -6.14
C ASN D 265 17.58 -7.24 -6.28
N THR D 266 17.55 -6.46 -5.21
CA THR D 266 16.85 -5.14 -5.10
C THR D 266 17.70 -4.01 -5.68
N MET D 267 18.89 -4.30 -6.23
CA MET D 267 19.82 -3.28 -6.78
C MET D 267 19.83 -3.37 -8.31
N TYR D 268 19.73 -2.22 -8.98
CA TYR D 268 19.89 -2.06 -10.45
C TYR D 268 21.23 -1.37 -10.71
N GLN D 269 22.13 -2.03 -11.43
CA GLN D 269 23.46 -1.51 -11.80
C GLN D 269 23.30 -0.58 -13.01
N ALA D 270 23.50 0.73 -12.80
CA ALA D 270 23.64 1.74 -13.88
C ALA D 270 25.13 1.93 -14.19
N LEU D 271 25.44 2.87 -15.09
CA LEU D 271 26.84 3.29 -15.37
C LEU D 271 27.35 4.07 -14.16
N GLY D 272 28.25 3.46 -13.37
CA GLY D 272 28.80 4.04 -12.13
C GLY D 272 27.81 3.99 -10.98
N TRP D 273 26.67 4.67 -11.13
CA TRP D 273 25.62 4.78 -10.07
C TRP D 273 25.03 3.41 -9.77
N GLU D 274 24.64 3.20 -8.51
CA GLU D 274 23.77 2.07 -8.08
C GLU D 274 22.35 2.62 -7.97
N GLU D 275 21.39 1.93 -8.59
CA GLU D 275 19.99 2.39 -8.75
C GLU D 275 19.06 1.51 -7.89
N PHE D 276 18.08 2.15 -7.26
CA PHE D 276 17.07 1.50 -6.37
C PHE D 276 15.69 2.07 -6.70
N SER D 277 14.66 1.24 -6.50
CA SER D 277 13.25 1.69 -6.48
C SER D 277 13.05 2.54 -5.23
N TYR D 278 12.47 3.74 -5.38
CA TYR D 278 12.19 4.71 -4.28
C TYR D 278 10.68 4.75 -4.02
N PRO D 279 10.24 4.74 -2.73
CA PRO D 279 11.13 4.69 -1.58
C PRO D 279 11.84 3.33 -1.43
N ALA D 280 13.09 3.35 -0.94
CA ALA D 280 13.91 2.16 -0.64
C ALA D 280 13.96 1.97 0.88
N THR D 281 13.94 0.72 1.34
CA THR D 281 14.17 0.38 2.77
C THR D 281 15.65 0.57 3.08
N LEU D 282 16.00 0.97 4.32
CA LEU D 282 17.39 1.11 4.78
C LEU D 282 18.20 -0.12 4.37
N GLN D 283 17.64 -1.32 4.59
CA GLN D 283 18.33 -2.61 4.39
C GLN D 283 18.64 -2.84 2.91
N THR D 284 17.78 -2.36 2.00
CA THR D 284 18.02 -2.42 0.52
C THR D 284 19.31 -1.66 0.21
N LEU D 285 19.48 -0.47 0.82
CA LEU D 285 20.66 0.41 0.59
C LEU D 285 21.91 -0.20 1.23
N LEU D 286 21.78 -0.80 2.42
CA LEU D 286 22.91 -1.48 3.13
C LEU D 286 23.33 -2.73 2.36
N ASP D 287 22.38 -3.44 1.74
CA ASP D 287 22.63 -4.69 0.97
C ASP D 287 23.57 -4.41 -0.20
N SER D 288 23.48 -3.23 -0.82
CA SER D 288 24.37 -2.83 -1.95
C SER D 288 25.85 -2.84 -1.51
N ASN D 289 26.13 -2.64 -0.22
CA ASN D 289 27.52 -2.55 0.34
C ASN D 289 27.89 -3.84 1.09
N SER D 290 27.01 -4.84 1.11
CA SER D 290 27.24 -6.13 1.80
C SER D 290 28.47 -6.82 1.20
N GLU D 291 29.17 -7.62 1.99
CA GLU D 291 30.35 -8.40 1.55
C GLU D 291 29.97 -9.26 0.34
N GLN D 292 28.77 -9.84 0.34
CA GLN D 292 28.23 -10.74 -0.72
C GLN D 292 28.27 -10.00 -2.07
N ILE D 293 27.74 -8.76 -2.11
CA ILE D 293 27.56 -7.95 -3.35
C ILE D 293 28.91 -7.39 -3.80
N VAL D 294 29.76 -6.97 -2.87
CA VAL D 294 30.98 -6.17 -3.17
C VAL D 294 32.17 -7.10 -3.43
N MET D 295 32.36 -8.15 -2.62
CA MET D 295 33.57 -9.01 -2.61
C MET D 295 33.44 -10.23 -3.54
N LYS D 296 32.23 -10.79 -3.69
CA LYS D 296 32.00 -12.11 -4.36
C LYS D 296 31.24 -11.91 -5.68
N PRO D 297 31.41 -12.82 -6.67
CA PRO D 297 30.64 -12.76 -7.91
C PRO D 297 29.16 -13.08 -7.66
N ASN D 298 28.29 -12.47 -8.45
CA ASN D 298 26.81 -12.67 -8.37
C ASN D 298 26.24 -12.74 -9.78
N LYS D 299 25.42 -13.75 -10.05
CA LYS D 299 24.68 -13.93 -11.33
C LYS D 299 23.74 -12.72 -11.50
N VAL D 300 23.80 -12.05 -12.66
CA VAL D 300 22.95 -10.89 -13.00
C VAL D 300 21.71 -11.42 -13.73
N THR D 301 20.57 -10.78 -13.50
CA THR D 301 19.27 -11.06 -14.17
C THR D 301 18.87 -9.83 -14.97
N ALA D 302 18.03 -9.98 -16.01
CA ALA D 302 17.40 -8.87 -16.76
C ALA D 302 16.54 -8.06 -15.80
N ILE D 303 16.37 -6.76 -16.08
CA ILE D 303 15.47 -5.85 -15.33
C ILE D 303 14.03 -6.21 -15.68
N SER D 304 13.29 -6.75 -14.70
CA SER D 304 11.88 -7.19 -14.83
C SER D 304 10.96 -6.00 -14.55
N LYS D 305 11.03 -5.47 -13.33
CA LYS D 305 10.27 -4.29 -12.84
C LYS D 305 11.12 -3.03 -13.00
N GLU D 306 10.91 -2.27 -14.08
CA GLU D 306 11.54 -0.95 -14.35
C GLU D 306 10.97 0.05 -13.35
N PRO D 307 11.76 0.57 -12.38
CA PRO D 307 11.19 1.40 -11.31
C PRO D 307 10.67 2.73 -11.90
N SER D 308 9.46 3.14 -11.55
CA SER D 308 8.84 4.41 -12.03
C SER D 308 9.55 5.58 -11.36
N VAL D 309 9.80 5.46 -10.05
CA VAL D 309 10.50 6.46 -9.20
C VAL D 309 11.80 5.83 -8.71
N LYS D 310 12.95 6.43 -9.02
CA LYS D 310 14.30 5.86 -8.77
C LYS D 310 15.03 6.73 -7.76
N MET D 311 16.04 6.15 -7.10
CA MET D 311 17.07 6.88 -6.32
C MET D 311 18.42 6.24 -6.66
N TYR D 312 19.51 6.97 -6.44
CA TYR D 312 20.88 6.55 -6.81
C TYR D 312 21.83 6.88 -5.66
N HIS D 313 22.85 6.05 -5.46
CA HIS D 313 23.91 6.29 -4.45
C HIS D 313 25.22 5.62 -4.89
N LYS D 314 26.32 6.05 -4.27
CA LYS D 314 27.67 5.47 -4.44
C LYS D 314 28.49 5.78 -3.18
N THR D 315 29.15 4.76 -2.64
CA THR D 315 30.15 4.88 -1.55
C THR D 315 31.54 4.85 -2.19
N GLY D 316 32.53 5.43 -1.50
CA GLY D 316 33.93 5.42 -1.93
C GLY D 316 34.85 5.56 -0.74
N SER D 317 36.02 4.95 -0.80
CA SER D 317 37.08 5.06 0.23
C SER D 317 38.45 5.02 -0.44
N THR D 318 39.42 5.73 0.13
CA THR D 318 40.86 5.46 -0.01
C THR D 318 41.32 4.95 1.35
N SER D 319 42.63 4.87 1.60
CA SER D 319 43.17 4.44 2.91
C SER D 319 42.85 5.51 3.96
N GLY D 320 42.67 6.76 3.54
CA GLY D 320 42.57 7.93 4.46
C GLY D 320 41.22 8.63 4.40
N PHE D 321 40.39 8.38 3.37
CA PHE D 321 39.14 9.16 3.14
C PHE D 321 37.92 8.24 3.02
N GLY D 322 36.75 8.79 3.32
CA GLY D 322 35.42 8.19 3.04
C GLY D 322 34.53 9.14 2.28
N THR D 323 33.74 8.62 1.34
CA THR D 323 32.79 9.40 0.50
C THR D 323 31.44 8.68 0.41
N TYR D 324 30.34 9.42 0.41
CA TYR D 324 28.98 8.91 0.08
C TYR D 324 28.20 10.02 -0.64
N VAL D 325 27.63 9.69 -1.80
CA VAL D 325 26.75 10.59 -2.59
C VAL D 325 25.44 9.84 -2.85
N VAL D 326 24.31 10.53 -2.72
CA VAL D 326 22.94 9.97 -2.91
C VAL D 326 22.05 11.10 -3.41
N PHE D 327 21.14 10.81 -4.33
CA PHE D 327 20.16 11.78 -4.88
C PHE D 327 18.88 11.05 -5.27
N ILE D 328 17.74 11.73 -5.08
CA ILE D 328 16.36 11.24 -5.36
C ILE D 328 15.70 12.24 -6.31
N PRO D 329 15.72 11.98 -7.64
CA PRO D 329 15.16 12.91 -8.63
C PRO D 329 13.76 13.47 -8.31
N LYS D 330 12.81 12.62 -7.92
CA LYS D 330 11.38 13.01 -7.77
C LYS D 330 11.20 13.93 -6.56
N GLU D 331 12.11 13.90 -5.58
CA GLU D 331 12.05 14.77 -4.37
C GLU D 331 12.96 15.99 -4.56
N ASN D 332 13.68 16.06 -5.69
CA ASN D 332 14.65 17.14 -6.04
C ASN D 332 15.62 17.35 -4.87
N ILE D 333 16.12 16.27 -4.26
CA ILE D 333 17.00 16.31 -3.06
C ILE D 333 18.21 15.37 -3.27
N GLY D 334 19.33 15.71 -2.63
CA GLY D 334 20.56 14.89 -2.63
C GLY D 334 21.47 15.24 -1.48
N LEU D 335 22.49 14.40 -1.24
CA LEU D 335 23.42 14.56 -0.09
C LEU D 335 24.82 14.09 -0.49
N VAL D 336 25.84 14.79 0.01
CA VAL D 336 27.28 14.42 -0.11
C VAL D 336 27.87 14.38 1.30
N MET D 337 28.62 13.32 1.61
CA MET D 337 29.45 13.22 2.84
C MET D 337 30.90 12.98 2.42
N LEU D 338 31.82 13.83 2.89
CA LEU D 338 33.29 13.70 2.70
C LEU D 338 33.95 13.69 4.08
N THR D 339 34.76 12.67 4.36
CA THR D 339 35.57 12.54 5.59
C THR D 339 37.03 12.28 5.22
N ASN D 340 37.96 12.81 6.01
CA ASN D 340 39.42 12.53 5.89
C ASN D 340 39.78 11.45 6.93
N LYS D 341 38.86 10.52 7.16
CA LYS D 341 39.12 9.19 7.77
C LYS D 341 38.01 8.24 7.29
N ARG D 342 38.37 7.01 6.93
CA ARG D 342 37.39 5.93 6.59
C ARG D 342 36.49 5.69 7.80
N ILE D 343 35.17 5.76 7.62
CA ILE D 343 34.16 5.23 8.58
C ILE D 343 33.36 4.16 7.86
N PRO D 344 32.75 3.19 8.58
CA PRO D 344 32.00 2.11 7.93
C PRO D 344 30.94 2.64 6.96
N ASN D 345 30.78 1.98 5.81
CA ASN D 345 29.82 2.35 4.73
C ASN D 345 28.40 2.41 5.31
N GLU D 346 28.05 1.42 6.12
CA GLU D 346 26.70 1.26 6.75
C GLU D 346 26.35 2.54 7.53
N GLU D 347 27.32 3.16 8.21
CA GLU D 347 27.10 4.36 9.05
C GLU D 347 26.83 5.59 8.17
N ARG D 348 27.43 5.64 6.97
CA ARG D 348 27.24 6.75 6.02
C ARG D 348 25.83 6.66 5.43
N ILE D 349 25.43 5.45 5.02
CA ILE D 349 24.12 5.17 4.36
C ILE D 349 23.00 5.47 5.36
N LYS D 350 23.13 4.97 6.59
CA LYS D 350 22.13 5.15 7.69
C LYS D 350 21.92 6.64 8.00
N ALA D 351 23.01 7.39 8.19
CA ALA D 351 22.97 8.83 8.54
C ALA D 351 22.26 9.60 7.42
N ALA D 352 22.59 9.30 6.16
CA ALA D 352 22.02 9.94 4.95
C ALA D 352 20.53 9.60 4.82
N TYR D 353 20.15 8.37 5.18
CA TYR D 353 18.76 7.83 5.12
C TYR D 353 17.86 8.63 6.07
N VAL D 354 18.31 8.82 7.31
CA VAL D 354 17.55 9.55 8.37
C VAL D 354 17.37 11.01 7.93
N VAL D 355 18.44 11.66 7.46
CA VAL D 355 18.42 13.11 7.09
C VAL D 355 17.47 13.33 5.91
N LEU D 356 17.57 12.53 4.85
CA LEU D 356 16.79 12.70 3.60
C LEU D 356 15.30 12.39 3.84
N ASN D 357 15.00 11.38 4.66
CA ASN D 357 13.60 10.97 4.99
C ASN D 357 12.94 12.02 5.89
N ALA D 358 13.71 12.70 6.75
CA ALA D 358 13.20 13.65 7.77
C ALA D 358 13.00 15.05 7.16
N ILE D 359 13.79 15.41 6.15
CA ILE D 359 13.60 16.66 5.37
C ILE D 359 12.26 16.52 4.65
N LYS D 360 12.21 15.62 3.65
CA LYS D 360 11.00 15.30 2.81
C LYS D 360 9.72 15.50 3.64
#